data_2FO3
# 
_entry.id   2FO3 
# 
_audit_conform.dict_name       mmcif_pdbx.dic 
_audit_conform.dict_version    5.377 
_audit_conform.dict_location   http://mmcif.pdb.org/dictionaries/ascii/mmcif_pdbx.dic 
# 
loop_
_database_2.database_id 
_database_2.database_code 
_database_2.pdbx_database_accession 
_database_2.pdbx_DOI 
PDB   2FO3         pdb_00002fo3 10.2210/pdb2fo3/pdb 
RCSB  RCSB036106   ?            ?                   
WWPDB D_1000036106 ?            ?                   
# 
_pdbx_database_related.db_name        TargetDB 
_pdbx_database_related.db_id          Pv083175 
_pdbx_database_related.details        . 
_pdbx_database_related.content_type   unspecified 
# 
_pdbx_database_status.status_code                     REL 
_pdbx_database_status.entry_id                        2FO3 
_pdbx_database_status.recvd_initial_deposition_date   2006-01-12 
_pdbx_database_status.deposit_site                    RCSB 
_pdbx_database_status.process_site                    RCSB 
_pdbx_database_status.status_code_sf                  REL 
_pdbx_database_status.status_code_mr                  ? 
_pdbx_database_status.SG_entry                        Y 
_pdbx_database_status.pdb_format_compatible           Y 
_pdbx_database_status.status_code_cs                  ? 
_pdbx_database_status.methods_development_category    ? 
_pdbx_database_status.status_code_nmr_data            ? 
# 
loop_
_audit_author.name 
_audit_author.pdbx_ordinal 
'Dong, A.'                             1  
'Zhao, Y.'                             2  
'Lew, J.'                              3  
'Kozieradski, I.'                      4  
'Alam, Z.'                             5  
'Melone, M.'                           6  
'Wasney, G.'                           7  
'Vedadi, M.'                           8  
'Edwards, A.M.'                        9  
'Arrowsmith, C.H.'                     10 
'Weigelt, J.'                          11 
'Sundstrom, M.'                        12 
'Hui, R.'                              13 
'Bochkarev, A.'                        14 
'Qiu, W.'                              15 
'Structural Genomics Consortium (SGC)' 16 
# 
_citation.id                        primary 
_citation.title                     
'Genome-scale protein expression and structural biology of Plasmodium falciparum and related Apicomplexan organisms.' 
_citation.journal_abbrev            Mol.Biochem.Parasitol. 
_citation.journal_volume            151 
_citation.page_first                100 
_citation.page_last                 110 
_citation.year                      2007 
_citation.journal_id_ASTM           MBIPDP 
_citation.country                   NE 
_citation.journal_id_ISSN           0166-6851 
_citation.journal_id_CSD            2085 
_citation.book_publisher            ? 
_citation.pdbx_database_id_PubMed   17125854 
_citation.pdbx_database_id_DOI      10.1016/j.molbiopara.2006.10.011 
# 
loop_
_citation_author.citation_id 
_citation_author.name 
_citation_author.ordinal 
_citation_author.identifier_ORCID 
primary 'Vedadi, M.'       1  ? 
primary 'Lew, J.'          2  ? 
primary 'Artz, J.'         3  ? 
primary 'Amani, M.'        4  ? 
primary 'Zhao, Y.'         5  ? 
primary 'Dong, A.'         6  ? 
primary 'Wasney, G.A.'     7  ? 
primary 'Gao, M.'          8  ? 
primary 'Hills, T.'        9  ? 
primary 'Brokx, S.'        10 ? 
primary 'Qiu, W.'          11 ? 
primary 'Sharma, S.'       12 ? 
primary 'Diassiti, A.'     13 ? 
primary 'Alam, Z.'         14 ? 
primary 'Melone, M.'       15 ? 
primary 'Mulichak, A.'     16 ? 
primary 'Wernimont, A.'    17 ? 
primary 'Bray, J.'         18 ? 
primary 'Loppnau, P.'      19 ? 
primary 'Plotnikova, O.'   20 ? 
primary 'Newberry, K.'     21 ? 
primary 'Sundararajan, E.' 22 ? 
primary 'Houston, S.'      23 ? 
primary 'Walker, J.'       24 ? 
primary 'Tempel, W.'       25 ? 
primary 'Bochkarev, A.'    26 ? 
primary 'Kozieradzki, I.'  27 ? 
primary 'Edwards, A.'      28 ? 
primary 'Arrowsmith, C.'   29 ? 
primary 'Roos, D.'         30 ? 
primary 'Kain, K.'         31 ? 
primary 'Hui, R.'          32 ? 
# 
_cell.entry_id           2FO3 
_cell.length_a           58.004 
_cell.length_b           58.004 
_cell.length_c           117.114 
_cell.angle_alpha        90.00 
_cell.angle_beta         90.00 
_cell.angle_gamma        120.00 
_cell.Z_PDB              12 
_cell.pdbx_unique_axis   ? 
_cell.length_a_esd       ? 
_cell.length_b_esd       ? 
_cell.length_c_esd       ? 
_cell.angle_alpha_esd    ? 
_cell.angle_beta_esd     ? 
_cell.angle_gamma_esd    ? 
# 
_symmetry.entry_id                         2FO3 
_symmetry.space_group_name_H-M             'P 63 2 2' 
_symmetry.pdbx_full_space_group_name_H-M   ? 
_symmetry.cell_setting                     ? 
_symmetry.Int_Tables_number                182 
_symmetry.space_group_name_Hall            ? 
# 
loop_
_entity.id 
_entity.type 
_entity.src_method 
_entity.pdbx_description 
_entity.formula_weight 
_entity.pdbx_number_of_molecules 
_entity.pdbx_ec 
_entity.pdbx_mutation 
_entity.pdbx_fragment 
_entity.details 
1 polymer man 'Ubiquitin-conjugating enzyme' 14333.617 1   6.3.2.19 ? ? ? 
2 water   nat water                          18.015    101 ?        ? ? ? 
# 
_entity_poly.entity_id                      1 
_entity_poly.type                           'polypeptide(L)' 
_entity_poly.nstd_linkage                   no 
_entity_poly.nstd_monomer                   no 
_entity_poly.pdbx_seq_one_letter_code       
;KYNMGNANYRIQKELHNFLNNPPINCTLDVHPNNIRIWIVKYVGLENTIYANEVYKLKIIFPDDYPLKPPIVYFLQKPPK
HTHVYSNGDICLSLLGDDYNPSLSISGLVLSIISMLSSAKEKKLP
;
_entity_poly.pdbx_seq_one_letter_code_can   
;KYNMGNANYRIQKELHNFLNNPPINCTLDVHPNNIRIWIVKYVGLENTIYANEVYKLKIIFPDDYPLKPPIVYFLQKPPK
HTHVYSNGDICLSLLGDDYNPSLSISGLVLSIISMLSSAKEKKLP
;
_entity_poly.pdbx_strand_id                 A 
_entity_poly.pdbx_target_identifier         ? 
# 
loop_
_entity_poly_seq.entity_id 
_entity_poly_seq.num 
_entity_poly_seq.mon_id 
_entity_poly_seq.hetero 
1 1   LYS n 
1 2   TYR n 
1 3   ASN n 
1 4   MET n 
1 5   GLY n 
1 6   ASN n 
1 7   ALA n 
1 8   ASN n 
1 9   TYR n 
1 10  ARG n 
1 11  ILE n 
1 12  GLN n 
1 13  LYS n 
1 14  GLU n 
1 15  LEU n 
1 16  HIS n 
1 17  ASN n 
1 18  PHE n 
1 19  LEU n 
1 20  ASN n 
1 21  ASN n 
1 22  PRO n 
1 23  PRO n 
1 24  ILE n 
1 25  ASN n 
1 26  CYS n 
1 27  THR n 
1 28  LEU n 
1 29  ASP n 
1 30  VAL n 
1 31  HIS n 
1 32  PRO n 
1 33  ASN n 
1 34  ASN n 
1 35  ILE n 
1 36  ARG n 
1 37  ILE n 
1 38  TRP n 
1 39  ILE n 
1 40  VAL n 
1 41  LYS n 
1 42  TYR n 
1 43  VAL n 
1 44  GLY n 
1 45  LEU n 
1 46  GLU n 
1 47  ASN n 
1 48  THR n 
1 49  ILE n 
1 50  TYR n 
1 51  ALA n 
1 52  ASN n 
1 53  GLU n 
1 54  VAL n 
1 55  TYR n 
1 56  LYS n 
1 57  LEU n 
1 58  LYS n 
1 59  ILE n 
1 60  ILE n 
1 61  PHE n 
1 62  PRO n 
1 63  ASP n 
1 64  ASP n 
1 65  TYR n 
1 66  PRO n 
1 67  LEU n 
1 68  LYS n 
1 69  PRO n 
1 70  PRO n 
1 71  ILE n 
1 72  VAL n 
1 73  TYR n 
1 74  PHE n 
1 75  LEU n 
1 76  GLN n 
1 77  LYS n 
1 78  PRO n 
1 79  PRO n 
1 80  LYS n 
1 81  HIS n 
1 82  THR n 
1 83  HIS n 
1 84  VAL n 
1 85  TYR n 
1 86  SER n 
1 87  ASN n 
1 88  GLY n 
1 89  ASP n 
1 90  ILE n 
1 91  CYS n 
1 92  LEU n 
1 93  SER n 
1 94  LEU n 
1 95  LEU n 
1 96  GLY n 
1 97  ASP n 
1 98  ASP n 
1 99  TYR n 
1 100 ASN n 
1 101 PRO n 
1 102 SER n 
1 103 LEU n 
1 104 SER n 
1 105 ILE n 
1 106 SER n 
1 107 GLY n 
1 108 LEU n 
1 109 VAL n 
1 110 LEU n 
1 111 SER n 
1 112 ILE n 
1 113 ILE n 
1 114 SER n 
1 115 MET n 
1 116 LEU n 
1 117 SER n 
1 118 SER n 
1 119 ALA n 
1 120 LYS n 
1 121 GLU n 
1 122 LYS n 
1 123 LYS n 
1 124 LEU n 
1 125 PRO n 
# 
_entity_src_gen.entity_id                          1 
_entity_src_gen.pdbx_src_id                        1 
_entity_src_gen.pdbx_alt_source_flag               sample 
_entity_src_gen.pdbx_seq_type                      ? 
_entity_src_gen.pdbx_beg_seq_num                   ? 
_entity_src_gen.pdbx_end_seq_num                   ? 
_entity_src_gen.gene_src_common_name               ? 
_entity_src_gen.gene_src_genus                     ? 
_entity_src_gen.pdbx_gene_src_gene                 'OST6, PVX_083175' 
_entity_src_gen.gene_src_species                   ? 
_entity_src_gen.gene_src_strain                    ? 
_entity_src_gen.gene_src_tissue                    ? 
_entity_src_gen.gene_src_tissue_fraction           ? 
_entity_src_gen.gene_src_details                   ? 
_entity_src_gen.pdbx_gene_src_fragment             ? 
_entity_src_gen.pdbx_gene_src_scientific_name      'Plasmodium vivax' 
_entity_src_gen.pdbx_gene_src_ncbi_taxonomy_id     5855 
_entity_src_gen.pdbx_gene_src_variant              ? 
_entity_src_gen.pdbx_gene_src_cell_line            ? 
_entity_src_gen.pdbx_gene_src_atcc                 ? 
_entity_src_gen.pdbx_gene_src_organ                ? 
_entity_src_gen.pdbx_gene_src_organelle            ? 
_entity_src_gen.pdbx_gene_src_cell                 ? 
_entity_src_gen.pdbx_gene_src_cellular_location    ? 
_entity_src_gen.host_org_common_name               ? 
_entity_src_gen.pdbx_host_org_scientific_name      'Escherichia coli' 
_entity_src_gen.pdbx_host_org_ncbi_taxonomy_id     562 
_entity_src_gen.host_org_genus                     ? 
_entity_src_gen.pdbx_host_org_gene                 ? 
_entity_src_gen.pdbx_host_org_organ                ? 
_entity_src_gen.host_org_species                   ? 
_entity_src_gen.pdbx_host_org_tissue               ? 
_entity_src_gen.pdbx_host_org_tissue_fraction      ? 
_entity_src_gen.pdbx_host_org_strain               'BL21 Codon plus Ril' 
_entity_src_gen.pdbx_host_org_variant              ? 
_entity_src_gen.pdbx_host_org_cell_line            ? 
_entity_src_gen.pdbx_host_org_atcc                 ? 
_entity_src_gen.pdbx_host_org_culture_collection   ? 
_entity_src_gen.pdbx_host_org_cell                 ? 
_entity_src_gen.pdbx_host_org_organelle            ? 
_entity_src_gen.pdbx_host_org_cellular_location    ? 
_entity_src_gen.pdbx_host_org_vector_type          PLASMID 
_entity_src_gen.pdbx_host_org_vector               ? 
_entity_src_gen.host_org_details                   ? 
_entity_src_gen.expression_system_id               ? 
_entity_src_gen.plasmid_name                       'P28-LIC-THROMBIN DERIVED FROM PET28' 
_entity_src_gen.plasmid_details                    ? 
_entity_src_gen.pdbx_description                   ? 
# 
_struct_ref.id                         1 
_struct_ref.db_name                    UNP 
_struct_ref.db_code                    A5K893_PLAVI 
_struct_ref.pdbx_db_accession          A5K893 
_struct_ref.entity_id                  1 
_struct_ref.pdbx_seq_one_letter_code   
;KYNMGNANYRIQKELHNFLNNPPINCTLDVHPNNIRIWIVKYVGLENTIYANEVYKLKIIFPDDYPLKPPIVYFLQKPPK
HTHVYSNGDICLSLLGDDYNPSLSISGLVLSIISMLSSAKEKKLP
;
_struct_ref.pdbx_align_begin           66 
_struct_ref.pdbx_db_isoform            ? 
# 
_struct_ref_seq.align_id                      1 
_struct_ref_seq.ref_id                        1 
_struct_ref_seq.pdbx_PDB_id_code              2FO3 
_struct_ref_seq.pdbx_strand_id                A 
_struct_ref_seq.seq_align_beg                 1 
_struct_ref_seq.pdbx_seq_align_beg_ins_code   ? 
_struct_ref_seq.seq_align_end                 125 
_struct_ref_seq.pdbx_seq_align_end_ins_code   ? 
_struct_ref_seq.pdbx_db_accession             A5K893 
_struct_ref_seq.db_align_beg                  66 
_struct_ref_seq.pdbx_db_align_beg_ins_code    ? 
_struct_ref_seq.db_align_end                  190 
_struct_ref_seq.pdbx_db_align_end_ins_code    ? 
_struct_ref_seq.pdbx_auth_seq_align_beg       1 
_struct_ref_seq.pdbx_auth_seq_align_end       125 
# 
loop_
_chem_comp.id 
_chem_comp.type 
_chem_comp.mon_nstd_flag 
_chem_comp.name 
_chem_comp.pdbx_synonyms 
_chem_comp.formula 
_chem_comp.formula_weight 
ALA 'L-peptide linking' y ALANINE         ? 'C3 H7 N O2'     89.093  
ARG 'L-peptide linking' y ARGININE        ? 'C6 H15 N4 O2 1' 175.209 
ASN 'L-peptide linking' y ASPARAGINE      ? 'C4 H8 N2 O3'    132.118 
ASP 'L-peptide linking' y 'ASPARTIC ACID' ? 'C4 H7 N O4'     133.103 
CYS 'L-peptide linking' y CYSTEINE        ? 'C3 H7 N O2 S'   121.158 
GLN 'L-peptide linking' y GLUTAMINE       ? 'C5 H10 N2 O3'   146.144 
GLU 'L-peptide linking' y 'GLUTAMIC ACID' ? 'C5 H9 N O4'     147.129 
GLY 'peptide linking'   y GLYCINE         ? 'C2 H5 N O2'     75.067  
HIS 'L-peptide linking' y HISTIDINE       ? 'C6 H10 N3 O2 1' 156.162 
HOH non-polymer         . WATER           ? 'H2 O'           18.015  
ILE 'L-peptide linking' y ISOLEUCINE      ? 'C6 H13 N O2'    131.173 
LEU 'L-peptide linking' y LEUCINE         ? 'C6 H13 N O2'    131.173 
LYS 'L-peptide linking' y LYSINE          ? 'C6 H15 N2 O2 1' 147.195 
MET 'L-peptide linking' y METHIONINE      ? 'C5 H11 N O2 S'  149.211 
PHE 'L-peptide linking' y PHENYLALANINE   ? 'C9 H11 N O2'    165.189 
PRO 'L-peptide linking' y PROLINE         ? 'C5 H9 N O2'     115.130 
SER 'L-peptide linking' y SERINE          ? 'C3 H7 N O3'     105.093 
THR 'L-peptide linking' y THREONINE       ? 'C4 H9 N O3'     119.119 
TRP 'L-peptide linking' y TRYPTOPHAN      ? 'C11 H12 N2 O2'  204.225 
TYR 'L-peptide linking' y TYROSINE        ? 'C9 H11 N O3'    181.189 
VAL 'L-peptide linking' y VALINE          ? 'C5 H11 N O2'    117.146 
# 
_exptl.entry_id          2FO3 
_exptl.method            'X-RAY DIFFRACTION' 
_exptl.crystals_number   1 
# 
_exptl_crystal.id                    1 
_exptl_crystal.density_meas          ? 
_exptl_crystal.density_Matthews      1.98 
_exptl_crystal.density_percent_sol   37.95 
_exptl_crystal.description           ? 
_exptl_crystal.F_000                 ? 
_exptl_crystal.preparation           ? 
# 
_exptl_crystal_grow.crystal_id      1 
_exptl_crystal_grow.method          'VAPOR DIFFUSION, HANGING DROP' 
_exptl_crystal_grow.temp            297 
_exptl_crystal_grow.temp_details    ? 
_exptl_crystal_grow.pH              ? 
_exptl_crystal_grow.pdbx_details    '22% PEG3350, 0.19M Ca(AC)2, VAPOR DIFFUSION, HANGING DROP, temperature 297K' 
_exptl_crystal_grow.pdbx_pH_range   . 
# 
_diffrn.id                     1 
_diffrn.ambient_temp           100 
_diffrn.ambient_temp_details   ? 
_diffrn.crystal_id             1 
# 
_diffrn_detector.diffrn_id              1 
_diffrn_detector.detector               'IMAGE PLATE' 
_diffrn_detector.type                   'RIGAKU RAXIS IV' 
_diffrn_detector.pdbx_collection_date   2006-01-10 
_diffrn_detector.details                'VeriMax HR' 
# 
_diffrn_radiation.diffrn_id                        1 
_diffrn_radiation.wavelength_id                    1 
_diffrn_radiation.pdbx_monochromatic_or_laue_m_l   M 
_diffrn_radiation.monochromator                    ? 
_diffrn_radiation.pdbx_diffrn_protocol             'SINGLE WAVELENGTH' 
_diffrn_radiation.pdbx_scattering_type             x-ray 
# 
_diffrn_radiation_wavelength.id           1 
_diffrn_radiation_wavelength.wavelength   1.54 
_diffrn_radiation_wavelength.wt           1.0 
# 
_diffrn_source.diffrn_id                   1 
_diffrn_source.source                      'ROTATING ANODE' 
_diffrn_source.type                        'RIGAKU FR-E' 
_diffrn_source.pdbx_synchrotron_site       ? 
_diffrn_source.pdbx_synchrotron_beamline   ? 
_diffrn_source.pdbx_wavelength             ? 
_diffrn_source.pdbx_wavelength_list        1.54 
# 
_reflns.entry_id                     2FO3 
_reflns.observed_criterion_sigma_I   0 
_reflns.observed_criterion_sigma_F   0 
_reflns.d_resolution_low             30 
_reflns.d_resolution_high            1.86 
_reflns.number_obs                   10446 
_reflns.number_all                   10446 
_reflns.percent_possible_obs         99.9 
_reflns.pdbx_Rmerge_I_obs            0.064 
_reflns.pdbx_Rsym_value              0.064 
_reflns.pdbx_netI_over_sigmaI        10.1 
_reflns.B_iso_Wilson_estimate        31.8 
_reflns.pdbx_redundancy              14.4 
_reflns.R_free_details               ? 
_reflns.limit_h_max                  ? 
_reflns.limit_h_min                  ? 
_reflns.limit_k_max                  ? 
_reflns.limit_k_min                  ? 
_reflns.limit_l_max                  ? 
_reflns.limit_l_min                  ? 
_reflns.observed_criterion_F_max     ? 
_reflns.observed_criterion_F_min     ? 
_reflns.pdbx_chi_squared             ? 
_reflns.pdbx_scaling_rejects         ? 
_reflns.pdbx_diffrn_id               1 
_reflns.pdbx_ordinal                 1 
# 
_reflns_shell.d_res_high             1.86 
_reflns_shell.d_res_low              1.89 
_reflns_shell.percent_possible_all   99.8 
_reflns_shell.Rmerge_I_obs           0.978 
_reflns_shell.pdbx_Rsym_value        0.978 
_reflns_shell.meanI_over_sigI_obs    2.38 
_reflns_shell.pdbx_redundancy        13.8 
_reflns_shell.percent_possible_obs   ? 
_reflns_shell.number_unique_all      495 
_reflns_shell.number_measured_all    ? 
_reflns_shell.number_measured_obs    ? 
_reflns_shell.number_unique_obs      ? 
_reflns_shell.pdbx_chi_squared       ? 
_reflns_shell.pdbx_diffrn_id         ? 
_reflns_shell.pdbx_ordinal           1 
# 
_refine.entry_id                                 2FO3 
_refine.ls_number_reflns_obs                     9639 
_refine.ls_number_reflns_all                     10446 
_refine.pdbx_ls_sigma_I                          0 
_refine.pdbx_ls_sigma_F                          0 
_refine.pdbx_data_cutoff_high_absF               ? 
_refine.pdbx_data_cutoff_low_absF                ? 
_refine.pdbx_data_cutoff_high_rms_absF           ? 
_refine.ls_d_res_low                             30.00 
_refine.ls_d_res_high                            1.86 
_refine.ls_percent_reflns_obs                    99.91 
_refine.ls_R_factor_obs                          0.20863 
_refine.ls_R_factor_all                          0.20863 
_refine.ls_R_factor_R_work                       0.20438 
_refine.ls_R_factor_R_free                       0.26251 
_refine.ls_R_factor_R_free_error                 ? 
_refine.ls_R_factor_R_free_error_details         ? 
_refine.ls_percent_reflns_R_free                 7.5 
_refine.ls_number_reflns_R_free                  780 
_refine.ls_number_parameters                     ? 
_refine.ls_number_restraints                     ? 
_refine.occupancy_min                            ? 
_refine.occupancy_max                            ? 
_refine.correlation_coeff_Fo_to_Fc               0.955 
_refine.correlation_coeff_Fo_to_Fc_free          0.928 
_refine.B_iso_mean                               31.603 
_refine.aniso_B[1][1]                            0.63 
_refine.aniso_B[2][2]                            0.63 
_refine.aniso_B[3][3]                            -0.95 
_refine.aniso_B[1][2]                            0.32 
_refine.aniso_B[1][3]                            0.00 
_refine.aniso_B[2][3]                            0.00 
_refine.solvent_model_details                    MASK 
_refine.solvent_model_param_ksol                 ? 
_refine.solvent_model_param_bsol                 ? 
_refine.pdbx_solvent_vdw_probe_radii             1.20 
_refine.pdbx_solvent_ion_probe_radii             0.80 
_refine.pdbx_solvent_shrinkage_radii             0.80 
_refine.pdbx_ls_cross_valid_method               THROUGHOUT 
_refine.details                                  'HYDROGENS HAVE BEEN ADDED IN THE RIDING POSITIONS' 
_refine.pdbx_starting_model                      1Z2U 
_refine.pdbx_method_to_determine_struct          'MOLECULAR REPLACEMENT' 
_refine.pdbx_isotropic_thermal_model             ? 
_refine.pdbx_stereochemistry_target_values       'MAXIMUM LIKELIHOOD' 
_refine.pdbx_stereochem_target_val_spec_case     ? 
_refine.pdbx_R_Free_selection_details            RANDOM 
_refine.pdbx_overall_ESU_R                       0.162 
_refine.pdbx_overall_ESU_R_Free                  0.160 
_refine.overall_SU_ML                            0.105 
_refine.overall_SU_B                             3.419 
_refine.ls_redundancy_reflns_obs                 ? 
_refine.B_iso_min                                ? 
_refine.B_iso_max                                ? 
_refine.overall_SU_R_Cruickshank_DPI             ? 
_refine.overall_SU_R_free                        ? 
_refine.ls_wR_factor_R_free                      ? 
_refine.ls_wR_factor_R_work                      ? 
_refine.overall_FOM_free_R_set                   ? 
_refine.overall_FOM_work_R_set                   ? 
_refine.pdbx_refine_id                           'X-RAY DIFFRACTION' 
_refine.pdbx_overall_phase_error                 ? 
_refine.pdbx_diffrn_id                           1 
_refine.pdbx_TLS_residual_ADP_flag               ? 
_refine.pdbx_overall_SU_R_free_Cruickshank_DPI   ? 
_refine.pdbx_overall_SU_R_Blow_DPI               ? 
_refine.pdbx_overall_SU_R_free_Blow_DPI          ? 
# 
_refine_hist.pdbx_refine_id                   'X-RAY DIFFRACTION' 
_refine_hist.cycle_id                         LAST 
_refine_hist.pdbx_number_atoms_protein        882 
_refine_hist.pdbx_number_atoms_nucleic_acid   0 
_refine_hist.pdbx_number_atoms_ligand         0 
_refine_hist.number_atoms_solvent             101 
_refine_hist.number_atoms_total               983 
_refine_hist.d_res_high                       1.86 
_refine_hist.d_res_low                        30.00 
# 
loop_
_refine_ls_restr.type 
_refine_ls_restr.dev_ideal 
_refine_ls_restr.dev_ideal_target 
_refine_ls_restr.weight 
_refine_ls_restr.number 
_refine_ls_restr.pdbx_refine_id 
_refine_ls_restr.pdbx_restraint_function 
r_bond_refined_d             0.017  0.022  ? 908  'X-RAY DIFFRACTION' ? 
r_bond_other_d               ?      ?      ? ?    'X-RAY DIFFRACTION' ? 
r_angle_refined_deg          1.454  1.990  ? 1245 'X-RAY DIFFRACTION' ? 
r_angle_other_deg            ?      ?      ? ?    'X-RAY DIFFRACTION' ? 
r_dihedral_angle_1_deg       4.633  5.000  ? 112  'X-RAY DIFFRACTION' ? 
r_dihedral_angle_2_deg       35.592 24.857 ? 35   'X-RAY DIFFRACTION' ? 
r_dihedral_angle_3_deg       12.407 15.000 ? 153  'X-RAY DIFFRACTION' ? 
r_dihedral_angle_4_deg       8.091  15.000 ? 2    'X-RAY DIFFRACTION' ? 
r_chiral_restr               0.077  0.200  ? 146  'X-RAY DIFFRACTION' ? 
r_gen_planes_refined         0.005  0.020  ? 677  'X-RAY DIFFRACTION' ? 
r_gen_planes_other           ?      ?      ? ?    'X-RAY DIFFRACTION' ? 
r_nbd_refined                0.196  0.200  ? 408  'X-RAY DIFFRACTION' ? 
r_nbd_other                  ?      ?      ? ?    'X-RAY DIFFRACTION' ? 
r_nbtor_refined              0.307  0.200  ? 629  'X-RAY DIFFRACTION' ? 
r_nbtor_other                ?      ?      ? ?    'X-RAY DIFFRACTION' ? 
r_xyhbond_nbd_refined        0.123  0.200  ? 74   'X-RAY DIFFRACTION' ? 
r_xyhbond_nbd_other          ?      ?      ? ?    'X-RAY DIFFRACTION' ? 
r_metal_ion_refined          ?      ?      ? ?    'X-RAY DIFFRACTION' ? 
r_metal_ion_other            ?      ?      ? ?    'X-RAY DIFFRACTION' ? 
r_symmetry_vdw_refined       0.355  0.200  ? 32   'X-RAY DIFFRACTION' ? 
r_symmetry_vdw_other         ?      ?      ? ?    'X-RAY DIFFRACTION' ? 
r_symmetry_hbond_refined     0.154  0.200  ? 14   'X-RAY DIFFRACTION' ? 
r_symmetry_hbond_other       ?      ?      ? ?    'X-RAY DIFFRACTION' ? 
r_symmetry_metal_ion_refined ?      ?      ? ?    'X-RAY DIFFRACTION' ? 
r_symmetry_metal_ion_other   ?      ?      ? ?    'X-RAY DIFFRACTION' ? 
r_mcbond_it                  2.551  2.000  ? 582  'X-RAY DIFFRACTION' ? 
r_mcbond_other               ?      ?      ? ?    'X-RAY DIFFRACTION' ? 
r_mcangle_it                 3.546  3.000  ? 928  'X-RAY DIFFRACTION' ? 
r_scbond_it                  2.813  2.000  ? 376  'X-RAY DIFFRACTION' ? 
r_scangle_it                 3.831  3.000  ? 317  'X-RAY DIFFRACTION' ? 
r_rigid_bond_restr           ?      ?      ? ?    'X-RAY DIFFRACTION' ? 
r_sphericity_free            ?      ?      ? ?    'X-RAY DIFFRACTION' ? 
r_sphericity_bonded          ?      ?      ? ?    'X-RAY DIFFRACTION' ? 
# 
_refine_ls_shell.pdbx_total_number_of_bins_used   20 
_refine_ls_shell.d_res_high                       1.86 
_refine_ls_shell.d_res_low                        1.90 
_refine_ls_shell.number_reflns_R_work             661 
_refine_ls_shell.R_factor_R_work                  0.253 
_refine_ls_shell.percent_reflns_obs               99.73 
_refine_ls_shell.R_factor_R_free                  0.369 
_refine_ls_shell.R_factor_R_free_error            ? 
_refine_ls_shell.percent_reflns_R_free            ? 
_refine_ls_shell.number_reflns_R_free             65 
_refine_ls_shell.number_reflns_all                ? 
_refine_ls_shell.R_factor_all                     ? 
_refine_ls_shell.number_reflns_obs                ? 
_refine_ls_shell.redundancy_reflns_obs            ? 
_refine_ls_shell.pdbx_refine_id                   'X-RAY DIFFRACTION' 
# 
_struct.entry_id                  2FO3 
_struct.title                     'Plasmodium vivax ubiquitin conjugating enzyme E2' 
_struct.pdbx_model_details        ? 
_struct.pdbx_CASP_flag            ? 
_struct.pdbx_model_type_details   ? 
# 
_struct_keywords.entry_id        2FO3 
_struct_keywords.pdbx_keywords   'STRUCTURAL GENOMICS, UNKNOWN FUNCTION' 
_struct_keywords.text            'SGC, UBC, Structural Genomics, Structural Genomics Consortium, UNKNOWN FUNCTION' 
# 
loop_
_struct_asym.id 
_struct_asym.pdbx_blank_PDB_chainid_flag 
_struct_asym.pdbx_modified 
_struct_asym.entity_id 
_struct_asym.details 
A N N 1 ? 
B N N 2 ? 
# 
_struct_biol.id                    1 
_struct_biol.details               ? 
_struct_biol.pdbx_parent_biol_id   ? 
# 
loop_
_struct_conf.conf_type_id 
_struct_conf.id 
_struct_conf.pdbx_PDB_helix_id 
_struct_conf.beg_label_comp_id 
_struct_conf.beg_label_asym_id 
_struct_conf.beg_label_seq_id 
_struct_conf.pdbx_beg_PDB_ins_code 
_struct_conf.end_label_comp_id 
_struct_conf.end_label_asym_id 
_struct_conf.end_label_seq_id 
_struct_conf.pdbx_end_PDB_ins_code 
_struct_conf.beg_auth_comp_id 
_struct_conf.beg_auth_asym_id 
_struct_conf.beg_auth_seq_id 
_struct_conf.end_auth_comp_id 
_struct_conf.end_auth_asym_id 
_struct_conf.end_auth_seq_id 
_struct_conf.pdbx_PDB_helix_class 
_struct_conf.details 
_struct_conf.pdbx_PDB_helix_length 
HELX_P HELX_P1 1 TYR A 9   ? ASN A 21  ? TYR A 9   ASN A 21  1 ? 13 
HELX_P HELX_P2 2 LEU A 92  ? GLY A 96  ? LEU A 92  GLY A 96  5 ? 5  
HELX_P HELX_P3 3 SER A 104 ? SER A 117 ? SER A 104 SER A 117 1 ? 14 
# 
_struct_conf_type.id          HELX_P 
_struct_conf_type.criteria    ? 
_struct_conf_type.reference   ? 
# 
loop_
_struct_mon_prot_cis.pdbx_id 
_struct_mon_prot_cis.label_comp_id 
_struct_mon_prot_cis.label_seq_id 
_struct_mon_prot_cis.label_asym_id 
_struct_mon_prot_cis.label_alt_id 
_struct_mon_prot_cis.pdbx_PDB_ins_code 
_struct_mon_prot_cis.auth_comp_id 
_struct_mon_prot_cis.auth_seq_id 
_struct_mon_prot_cis.auth_asym_id 
_struct_mon_prot_cis.pdbx_label_comp_id_2 
_struct_mon_prot_cis.pdbx_label_seq_id_2 
_struct_mon_prot_cis.pdbx_label_asym_id_2 
_struct_mon_prot_cis.pdbx_PDB_ins_code_2 
_struct_mon_prot_cis.pdbx_auth_comp_id_2 
_struct_mon_prot_cis.pdbx_auth_seq_id_2 
_struct_mon_prot_cis.pdbx_auth_asym_id_2 
_struct_mon_prot_cis.pdbx_PDB_model_num 
_struct_mon_prot_cis.pdbx_omega_angle 
1 TYR 65 A . ? TYR 65 A PRO 66 A ? PRO 66 A 1 5.87  
2 GLN 76 A . ? GLN 76 A LYS 77 A ? LYS 77 A 1 -4.67 
# 
_struct_sheet.id               A 
_struct_sheet.type             ? 
_struct_sheet.number_strands   4 
_struct_sheet.details          ? 
# 
loop_
_struct_sheet_order.sheet_id 
_struct_sheet_order.range_id_1 
_struct_sheet_order.range_id_2 
_struct_sheet_order.offset 
_struct_sheet_order.sense 
A 1 2 ? anti-parallel 
A 2 3 ? anti-parallel 
A 3 4 ? anti-parallel 
# 
loop_
_struct_sheet_range.sheet_id 
_struct_sheet_range.id 
_struct_sheet_range.beg_label_comp_id 
_struct_sheet_range.beg_label_asym_id 
_struct_sheet_range.beg_label_seq_id 
_struct_sheet_range.pdbx_beg_PDB_ins_code 
_struct_sheet_range.end_label_comp_id 
_struct_sheet_range.end_label_asym_id 
_struct_sheet_range.end_label_seq_id 
_struct_sheet_range.pdbx_end_PDB_ins_code 
_struct_sheet_range.beg_auth_comp_id 
_struct_sheet_range.beg_auth_asym_id 
_struct_sheet_range.beg_auth_seq_id 
_struct_sheet_range.end_auth_comp_id 
_struct_sheet_range.end_auth_asym_id 
_struct_sheet_range.end_auth_seq_id 
A 1 CYS A 26 ? VAL A 30 ? CYS A 26 VAL A 30 
A 2 ILE A 37 ? VAL A 43 ? ILE A 37 VAL A 43 
A 3 VAL A 54 ? ILE A 60 ? VAL A 54 ILE A 60 
A 4 ILE A 71 ? PHE A 74 ? ILE A 71 PHE A 74 
# 
loop_
_pdbx_struct_sheet_hbond.sheet_id 
_pdbx_struct_sheet_hbond.range_id_1 
_pdbx_struct_sheet_hbond.range_id_2 
_pdbx_struct_sheet_hbond.range_1_label_atom_id 
_pdbx_struct_sheet_hbond.range_1_label_comp_id 
_pdbx_struct_sheet_hbond.range_1_label_asym_id 
_pdbx_struct_sheet_hbond.range_1_label_seq_id 
_pdbx_struct_sheet_hbond.range_1_PDB_ins_code 
_pdbx_struct_sheet_hbond.range_1_auth_atom_id 
_pdbx_struct_sheet_hbond.range_1_auth_comp_id 
_pdbx_struct_sheet_hbond.range_1_auth_asym_id 
_pdbx_struct_sheet_hbond.range_1_auth_seq_id 
_pdbx_struct_sheet_hbond.range_2_label_atom_id 
_pdbx_struct_sheet_hbond.range_2_label_comp_id 
_pdbx_struct_sheet_hbond.range_2_label_asym_id 
_pdbx_struct_sheet_hbond.range_2_label_seq_id 
_pdbx_struct_sheet_hbond.range_2_PDB_ins_code 
_pdbx_struct_sheet_hbond.range_2_auth_atom_id 
_pdbx_struct_sheet_hbond.range_2_auth_comp_id 
_pdbx_struct_sheet_hbond.range_2_auth_asym_id 
_pdbx_struct_sheet_hbond.range_2_auth_seq_id 
A 1 2 N THR A 27 ? N THR A 27 O LYS A 41 ? O LYS A 41 
A 2 3 N TYR A 42 ? N TYR A 42 O TYR A 55 ? O TYR A 55 
A 3 4 N LYS A 58 ? N LYS A 58 O TYR A 73 ? O TYR A 73 
# 
_atom_sites.entry_id                    2FO3 
_atom_sites.fract_transf_matrix[1][1]   0.00079817 
_atom_sites.fract_transf_matrix[1][2]   -0.01091302 
_atom_sites.fract_transf_matrix[1][3]   -0.01663035 
_atom_sites.fract_transf_matrix[2][1]   0.01758851 
_atom_sites.fract_transf_matrix[2][2]   -0.00601575 
_atom_sites.fract_transf_matrix[2][3]   -0.00712346 
_atom_sites.fract_transf_matrix[3][1]   -0.00055498 
_atom_sites.fract_transf_matrix[3][2]   -0.00713624 
_atom_sites.fract_transf_matrix[3][3]   0.00465624 
_atom_sites.fract_transf_vector[1]      0.525986 
_atom_sites.fract_transf_vector[2]      0.533167 
_atom_sites.fract_transf_vector[3]      0.122089 
# 
loop_
_atom_type.symbol 
C 
N 
O 
S 
# 
loop_
_atom_site.group_PDB 
_atom_site.id 
_atom_site.type_symbol 
_atom_site.label_atom_id 
_atom_site.label_alt_id 
_atom_site.label_comp_id 
_atom_site.label_asym_id 
_atom_site.label_entity_id 
_atom_site.label_seq_id 
_atom_site.pdbx_PDB_ins_code 
_atom_site.Cartn_x 
_atom_site.Cartn_y 
_atom_site.Cartn_z 
_atom_site.occupancy 
_atom_site.B_iso_or_equiv 
_atom_site.pdbx_formal_charge 
_atom_site.auth_seq_id 
_atom_site.auth_comp_id 
_atom_site.auth_asym_id 
_atom_site.auth_atom_id 
_atom_site.pdbx_PDB_model_num 
ATOM   1   N N   . TYR A 1 9   ? -2.830  16.921  6.947   1.00 35.38 ? 9   TYR A N   1 
ATOM   2   C CA  . TYR A 1 9   ? -1.445  17.537  6.929   1.00 30.68 ? 9   TYR A CA  1 
ATOM   3   C C   . TYR A 1 9   ? -0.348  16.482  6.696   1.00 33.79 ? 9   TYR A C   1 
ATOM   4   O O   . TYR A 1 9   ? 0.543   16.635  5.830   1.00 31.30 ? 9   TYR A O   1 
ATOM   5   C CB  . TYR A 1 9   ? -1.183  18.296  8.236   1.00 37.65 ? 9   TYR A CB  1 
ATOM   6   N N   . ARG A 1 10  ? -0.396  15.416  7.493   1.00 31.80 ? 10  ARG A N   1 
ATOM   7   C CA  . ARG A 1 10  ? 0.506   14.298  7.295   1.00 32.59 ? 10  ARG A CA  1 
ATOM   8   C C   . ARG A 1 10  ? 0.214   13.586  5.932   1.00 27.96 ? 10  ARG A C   1 
ATOM   9   O O   . ARG A 1 10  ? 1.141   13.126  5.263   1.00 30.24 ? 10  ARG A O   1 
ATOM   10  C CB  . ARG A 1 10  ? 0.426   13.330  8.482   1.00 32.89 ? 10  ARG A CB  1 
ATOM   11  C CG  . ARG A 1 10  ? 1.200   12.054  8.284   1.00 29.36 ? 10  ARG A CG  1 
ATOM   12  C CD  . ARG A 1 10  ? 2.714   12.258  8.227   1.00 27.07 ? 10  ARG A CD  1 
ATOM   13  N NE  . ARG A 1 10  ? 3.310   10.936  8.141   1.00 28.98 ? 10  ARG A NE  1 
ATOM   14  C CZ  . ARG A 1 10  ? 3.535   10.146  9.186   1.00 26.77 ? 10  ARG A CZ  1 
ATOM   15  N NH1 . ARG A 1 10  ? 3.307   10.568  10.424  1.00 25.07 ? 10  ARG A NH1 1 
ATOM   16  N NH2 . ARG A 1 10  ? 4.039   8.953   8.990   1.00 27.30 ? 10  ARG A NH2 1 
ATOM   17  N N   . ILE A 1 11  ? -1.057  13.545  5.525   1.00 26.51 ? 11  ILE A N   1 
ATOM   18  C CA  . ILE A 1 11  ? -1.440  12.937  4.236   1.00 27.97 ? 11  ILE A CA  1 
ATOM   19  C C   . ILE A 1 11  ? -0.738  13.674  3.064   1.00 27.84 ? 11  ILE A C   1 
ATOM   20  O O   . ILE A 1 11  ? -0.160  13.037  2.165   1.00 26.53 ? 11  ILE A O   1 
ATOM   21  C CB  . ILE A 1 11  ? -3.021  12.812  4.051   1.00 29.56 ? 11  ILE A CB  1 
ATOM   22  C CG1 . ILE A 1 11  ? -3.605  11.779  5.052   1.00 29.55 ? 11  ILE A CG1 1 
ATOM   23  C CG2 . ILE A 1 11  ? -3.377  12.446  2.602   1.00 28.00 ? 11  ILE A CG2 1 
ATOM   24  C CD1 . ILE A 1 11  ? -5.183  11.730  5.074   1.00 32.16 ? 11  ILE A CD1 1 
ATOM   25  N N   . GLN A 1 12  ? -0.757  15.006  3.108   1.00 27.73 ? 12  GLN A N   1 
ATOM   26  C CA  . GLN A 1 12  ? -0.062  15.820  2.069   1.00 27.80 ? 12  GLN A CA  1 
ATOM   27  C C   . GLN A 1 12  ? 1.460   15.537  2.030   1.00 23.03 ? 12  GLN A C   1 
ATOM   28  O O   . GLN A 1 12  ? 2.061   15.414  0.950   1.00 23.68 ? 12  GLN A O   1 
ATOM   29  C CB  . GLN A 1 12  ? -0.335  17.318  2.282   1.00 27.36 ? 12  GLN A CB  1 
ATOM   30  C CG  . GLN A 1 12  ? 0.230   18.187  1.165   1.00 27.03 ? 12  GLN A CG  1 
ATOM   31  C CD  . GLN A 1 12  ? -0.500  18.056  -0.168  1.00 28.77 ? 12  GLN A CD  1 
ATOM   32  O OE1 . GLN A 1 12  ? -1.563  17.406  -0.269  1.00 27.78 ? 12  GLN A OE1 1 
ATOM   33  N NE2 . GLN A 1 12  ? 0.063   18.699  -1.213  1.00 26.85 ? 12  GLN A NE2 1 
ATOM   34  N N   . LYS A 1 13  ? 2.073   15.410  3.211   1.00 21.54 ? 13  LYS A N   1 
ATOM   35  C CA  . LYS A 1 13  ? 3.501   15.073  3.315   1.00 24.48 ? 13  LYS A CA  1 
ATOM   36  C C   . LYS A 1 13  ? 3.782   13.703  2.684   1.00 25.36 ? 13  LYS A C   1 
ATOM   37  O O   . LYS A 1 13  ? 4.726   13.525  1.903   1.00 23.65 ? 13  LYS A O   1 
ATOM   38  C CB  . LYS A 1 13  ? 3.912   15.070  4.799   1.00 27.62 ? 13  LYS A CB  1 
ATOM   39  C CG  . LYS A 1 13  ? 3.876   16.466  5.435   1.00 35.67 ? 13  LYS A CG  1 
ATOM   40  C CD  . LYS A 1 13  ? 4.136   16.415  6.961   1.00 38.34 ? 13  LYS A CD  1 
ATOM   41  C CE  . LYS A 1 13  ? 4.273   17.814  7.529   1.00 40.54 ? 13  LYS A CE  1 
ATOM   42  N NZ  . LYS A 1 13  ? 2.978   18.531  7.428   1.00 46.81 ? 13  LYS A NZ  1 
ATOM   43  N N   . GLU A 1 14  ? 2.946   12.718  3.026   1.00 23.59 ? 14  GLU A N   1 
ATOM   44  C CA  . GLU A 1 14  ? 3.062   11.378  2.419   1.00 22.12 ? 14  GLU A CA  1 
ATOM   45  C C   . GLU A 1 14  ? 2.857   11.402  0.881   1.00 18.69 ? 14  GLU A C   1 
ATOM   46  O O   . GLU A 1 14  ? 3.546   10.662  0.129   1.00 20.84 ? 14  GLU A O   1 
ATOM   47  C CB  . GLU A 1 14  ? 2.062   10.408  3.089   1.00 23.43 ? 14  GLU A CB  1 
ATOM   48  C CG  . GLU A 1 14  ? 2.375   10.123  4.565   1.00 26.55 ? 14  GLU A CG  1 
ATOM   49  C CD  . GLU A 1 14  ? 3.698   9.410   4.783   1.00 26.38 ? 14  GLU A CD  1 
ATOM   50  O OE1 . GLU A 1 14  ? 4.156   8.669   3.894   1.00 28.48 ? 14  GLU A OE1 1 
ATOM   51  O OE2 . GLU A 1 14  ? 4.281   9.592   5.865   1.00 25.05 ? 14  GLU A OE2 1 
ATOM   52  N N   . LEU A 1 15  ? 1.912   12.230  0.426   1.00 25.77 ? 15  LEU A N   1 
ATOM   53  C CA  . LEU A 1 15  ? 1.620   12.364  -1.013  1.00 24.23 ? 15  LEU A CA  1 
ATOM   54  C C   . LEU A 1 15  ? 2.859   12.867  -1.762  1.00 23.36 ? 15  LEU A C   1 
ATOM   55  O O   . LEU A 1 15  ? 3.266   12.268  -2.743  1.00 21.95 ? 15  LEU A O   1 
ATOM   56  C CB  . LEU A 1 15  ? 0.450   13.304  -1.244  1.00 25.27 ? 15  LEU A CB  1 
ATOM   57  C CG  . LEU A 1 15  ? 0.071   13.610  -2.714  1.00 25.46 ? 15  LEU A CG  1 
ATOM   58  C CD1 . LEU A 1 15  ? -0.188  12.361  -3.576  1.00 26.30 ? 15  LEU A CD1 1 
ATOM   59  C CD2 . LEU A 1 15  ? -1.143  14.528  -2.684  1.00 27.57 ? 15  LEU A CD2 1 
ATOM   60  N N   . HIS A 1 16  ? 3.456   13.960  -1.270  1.00 25.62 ? 16  HIS A N   1 
ATOM   61  C CA  . HIS A 1 16  ? 4.754   14.430  -1.786  1.00 24.49 ? 16  HIS A CA  1 
ATOM   62  C C   . HIS A 1 16  ? 5.777   13.317  -1.787  1.00 23.32 ? 16  HIS A C   1 
ATOM   63  O O   . HIS A 1 16  ? 6.463   13.087  -2.776  1.00 24.06 ? 16  HIS A O   1 
ATOM   64  C CB  . HIS A 1 16  ? 5.281   15.618  -0.949  1.00 26.71 ? 16  HIS A CB  1 
ATOM   65  C CG  . HIS A 1 16  ? 6.723   15.945  -1.218  1.00 29.22 ? 16  HIS A CG  1 
ATOM   66  N ND1 . HIS A 1 16  ? 7.175   16.369  -2.452  1.00 28.82 ? 16  HIS A ND1 1 
ATOM   67  C CD2 . HIS A 1 16  ? 7.813   15.910  -0.411  1.00 30.34 ? 16  HIS A CD2 1 
ATOM   68  C CE1 . HIS A 1 16  ? 8.482   16.586  -2.391  1.00 31.27 ? 16  HIS A CE1 1 
ATOM   69  N NE2 . HIS A 1 16  ? 8.894   16.305  -1.167  1.00 29.76 ? 16  HIS A NE2 1 
ATOM   70  N N   . ASN A 1 17  ? 5.896   12.613  -0.658  1.00 24.31 ? 17  ASN A N   1 
ATOM   71  C CA  . ASN A 1 17  ? 6.909   11.559  -0.575  1.00 23.16 ? 17  ASN A CA  1 
ATOM   72  C C   . ASN A 1 17  ? 6.725   10.458  -1.581  1.00 24.71 ? 17  ASN A C   1 
ATOM   73  O O   . ASN A 1 17  ? 7.702   10.013  -2.212  1.00 26.68 ? 17  ASN A O   1 
ATOM   74  C CB  . ASN A 1 17  ? 6.981   10.971  0.841   1.00 26.96 ? 17  ASN A CB  1 
ATOM   75  C CG  . ASN A 1 17  ? 7.995   9.871   0.933   1.00 29.96 ? 17  ASN A CG  1 
ATOM   76  O OD1 . ASN A 1 17  ? 7.651   8.691   1.052   1.00 33.47 ? 17  ASN A OD1 1 
ATOM   77  N ND2 . ASN A 1 17  ? 9.255   10.230  0.808   1.00 26.81 ? 17  ASN A ND2 1 
ATOM   78  N N   . PHE A 1 18  ? 5.473   10.014  -1.738  1.00 23.89 ? 18  PHE A N   1 
ATOM   79  C CA  . PHE A 1 18  ? 5.124   8.959   -2.655  1.00 23.47 ? 18  PHE A CA  1 
ATOM   80  C C   . PHE A 1 18  ? 5.348   9.404   -4.109  1.00 25.00 ? 18  PHE A C   1 
ATOM   81  O O   . PHE A 1 18  ? 5.904   8.662   -4.899  1.00 24.82 ? 18  PHE A O   1 
ATOM   82  C CB  . PHE A 1 18  ? 3.676   8.538   -2.464  1.00 23.60 ? 18  PHE A CB  1 
ATOM   83  C CG  . PHE A 1 18  ? 3.390   7.156   -2.961  1.00 23.48 ? 18  PHE A CG  1 
ATOM   84  C CD1 . PHE A 1 18  ? 3.267   6.095   -2.060  1.00 25.44 ? 18  PHE A CD1 1 
ATOM   85  C CD2 . PHE A 1 18  ? 3.242   6.902   -4.322  1.00 25.62 ? 18  PHE A CD2 1 
ATOM   86  C CE1 . PHE A 1 18  ? 2.985   4.810   -2.517  1.00 25.93 ? 18  PHE A CE1 1 
ATOM   87  C CE2 . PHE A 1 18  ? 2.979   5.602   -4.808  1.00 27.32 ? 18  PHE A CE2 1 
ATOM   88  C CZ  . PHE A 1 18  ? 2.837   4.564   -3.918  1.00 26.32 ? 18  PHE A CZ  1 
ATOM   89  N N   . LEU A 1 19  ? 4.918   10.617  -4.449  1.00 25.12 ? 19  LEU A N   1 
ATOM   90  C CA  . LEU A 1 19  ? 5.068   11.095  -5.849  1.00 27.28 ? 19  LEU A CA  1 
ATOM   91  C C   . LEU A 1 19  ? 6.514   11.302  -6.186  1.00 29.28 ? 19  LEU A C   1 
ATOM   92  O O   . LEU A 1 19  ? 6.938   11.024  -7.295  1.00 28.05 ? 19  LEU A O   1 
ATOM   93  C CB  . LEU A 1 19  ? 4.313   12.392  -6.072  1.00 26.29 ? 19  LEU A CB  1 
ATOM   94  C CG  . LEU A 1 19  ? 2.795   12.248  -5.975  1.00 22.76 ? 19  LEU A CG  1 
ATOM   95  C CD1 . LEU A 1 19  ? 2.131   13.632  -6.072  1.00 27.31 ? 19  LEU A CD1 1 
ATOM   96  C CD2 . LEU A 1 19  ? 2.230   11.248  -7.034  1.00 22.97 ? 19  LEU A CD2 1 
ATOM   97  N N   . ASN A 1 20  ? 7.272   11.805  -5.216  1.00 31.99 ? 20  ASN A N   1 
ATOM   98  C CA  . ASN A 1 20  ? 8.704   12.046  -5.427  1.00 37.39 ? 20  ASN A CA  1 
ATOM   99  C C   . ASN A 1 20  ? 9.545   10.760  -5.364  1.00 39.19 ? 20  ASN A C   1 
ATOM   100 O O   . ASN A 1 20  ? 10.502  10.579  -6.141  1.00 39.67 ? 20  ASN A O   1 
ATOM   101 C CB  . ASN A 1 20  ? 9.204   13.095  -4.442  1.00 42.36 ? 20  ASN A CB  1 
ATOM   102 C CG  . ASN A 1 20  ? 9.990   14.178  -5.114  1.00 49.21 ? 20  ASN A CG  1 
ATOM   103 O OD1 . ASN A 1 20  ? 10.984  14.663  -4.566  1.00 51.41 ? 20  ASN A OD1 1 
ATOM   104 N ND2 . ASN A 1 20  ? 9.554   14.578  -6.327  1.00 51.05 ? 20  ASN A ND2 1 
ATOM   105 N N   . ASN A 1 21  ? 9.146   9.836   -4.493  1.00 36.70 ? 21  ASN A N   1 
ATOM   106 C CA  . ASN A 1 21  ? 9.870   8.592   -4.314  1.00 38.01 ? 21  ASN A CA  1 
ATOM   107 C C   . ASN A 1 21  ? 8.899   7.406   -4.311  1.00 36.07 ? 21  ASN A C   1 
ATOM   108 O O   . ASN A 1 21  ? 8.670   6.786   -3.251  1.00 37.79 ? 21  ASN A O   1 
ATOM   109 C CB  . ASN A 1 21  ? 10.710  8.664   -3.011  1.00 42.02 ? 21  ASN A CB  1 
ATOM   110 C CG  . ASN A 1 21  ? 11.416  7.335   -2.662  1.00 47.02 ? 21  ASN A CG  1 
ATOM   111 O OD1 . ASN A 1 21  ? 11.773  6.534   -3.540  1.00 47.93 ? 21  ASN A OD1 1 
ATOM   112 N ND2 . ASN A 1 21  ? 11.618  7.107   -1.358  1.00 49.20 ? 21  ASN A ND2 1 
ATOM   113 N N   . PRO A 1 22  ? 8.319   7.078   -5.492  1.00 34.55 ? 22  PRO A N   1 
ATOM   114 C CA  . PRO A 1 22  ? 7.328   5.993   -5.513  1.00 32.65 ? 22  PRO A CA  1 
ATOM   115 C C   . PRO A 1 22  ? 7.995   4.631   -5.361  1.00 31.25 ? 22  PRO A C   1 
ATOM   116 O O   . PRO A 1 22  ? 9.124   4.452   -5.825  1.00 34.97 ? 22  PRO A O   1 
ATOM   117 C CB  . PRO A 1 22  ? 6.720   6.108   -6.913  1.00 32.36 ? 22  PRO A CB  1 
ATOM   118 C CG  . PRO A 1 22  ? 7.839   6.702   -7.745  1.00 31.52 ? 22  PRO A CG  1 
ATOM   119 C CD  . PRO A 1 22  ? 8.557   7.637   -6.847  1.00 30.88 ? 22  PRO A CD  1 
ATOM   120 N N   . PRO A 1 23  ? 7.313   3.668   -4.727  1.00 31.99 ? 23  PRO A N   1 
ATOM   121 C CA  . PRO A 1 23  ? 7.870   2.319   -4.677  1.00 29.83 ? 23  PRO A CA  1 
ATOM   122 C C   . PRO A 1 23  ? 8.090   1.785   -6.087  1.00 30.75 ? 23  PRO A C   1 
ATOM   123 O O   . PRO A 1 23  ? 7.374   2.174   -7.024  1.00 28.46 ? 23  PRO A O   1 
ATOM   124 C CB  . PRO A 1 23  ? 6.758   1.503   -4.000  1.00 31.98 ? 23  PRO A CB  1 
ATOM   125 C CG  . PRO A 1 23  ? 5.992   2.460   -3.242  1.00 31.38 ? 23  PRO A CG  1 
ATOM   126 C CD  . PRO A 1 23  ? 6.013   3.741   -4.041  1.00 32.30 ? 23  PRO A CD  1 
ATOM   127 N N   . ILE A 1 24  ? 9.056   0.892   -6.242  1.00 31.67 ? 24  ILE A N   1 
ATOM   128 C CA  . ILE A 1 24  ? 9.338   0.255   -7.542  1.00 31.53 ? 24  ILE A CA  1 
ATOM   129 C C   . ILE A 1 24  ? 8.086   -0.368  -8.231  1.00 33.22 ? 24  ILE A C   1 
ATOM   130 O O   . ILE A 1 24  ? 7.307   -1.134  -7.612  1.00 30.63 ? 24  ILE A O   1 
ATOM   131 C CB  . ILE A 1 24  ? 10.522  -0.795  -7.410  1.00 36.57 ? 24  ILE A CB  1 
ATOM   132 C CG1 . ILE A 1 24  ? 10.936  -1.380  -8.772  1.00 39.42 ? 24  ILE A CG1 1 
ATOM   133 C CG2 . ILE A 1 24  ? 10.174  -1.925  -6.419  1.00 35.27 ? 24  ILE A CG2 1 
ATOM   134 C CD1 . ILE A 1 24  ? 11.668  -0.409  -9.743  1.00 47.54 ? 24  ILE A CD1 1 
ATOM   135 N N   . ASN A 1 25  ? 7.906   -0.021  -9.517  1.00 31.08 ? 25  ASN A N   1 
ATOM   136 C CA  . ASN A 1 25  ? 6.783   -0.509  -10.341 1.00 27.02 ? 25  ASN A CA  1 
ATOM   137 C C   . ASN A 1 25  ? 5.388   -0.076  -9.850  1.00 27.61 ? 25  ASN A C   1 
ATOM   138 O O   . ASN A 1 25  ? 4.390   -0.738  -10.162 1.00 29.49 ? 25  ASN A O   1 
ATOM   139 C CB  . ASN A 1 25  ? 6.828   -2.055  -10.480 1.00 27.25 ? 25  ASN A CB  1 
ATOM   140 C CG  . ASN A 1 25  ? 7.769   -2.523  -11.591 1.00 31.47 ? 25  ASN A CG  1 
ATOM   141 O OD1 . ASN A 1 25  ? 8.773   -1.864  -11.890 1.00 32.41 ? 25  ASN A OD1 1 
ATOM   142 N ND2 . ASN A 1 25  ? 7.458   -3.685  -12.192 1.00 30.29 ? 25  ASN A ND2 1 
ATOM   143 N N   . CYS A 1 26  ? 5.330   1.004   -9.069  1.00 28.25 ? 26  CYS A N   1 
ATOM   144 C CA  . CYS A 1 26  ? 4.077   1.519   -8.552  1.00 27.81 ? 26  CYS A CA  1 
ATOM   145 C C   . CYS A 1 26  ? 3.781   2.917   -9.052  1.00 29.49 ? 26  CYS A C   1 
ATOM   146 O O   . CYS A 1 26  ? 4.691   3.735   -9.223  1.00 29.27 ? 26  CYS A O   1 
ATOM   147 C CB  . CYS A 1 26  ? 4.081   1.536   -7.013  1.00 30.18 ? 26  CYS A CB  1 
ATOM   148 S SG  . CYS A 1 26  ? 4.156   -0.080  -6.282  1.00 30.42 ? 26  CYS A SG  1 
ATOM   149 N N   . THR A 1 27  ? 2.510   3.192   -9.262  1.00 27.66 ? 27  THR A N   1 
ATOM   150 C CA  . THR A 1 27  ? 2.056   4.518   -9.605  1.00 26.47 ? 27  THR A CA  1 
ATOM   151 C C   . THR A 1 27  ? 0.832   4.811   -8.746  1.00 28.58 ? 27  THR A C   1 
ATOM   152 O O   . THR A 1 27  ? 0.098   3.892   -8.333  1.00 30.34 ? 27  THR A O   1 
ATOM   153 C CB  . THR A 1 27  ? 1.669   4.630   -11.083 1.00 32.03 ? 27  THR A CB  1 
ATOM   154 O OG1 . THR A 1 27  ? 0.751   3.596   -11.391 1.00 31.98 ? 27  THR A OG1 1 
ATOM   155 C CG2 . THR A 1 27  ? 2.914   4.529   -11.999 1.00 33.99 ? 27  THR A CG2 1 
ATOM   156 N N   . LEU A 1 28  ? 0.616   6.077   -8.470  1.00 24.97 ? 28  LEU A N   1 
ATOM   157 C CA  . LEU A 1 28  ? -0.421  6.471   -7.536  1.00 24.07 ? 28  LEU A CA  1 
ATOM   158 C C   . LEU A 1 28  ? -1.615  7.074   -8.204  1.00 26.34 ? 28  LEU A C   1 
ATOM   159 O O   . LEU A 1 28  ? -1.479  7.839   -9.152  1.00 26.93 ? 28  LEU A O   1 
ATOM   160 C CB  . LEU A 1 28  ? 0.147   7.472   -6.515  1.00 25.76 ? 28  LEU A CB  1 
ATOM   161 C CG  . LEU A 1 28  ? -0.768  8.053   -5.420  1.00 26.44 ? 28  LEU A CG  1 
ATOM   162 C CD1 . LEU A 1 28  ? -1.284  6.963   -4.433  1.00 24.65 ? 28  LEU A CD1 1 
ATOM   163 C CD2 . LEU A 1 28  ? 0.001   9.114   -4.665  1.00 29.23 ? 28  LEU A CD2 1 
ATOM   164 N N   . ASP A 1 29  ? -2.793  6.730   -7.702  1.00 24.13 ? 29  ASP A N   1 
ATOM   165 C CA  . ASP A 1 29  ? -3.985  7.538   -7.958  1.00 28.02 ? 29  ASP A CA  1 
ATOM   166 C C   . ASP A 1 29  ? -4.633  7.913   -6.637  1.00 26.55 ? 29  ASP A C   1 
ATOM   167 O O   . ASP A 1 29  ? -4.357  7.287   -5.594  1.00 25.64 ? 29  ASP A O   1 
ATOM   168 C CB  . ASP A 1 29  ? -4.976  6.813   -8.866  1.00 27.90 ? 29  ASP A CB  1 
ATOM   169 C CG  . ASP A 1 29  ? -6.025  7.759   -9.468  1.00 34.83 ? 29  ASP A CG  1 
ATOM   170 O OD1 . ASP A 1 29  ? -5.889  9.028   -9.381  1.00 31.10 ? 29  ASP A OD1 1 
ATOM   171 O OD2 . ASP A 1 29  ? -6.996  7.224   -10.030 1.00 39.52 ? 29  ASP A OD2 1 
ATOM   172 N N   . VAL A 1 30  ? -5.461  8.946   -6.657  1.00 21.55 ? 30  VAL A N   1 
ATOM   173 C CA  . VAL A 1 30  ? -6.199  9.355   -5.472  1.00 23.50 ? 30  VAL A CA  1 
ATOM   174 C C   . VAL A 1 30  ? -7.696  9.440   -5.798  1.00 24.81 ? 30  VAL A C   1 
ATOM   175 O O   . VAL A 1 30  ? -8.074  9.689   -6.956  1.00 24.78 ? 30  VAL A O   1 
ATOM   176 C CB  . VAL A 1 30  ? -5.684  10.716  -4.846  1.00 23.15 ? 30  VAL A CB  1 
ATOM   177 C CG1 . VAL A 1 30  ? -4.193  10.644  -4.558  1.00 22.88 ? 30  VAL A CG1 1 
ATOM   178 C CG2 . VAL A 1 30  ? -6.013  11.952  -5.755  1.00 27.13 ? 30  VAL A CG2 1 
ATOM   179 N N   . HIS A 1 31  ? -8.545  9.241   -4.802  1.00 25.47 ? 31  HIS A N   1 
ATOM   180 C CA  . HIS A 1 31  ? -9.984  9.399   -5.037  1.00 28.23 ? 31  HIS A CA  1 
ATOM   181 C C   . HIS A 1 31  ? -10.317 10.891  -5.264  1.00 26.77 ? 31  HIS A C   1 
ATOM   182 O O   . HIS A 1 31  ? -9.932  11.732  -4.448  1.00 26.05 ? 31  HIS A O   1 
ATOM   183 C CB  . HIS A 1 31  ? -10.825 8.839   -3.880  1.00 33.13 ? 31  HIS A CB  1 
ATOM   184 C CG  . HIS A 1 31  ? -12.277 8.723   -4.214  1.00 38.95 ? 31  HIS A CG  1 
ATOM   185 N ND1 . HIS A 1 31  ? -13.090 9.824   -4.405  1.00 41.54 ? 31  HIS A ND1 1 
ATOM   186 C CD2 . HIS A 1 31  ? -13.060 7.639   -4.424  1.00 42.04 ? 31  HIS A CD2 1 
ATOM   187 C CE1 . HIS A 1 31  ? -14.306 9.425   -4.718  1.00 39.64 ? 31  HIS A CE1 1 
ATOM   188 N NE2 . HIS A 1 31  ? -14.320 8.104   -4.731  1.00 42.85 ? 31  HIS A NE2 1 
ATOM   189 N N   . PRO A 1 32  ? -11.043 11.224  -6.377  1.00 29.52 ? 32  PRO A N   1 
ATOM   190 C CA  . PRO A 1 32  ? -11.333 12.658  -6.699  1.00 28.15 ? 32  PRO A CA  1 
ATOM   191 C C   . PRO A 1 32  ? -12.181 13.363  -5.644  1.00 29.28 ? 32  PRO A C   1 
ATOM   192 O O   . PRO A 1 32  ? -12.112 14.596  -5.514  1.00 32.26 ? 32  PRO A O   1 
ATOM   193 C CB  . PRO A 1 32  ? -12.135 12.574  -8.018  1.00 28.51 ? 32  PRO A CB  1 
ATOM   194 C CG  . PRO A 1 32  ? -12.717 11.142  -8.040  1.00 31.11 ? 32  PRO A CG  1 
ATOM   195 C CD  . PRO A 1 32  ? -11.614 10.301  -7.383  1.00 27.92 ? 32  PRO A CD  1 
ATOM   196 N N   . ASN A 1 33  ? -12.991 12.593  -4.907  1.00 26.98 ? 33  ASN A N   1 
ATOM   197 C CA  . ASN A 1 33  ? -13.897 13.167  -3.877  1.00 31.13 ? 33  ASN A CA  1 
ATOM   198 C C   . ASN A 1 33  ? -13.600 12.729  -2.439  1.00 30.79 ? 33  ASN A C   1 
ATOM   199 O O   . ASN A 1 33  ? -14.461 12.839  -1.570  1.00 28.69 ? 33  ASN A O   1 
ATOM   200 C CB  . ASN A 1 33  ? -15.365 12.837  -4.209  1.00 35.62 ? 33  ASN A CB  1 
ATOM   201 C CG  . ASN A 1 33  ? -15.732 13.192  -5.649  1.00 40.96 ? 33  ASN A CG  1 
ATOM   202 O OD1 . ASN A 1 33  ? -16.175 12.342  -6.411  1.00 44.11 ? 33  ASN A OD1 1 
ATOM   203 N ND2 . ASN A 1 33  ? -15.506 14.443  -6.027  1.00 44.89 ? 33  ASN A ND2 1 
ATOM   204 N N   . ASN A 1 34  ? -12.396 12.220  -2.186  1.00 28.25 ? 34  ASN A N   1 
ATOM   205 C CA  . ASN A 1 34  ? -12.039 11.774  -0.830  1.00 26.11 ? 34  ASN A CA  1 
ATOM   206 C C   . ASN A 1 34  ? -10.501 11.847  -0.683  1.00 25.05 ? 34  ASN A C   1 
ATOM   207 O O   . ASN A 1 34  ? -9.764  11.044  -1.281  1.00 26.22 ? 34  ASN A O   1 
ATOM   208 C CB  . ASN A 1 34  ? -12.558 10.348  -0.567  1.00 29.54 ? 34  ASN A CB  1 
ATOM   209 C CG  . ASN A 1 34  ? -12.438 9.923   0.911   1.00 28.52 ? 34  ASN A CG  1 
ATOM   210 O OD1 . ASN A 1 34  ? -11.795 10.605  1.732   1.00 29.35 ? 34  ASN A OD1 1 
ATOM   211 N ND2 . ASN A 1 34  ? -13.083 8.800   1.253   1.00 30.89 ? 34  ASN A ND2 1 
ATOM   212 N N   . ILE A 1 35  ? -10.038 12.839  0.060   1.00 26.92 ? 35  ILE A N   1 
ATOM   213 C CA  . ILE A 1 35  ? -8.594  13.044  0.256   1.00 31.33 ? 35  ILE A CA  1 
ATOM   214 C C   . ILE A 1 35  ? -7.972  11.890  1.059   1.00 29.89 ? 35  ILE A C   1 
ATOM   215 O O   . ILE A 1 35  ? -6.751  11.732  1.089   1.00 31.02 ? 35  ILE A O   1 
ATOM   216 C CB  . ILE A 1 35  ? -8.260  14.400  0.993   1.00 33.74 ? 35  ILE A CB  1 
ATOM   217 C CG1 . ILE A 1 35  ? -8.913  14.469  2.377   1.00 38.02 ? 35  ILE A CG1 1 
ATOM   218 C CG2 . ILE A 1 35  ? -8.666  15.629  0.135   1.00 39.27 ? 35  ILE A CG2 1 
ATOM   219 C CD1 . ILE A 1 35  ? -8.534  15.799  3.173   1.00 38.94 ? 35  ILE A CD1 1 
ATOM   220 N N   . ARG A 1 36  ? -8.831  11.106  1.712   1.00 28.50 ? 36  ARG A N   1 
ATOM   221 C CA  . ARG A 1 36  ? -8.376  10.039  2.618   1.00 28.90 ? 36  ARG A CA  1 
ATOM   222 C C   . ARG A 1 36  ? -8.277  8.658   1.959   1.00 26.19 ? 36  ARG A C   1 
ATOM   223 O O   . ARG A 1 36  ? -7.995  7.661   2.633   1.00 27.06 ? 36  ARG A O   1 
ATOM   224 C CB  . ARG A 1 36  ? -9.250  10.022  3.890   1.00 28.45 ? 36  ARG A CB  1 
ATOM   225 C CG  . ARG A 1 36  ? -9.155  11.322  4.638   1.00 32.22 ? 36  ARG A CG  1 
ATOM   226 C CD  . ARG A 1 36  ? -9.644  11.228  6.050   1.00 37.84 ? 36  ARG A CD  1 
ATOM   227 N NE  . ARG A 1 36  ? -9.056  12.316  6.835   1.00 43.49 ? 36  ARG A NE  1 
ATOM   228 C CZ  . ARG A 1 36  ? -7.981  12.194  7.633   1.00 47.62 ? 36  ARG A CZ  1 
ATOM   229 N NH1 . ARG A 1 36  ? -7.372  11.021  7.794   1.00 45.43 ? 36  ARG A NH1 1 
ATOM   230 N NH2 . ARG A 1 36  ? -7.523  13.256  8.298   1.00 52.83 ? 36  ARG A NH2 1 
ATOM   231 N N   . ILE A 1 37  ? -8.479  8.592   0.640   1.00 25.59 ? 37  ILE A N   1 
ATOM   232 C CA  . ILE A 1 37  ? -8.350  7.319   -0.088  1.00 26.33 ? 37  ILE A CA  1 
ATOM   233 C C   . ILE A 1 37  ? -7.368  7.429   -1.281  1.00 26.39 ? 37  ILE A C   1 
ATOM   234 O O   . ILE A 1 37  ? -7.511  8.327   -2.136  1.00 24.48 ? 37  ILE A O   1 
ATOM   235 C CB  . ILE A 1 37  ? -9.734  6.771   -0.604  1.00 27.93 ? 37  ILE A CB  1 
ATOM   236 C CG1 . ILE A 1 37  ? -10.644 6.385   0.557   1.00 29.94 ? 37  ILE A CG1 1 
ATOM   237 C CG2 . ILE A 1 37  ? -9.535  5.596   -1.535  1.00 31.24 ? 37  ILE A CG2 1 
ATOM   238 C CD1 . ILE A 1 37  ? -12.015 5.849   0.134   1.00 32.36 ? 37  ILE A CD1 1 
ATOM   239 N N   . TRP A 1 38  ? -6.401  6.512   -1.325  1.00 23.01 ? 38  TRP A N   1 
ATOM   240 C CA  . TRP A 1 38  ? -5.464  6.366   -2.443  1.00 20.87 ? 38  TRP A CA  1 
ATOM   241 C C   . TRP A 1 38  ? -5.636  4.998   -3.074  1.00 20.80 ? 38  TRP A C   1 
ATOM   242 O O   . TRP A 1 38  ? -6.038  4.053   -2.413  1.00 23.79 ? 38  TRP A O   1 
ATOM   243 C CB  . TRP A 1 38  ? -3.995  6.489   -1.976  1.00 23.41 ? 38  TRP A CB  1 
ATOM   244 C CG  . TRP A 1 38  ? -3.551  7.798   -1.405  1.00 23.56 ? 38  TRP A CG  1 
ATOM   245 C CD1 . TRP A 1 38  ? -4.290  8.974   -1.284  1.00 23.57 ? 38  TRP A CD1 1 
ATOM   246 C CD2 . TRP A 1 38  ? -2.222  8.115   -0.944  1.00 24.69 ? 38  TRP A CD2 1 
ATOM   247 N NE1 . TRP A 1 38  ? -3.500  9.951   -0.739  1.00 26.26 ? 38  TRP A NE1 1 
ATOM   248 C CE2 . TRP A 1 38  ? -2.231  9.465   -0.536  1.00 24.60 ? 38  TRP A CE2 1 
ATOM   249 C CE3 . TRP A 1 38  ? -1.019  7.380   -0.846  1.00 21.46 ? 38  TRP A CE3 1 
ATOM   250 C CZ2 . TRP A 1 38  ? -1.083  10.105  0.005   1.00 25.53 ? 38  TRP A CZ2 1 
ATOM   251 C CZ3 . TRP A 1 38  ? 0.127   8.008   -0.305  1.00 25.69 ? 38  TRP A CZ3 1 
ATOM   252 C CH2 . TRP A 1 38  ? 0.077   9.369   0.108   1.00 24.23 ? 38  TRP A CH2 1 
ATOM   253 N N   . ILE A 1 39  ? -5.283  4.877   -4.343  1.00 20.96 ? 39  ILE A N   1 
ATOM   254 C CA  . ILE A 1 39  ? -5.219  3.590   -5.010  1.00 25.02 ? 39  ILE A CA  1 
ATOM   255 C C   . ILE A 1 39  ? -3.859  3.507   -5.658  1.00 24.47 ? 39  ILE A C   1 
ATOM   256 O O   . ILE A 1 39  ? -3.513  4.319   -6.533  1.00 21.91 ? 39  ILE A O   1 
ATOM   257 C CB  . ILE A 1 39  ? -6.283  3.382   -6.134  1.00 26.44 ? 39  ILE A CB  1 
ATOM   258 C CG1 . ILE A 1 39  ? -7.692  3.797   -5.693  1.00 30.36 ? 39  ILE A CG1 1 
ATOM   259 C CG2 . ILE A 1 39  ? -6.244  1.932   -6.672  1.00 27.19 ? 39  ILE A CG2 1 
ATOM   260 C CD1 . ILE A 1 39  ? -8.288  2.908   -4.688  1.00 33.87 ? 39  ILE A CD1 1 
ATOM   261 N N   . VAL A 1 40  ? -3.092  2.530   -5.219  1.00 21.73 ? 40  VAL A N   1 
ATOM   262 C CA  . VAL A 1 40  ? -1.772  2.277   -5.772  1.00 24.00 ? 40  VAL A CA  1 
ATOM   263 C C   . VAL A 1 40  ? -1.809  1.110   -6.774  1.00 26.18 ? 40  VAL A C   1 
ATOM   264 O O   . VAL A 1 40  ? -2.314  0.007   -6.472  1.00 26.67 ? 40  VAL A O   1 
ATOM   265 C CB  . VAL A 1 40  ? -0.735  2.033   -4.620  1.00 23.94 ? 40  VAL A CB  1 
ATOM   266 C CG1 . VAL A 1 40  ? 0.637   1.610   -5.176  1.00 20.52 ? 40  VAL A CG1 1 
ATOM   267 C CG2 . VAL A 1 40  ? -0.605  3.264   -3.781  1.00 26.64 ? 40  VAL A CG2 1 
ATOM   268 N N   . LYS A 1 41  ? -1.288  1.355   -7.972  1.00 21.77 ? 41  LYS A N   1 
ATOM   269 C CA  . LYS A 1 41  ? -1.146  0.316   -8.996  1.00 25.54 ? 41  LYS A CA  1 
ATOM   270 C C   . LYS A 1 41  ? 0.267   -0.274  -8.962  1.00 25.35 ? 41  LYS A C   1 
ATOM   271 O O   . LYS A 1 41  ? 1.250   0.451   -9.080  1.00 26.85 ? 41  LYS A O   1 
ATOM   272 C CB  . LYS A 1 41  ? -1.455  0.899   -10.399 1.00 29.10 ? 41  LYS A CB  1 
ATOM   273 C CG  . LYS A 1 41  ? -1.236  -0.083  -11.555 1.00 30.99 ? 41  LYS A CG  1 
ATOM   274 C CD  . LYS A 1 41  ? -1.739  0.502   -12.870 1.00 34.04 ? 41  LYS A CD  1 
ATOM   275 C CE  . LYS A 1 41  ? -1.224  -0.322  -14.068 1.00 37.62 ? 41  LYS A CE  1 
ATOM   276 N NZ  . LYS A 1 41  ? -1.940  -0.021  -15.376 1.00 38.50 ? 41  LYS A NZ  1 
ATOM   277 N N   . TYR A 1 42  ? 0.352   -1.583  -8.784  1.00 23.30 ? 42  TYR A N   1 
ATOM   278 C CA  . TYR A 1 42  ? 1.615   -2.277  -8.818  1.00 27.20 ? 42  TYR A CA  1 
ATOM   279 C C   . TYR A 1 42  ? 1.626   -3.220  -10.005 1.00 28.79 ? 42  TYR A C   1 
ATOM   280 O O   . TYR A 1 42  ? 0.696   -3.999  -10.198 1.00 28.45 ? 42  TYR A O   1 
ATOM   281 C CB  . TYR A 1 42  ? 1.853   -3.038  -7.502  1.00 26.92 ? 42  TYR A CB  1 
ATOM   282 C CG  . TYR A 1 42  ? 2.969   -4.038  -7.565  1.00 27.08 ? 42  TYR A CG  1 
ATOM   283 C CD1 . TYR A 1 42  ? 4.292   -3.631  -7.840  1.00 25.87 ? 42  TYR A CD1 1 
ATOM   284 C CD2 . TYR A 1 42  ? 2.720   -5.394  -7.299  1.00 26.64 ? 42  TYR A CD2 1 
ATOM   285 C CE1 . TYR A 1 42  ? 5.347   -4.581  -7.891  1.00 28.09 ? 42  TYR A CE1 1 
ATOM   286 C CE2 . TYR A 1 42  ? 3.740   -6.328  -7.332  1.00 26.82 ? 42  TYR A CE2 1 
ATOM   287 C CZ  . TYR A 1 42  ? 5.049   -5.926  -7.635  1.00 27.98 ? 42  TYR A CZ  1 
ATOM   288 O OH  . TYR A 1 42  ? 6.037   -6.875  -7.675  1.00 28.86 ? 42  TYR A OH  1 
ATOM   289 N N   . VAL A 1 43  ? 2.674   -3.113  -10.824 1.00 31.34 ? 43  VAL A N   1 
ATOM   290 C CA  . VAL A 1 43  ? 2.893   -4.054  -11.934 1.00 31.02 ? 43  VAL A CA  1 
ATOM   291 C C   . VAL A 1 43  ? 3.963   -5.008  -11.474 1.00 32.59 ? 43  VAL A C   1 
ATOM   292 O O   . VAL A 1 43  ? 5.072   -4.595  -11.172 1.00 33.96 ? 43  VAL A O   1 
ATOM   293 C CB  . VAL A 1 43  ? 3.333   -3.343  -13.228 1.00 32.65 ? 43  VAL A CB  1 
ATOM   294 C CG1 . VAL A 1 43  ? 3.476   -4.371  -14.389 1.00 32.99 ? 43  VAL A CG1 1 
ATOM   295 C CG2 . VAL A 1 43  ? 2.342   -2.232  -13.583 1.00 34.21 ? 43  VAL A CG2 1 
ATOM   296 N N   . GLY A 1 44  ? 3.605   -6.283  -11.384 1.00 33.89 ? 44  GLY A N   1 
ATOM   297 C CA  . GLY A 1 44  ? 4.488   -7.336  -10.879 1.00 34.66 ? 44  GLY A CA  1 
ATOM   298 C C   . GLY A 1 44  ? 5.878   -7.306  -11.472 1.00 37.31 ? 44  GLY A C   1 
ATOM   299 O O   . GLY A 1 44  ? 6.055   -7.283  -12.707 1.00 34.78 ? 44  GLY A O   1 
ATOM   300 N N   . LEU A 1 45  ? 6.865   -7.290  -10.597 1.00 33.29 ? 45  LEU A N   1 
ATOM   301 C CA  . LEU A 1 45  ? 8.258   -7.271  -11.031 1.00 36.55 ? 45  LEU A CA  1 
ATOM   302 C C   . LEU A 1 45  ? 8.685   -8.495  -11.837 1.00 38.20 ? 45  LEU A C   1 
ATOM   303 O O   . LEU A 1 45  ? 8.313   -9.637  -11.529 1.00 38.45 ? 45  LEU A O   1 
ATOM   304 C CB  . LEU A 1 45  ? 9.185   -7.080  -9.827  1.00 36.14 ? 45  LEU A CB  1 
ATOM   305 C CG  . LEU A 1 45  ? 9.170   -5.649  -9.310  1.00 36.12 ? 45  LEU A CG  1 
ATOM   306 C CD1 . LEU A 1 45  ? 9.461   -5.559  -7.824  1.00 33.27 ? 45  LEU A CD1 1 
ATOM   307 C CD2 . LEU A 1 45  ? 10.124  -4.790  -10.126 1.00 35.50 ? 45  LEU A CD2 1 
ATOM   308 N N   . GLU A 1 46  ? 9.470   -8.241  -12.874 1.00 42.18 ? 46  GLU A N   1 
ATOM   309 C CA  . GLU A 1 46  ? 10.133  -9.310  -13.611 1.00 46.94 ? 46  GLU A CA  1 
ATOM   310 C C   . GLU A 1 46  ? 10.994  -10.096 -12.608 1.00 46.06 ? 46  GLU A C   1 
ATOM   311 O O   . GLU A 1 46  ? 11.562  -9.517  -11.677 1.00 48.16 ? 46  GLU A O   1 
ATOM   312 C CB  . GLU A 1 46  ? 10.994  -8.724  -14.743 1.00 47.97 ? 46  GLU A CB  1 
ATOM   313 N N   . ASN A 1 47  ? 11.041  -11.415 -12.780 1.00 48.14 ? 47  ASN A N   1 
ATOM   314 C CA  . ASN A 1 47  ? 11.822  -12.315 -11.910 1.00 48.60 ? 47  ASN A CA  1 
ATOM   315 C C   . ASN A 1 47  ? 11.157  -12.627 -10.555 1.00 47.63 ? 47  ASN A C   1 
ATOM   316 O O   . ASN A 1 47  ? 11.817  -13.074 -9.610  1.00 47.25 ? 47  ASN A O   1 
ATOM   317 C CB  . ASN A 1 47  ? 13.280  -11.828 -11.730 1.00 48.86 ? 47  ASN A CB  1 
ATOM   318 N N   . THR A 1 48  ? 9.852   -12.367 -10.477 1.00 45.58 ? 48  THR A N   1 
ATOM   319 C CA  . THR A 1 48  ? 9.028   -12.782 -9.340  1.00 43.51 ? 48  THR A CA  1 
ATOM   320 C C   . THR A 1 48  ? 7.854   -13.545 -9.944  1.00 42.74 ? 48  THR A C   1 
ATOM   321 O O   . THR A 1 48  ? 7.616   -13.452 -11.153 1.00 40.13 ? 48  THR A O   1 
ATOM   322 C CB  . THR A 1 48  ? 8.530   -11.585 -8.456  1.00 42.30 ? 48  THR A CB  1 
ATOM   323 O OG1 . THR A 1 48  ? 7.521   -10.830 -9.147  1.00 39.62 ? 48  THR A OG1 1 
ATOM   324 C CG2 . THR A 1 48  ? 9.688   -10.669 -8.053  1.00 42.32 ? 48  THR A CG2 1 
ATOM   325 N N   . ILE A 1 49  ? 7.122   -14.296 -9.119  1.00 44.45 ? 49  ILE A N   1 
ATOM   326 C CA  . ILE A 1 49  ? 5.993   -15.096 -9.616  1.00 46.91 ? 49  ILE A CA  1 
ATOM   327 C C   . ILE A 1 49  ? 4.777   -14.253 -10.078 1.00 46.46 ? 49  ILE A C   1 
ATOM   328 O O   . ILE A 1 49  ? 3.850   -14.778 -10.711 1.00 47.67 ? 49  ILE A O   1 
ATOM   329 C CB  . ILE A 1 49  ? 5.559   -16.213 -8.607  1.00 47.08 ? 49  ILE A CB  1 
ATOM   330 C CG1 . ILE A 1 49  ? 4.965   -15.619 -7.327  1.00 46.98 ? 49  ILE A CG1 1 
ATOM   331 C CG2 . ILE A 1 49  ? 6.733   -17.174 -8.316  1.00 47.26 ? 49  ILE A CG2 1 
ATOM   332 C CD1 . ILE A 1 49  ? 4.291   -16.674 -6.395  1.00 48.87 ? 49  ILE A CD1 1 
ATOM   333 N N   . TYR A 1 50  ? 4.786   -12.956 -9.772  1.00 42.73 ? 50  TYR A N   1 
ATOM   334 C CA  . TYR A 1 50  ? 3.693   -12.064 -10.180 1.00 39.38 ? 50  TYR A CA  1 
ATOM   335 C C   . TYR A 1 50  ? 4.063   -11.195 -11.384 1.00 39.00 ? 50  TYR A C   1 
ATOM   336 O O   . TYR A 1 50  ? 3.345   -10.248 -11.713 1.00 35.32 ? 50  TYR A O   1 
ATOM   337 C CB  . TYR A 1 50  ? 3.269   -11.176 -9.003  1.00 37.44 ? 50  TYR A CB  1 
ATOM   338 C CG  . TYR A 1 50  ? 2.911   -11.967 -7.790  1.00 37.63 ? 50  TYR A CG  1 
ATOM   339 C CD1 . TYR A 1 50  ? 1.691   -12.654 -7.716  1.00 36.25 ? 50  TYR A CD1 1 
ATOM   340 C CD2 . TYR A 1 50  ? 3.805   -12.078 -6.725  1.00 36.87 ? 50  TYR A CD2 1 
ATOM   341 C CE1 . TYR A 1 50  ? 1.359   -13.413 -6.584  1.00 35.07 ? 50  TYR A CE1 1 
ATOM   342 C CE2 . TYR A 1 50  ? 3.490   -12.832 -5.597  1.00 37.89 ? 50  TYR A CE2 1 
ATOM   343 C CZ  . TYR A 1 50  ? 2.272   -13.498 -5.534  1.00 36.37 ? 50  TYR A CZ  1 
ATOM   344 O OH  . TYR A 1 50  ? 1.979   -14.242 -4.428  1.00 36.32 ? 50  TYR A OH  1 
ATOM   345 N N   . ALA A 1 51  ? 5.185   -11.514 -12.019 1.00 40.53 ? 51  ALA A N   1 
ATOM   346 C CA  . ALA A 1 51  ? 5.711   -10.750 -13.171 1.00 42.53 ? 51  ALA A CA  1 
ATOM   347 C C   . ALA A 1 51  ? 4.643   -10.312 -14.171 1.00 41.97 ? 51  ALA A C   1 
ATOM   348 O O   . ALA A 1 51  ? 3.869   -11.140 -14.666 1.00 41.92 ? 51  ALA A O   1 
ATOM   349 C CB  . ALA A 1 51  ? 6.824   -11.549 -13.888 1.00 44.90 ? 51  ALA A CB  1 
ATOM   350 N N   . ASN A 1 52  ? 4.597   -8.998  -14.432 1.00 40.26 ? 52  ASN A N   1 
ATOM   351 C CA  . ASN A 1 52  ? 3.703   -8.390  -15.426 1.00 43.59 ? 52  ASN A CA  1 
ATOM   352 C C   . ASN A 1 52  ? 2.210   -8.389  -15.077 1.00 44.15 ? 52  ASN A C   1 
ATOM   353 O O   . ASN A 1 52  ? 1.409   -7.829  -15.815 1.00 46.71 ? 52  ASN A O   1 
ATOM   354 C CB  . ASN A 1 52  ? 3.930   -9.023  -16.817 1.00 44.18 ? 52  ASN A CB  1 
ATOM   355 C CG  . ASN A 1 52  ? 5.249   -8.617  -17.429 1.00 45.83 ? 52  ASN A CG  1 
ATOM   356 O OD1 . ASN A 1 52  ? 6.165   -9.431  -17.552 1.00 45.76 ? 52  ASN A OD1 1 
ATOM   357 N ND2 . ASN A 1 52  ? 5.362   -7.343  -17.802 1.00 44.04 ? 52  ASN A ND2 1 
ATOM   358 N N   . GLU A 1 53  ? 1.843   -9.013  -13.959 1.00 41.54 ? 53  GLU A N   1 
ATOM   359 C CA  . GLU A 1 53  ? 0.454   -9.007  -13.499 1.00 40.66 ? 53  GLU A CA  1 
ATOM   360 C C   . GLU A 1 53  ? 0.152   -7.681  -12.782 1.00 36.98 ? 53  GLU A C   1 
ATOM   361 O O   . GLU A 1 53  ? 0.987   -7.169  -12.047 1.00 38.82 ? 53  GLU A O   1 
ATOM   362 C CB  . GLU A 1 53  ? 0.175   -10.217 -12.584 1.00 41.50 ? 53  GLU A CB  1 
ATOM   363 C CG  . GLU A 1 53  ? 0.540   -11.580 -13.218 1.00 42.38 ? 53  GLU A CG  1 
ATOM   364 C CD  . GLU A 1 53  ? 0.242   -12.766 -12.326 1.00 44.05 ? 53  GLU A CD  1 
ATOM   365 O OE1 . GLU A 1 53  ? 0.203   -12.617 -11.086 1.00 43.74 ? 53  GLU A OE1 1 
ATOM   366 O OE2 . GLU A 1 53  ? 0.051   -13.872 -12.869 1.00 47.37 ? 53  GLU A OE2 1 
ATOM   367 N N   . VAL A 1 54  ? -1.043  -7.136  -12.988 1.00 33.29 ? 54  VAL A N   1 
ATOM   368 C CA  . VAL A 1 54  ? -1.400  -5.861  -12.382 1.00 34.72 ? 54  VAL A CA  1 
ATOM   369 C C   . VAL A 1 54  ? -2.198  -6.100  -11.127 1.00 35.86 ? 54  VAL A C   1 
ATOM   370 O O   . VAL A 1 54  ? -3.161  -6.872  -11.145 1.00 34.59 ? 54  VAL A O   1 
ATOM   371 C CB  . VAL A 1 54  ? -2.176  -4.946  -13.369 1.00 35.03 ? 54  VAL A CB  1 
ATOM   372 C CG1 . VAL A 1 54  ? -2.738  -3.685  -12.672 1.00 31.05 ? 54  VAL A CG1 1 
ATOM   373 C CG2 . VAL A 1 54  ? -1.281  -4.572  -14.556 1.00 34.84 ? 54  VAL A CG2 1 
ATOM   374 N N   . TYR A 1 55  ? -1.766  -5.469  -10.026 1.00 30.60 ? 55  TYR A N   1 
ATOM   375 C CA  . TYR A 1 55  ? -2.515  -5.486  -8.773  1.00 32.54 ? 55  TYR A CA  1 
ATOM   376 C C   . TYR A 1 55  ? -2.727  -4.071  -8.266  1.00 30.25 ? 55  TYR A C   1 
ATOM   377 O O   . TYR A 1 55  ? -1.884  -3.187  -8.460  1.00 33.28 ? 55  TYR A O   1 
ATOM   378 C CB  . TYR A 1 55  ? -1.836  -6.403  -7.713  1.00 31.92 ? 55  TYR A CB  1 
ATOM   379 C CG  . TYR A 1 55  ? -1.744  -7.824  -8.196  1.00 34.78 ? 55  TYR A CG  1 
ATOM   380 C CD1 . TYR A 1 55  ? -2.875  -8.661  -8.182  1.00 35.44 ? 55  TYR A CD1 1 
ATOM   381 C CD2 . TYR A 1 55  ? -0.551  -8.331  -8.728  1.00 34.68 ? 55  TYR A CD2 1 
ATOM   382 C CE1 . TYR A 1 55  ? -2.804  -9.974  -8.671  1.00 35.89 ? 55  TYR A CE1 1 
ATOM   383 C CE2 . TYR A 1 55  ? -0.472  -9.640  -9.207  1.00 34.73 ? 55  TYR A CE2 1 
ATOM   384 C CZ  . TYR A 1 55  ? -1.604  -10.443 -9.180  1.00 35.03 ? 55  TYR A CZ  1 
ATOM   385 O OH  . TYR A 1 55  ? -1.535  -11.712 -9.641  1.00 36.88 ? 55  TYR A OH  1 
ATOM   386 N N   . LYS A 1 56  ? -3.861  -3.854  -7.626  1.00 29.42 ? 56  LYS A N   1 
ATOM   387 C CA  . LYS A 1 56  ? -4.214  -2.546  -7.113  1.00 27.14 ? 56  LYS A CA  1 
ATOM   388 C C   . LYS A 1 56  ? -4.444  -2.608  -5.619  1.00 29.88 ? 56  LYS A C   1 
ATOM   389 O O   . LYS A 1 56  ? -5.186  -3.442  -5.126  1.00 29.68 ? 56  LYS A O   1 
ATOM   390 C CB  . LYS A 1 56  ? -5.411  -1.941  -7.851  1.00 32.76 ? 56  LYS A CB  1 
ATOM   391 C CG  . LYS A 1 56  ? -4.989  -1.371  -9.205  1.00 36.50 ? 56  LYS A CG  1 
ATOM   392 C CD  . LYS A 1 56  ? -6.085  -0.655  -9.913  1.00 39.64 ? 56  LYS A CD  1 
ATOM   393 C CE  . LYS A 1 56  ? -5.528  -0.029  -11.202 1.00 42.17 ? 56  LYS A CE  1 
ATOM   394 N NZ  . LYS A 1 56  ? -6.590  0.538   -12.062 1.00 43.47 ? 56  LYS A NZ  1 
ATOM   395 N N   . LEU A 1 57  ? -3.798  -1.697  -4.918  1.00 24.43 ? 57  LEU A N   1 
ATOM   396 C CA  . LEU A 1 57  ? -3.839  -1.634  -3.462  1.00 27.38 ? 57  LEU A CA  1 
ATOM   397 C C   . LEU A 1 57  ? -4.637  -0.400  -3.052  1.00 25.52 ? 57  LEU A C   1 
ATOM   398 O O   . LEU A 1 57  ? -4.297  0.762   -3.431  1.00 28.06 ? 57  LEU A O   1 
ATOM   399 C CB  . LEU A 1 57  ? -2.384  -1.520  -2.978  1.00 30.90 ? 57  LEU A CB  1 
ATOM   400 C CG  . LEU A 1 57  ? -1.776  -2.014  -1.686  1.00 36.66 ? 57  LEU A CG  1 
ATOM   401 C CD1 . LEU A 1 57  ? -2.077  -3.490  -1.395  1.00 33.02 ? 57  LEU A CD1 1 
ATOM   402 C CD2 . LEU A 1 57  ? -0.246  -1.785  -1.761  1.00 34.15 ? 57  LEU A CD2 1 
ATOM   403 N N   . LYS A 1 58  ? -5.686  -0.614  -2.279  1.00 21.30 ? 58  LYS A N   1 
ATOM   404 C CA  . LYS A 1 58  ? -6.466  0.511   -1.762  1.00 22.39 ? 58  LYS A CA  1 
ATOM   405 C C   . LYS A 1 58  ? -5.954  0.893   -0.372  1.00 24.58 ? 58  LYS A C   1 
ATOM   406 O O   . LYS A 1 58  ? -5.744  0.020   0.476   1.00 23.14 ? 58  LYS A O   1 
ATOM   407 C CB  . LYS A 1 58  ? -7.946  0.209   -1.722  1.00 26.17 ? 58  LYS A CB  1 
ATOM   408 C CG  . LYS A 1 58  ? -8.747  1.427   -1.280  1.00 28.11 ? 58  LYS A CG  1 
ATOM   409 C CD  . LYS A 1 58  ? -10.203 1.342   -1.804  1.00 34.95 ? 58  LYS A CD  1 
ATOM   410 C CE  . LYS A 1 58  ? -11.142 2.047   -0.848  1.00 34.60 ? 58  LYS A CE  1 
ATOM   411 N NZ  . LYS A 1 58  ? -12.598 1.904   -1.299  1.00 38.75 ? 58  LYS A NZ  1 
ATOM   412 N N   . ILE A 1 59  ? -5.758  2.183   -0.169  1.00 23.06 ? 59  ILE A N   1 
ATOM   413 C CA  . ILE A 1 59  ? -5.210  2.728   1.056   1.00 22.14 ? 59  ILE A CA  1 
ATOM   414 C C   . ILE A 1 59  ? -6.174  3.736   1.647   1.00 25.10 ? 59  ILE A C   1 
ATOM   415 O O   . ILE A 1 59  ? -6.501  4.728   1.021   1.00 25.72 ? 59  ILE A O   1 
ATOM   416 C CB  . ILE A 1 59  ? -3.807  3.351   0.848   1.00 20.70 ? 59  ILE A CB  1 
ATOM   417 C CG1 . ILE A 1 59  ? -2.806  2.294   0.330   1.00 21.89 ? 59  ILE A CG1 1 
ATOM   418 C CG2 . ILE A 1 59  ? -3.287  3.947   2.182   1.00 20.42 ? 59  ILE A CG2 1 
ATOM   419 C CD1 . ILE A 1 59  ? -1.539  2.924   -0.265  1.00 24.98 ? 59  ILE A CD1 1 
ATOM   420 N N   . ILE A 1 60  ? -6.660  3.454   2.855   1.00 22.95 ? 60  ILE A N   1 
ATOM   421 C CA  . ILE A 1 60  ? -7.587  4.367   3.523   1.00 22.29 ? 60  ILE A CA  1 
ATOM   422 C C   . ILE A 1 60  ? -6.983  4.940   4.775   1.00 25.40 ? 60  ILE A C   1 
ATOM   423 O O   . ILE A 1 60  ? -6.595  4.192   5.698   1.00 24.50 ? 60  ILE A O   1 
ATOM   424 C CB  . ILE A 1 60  ? -8.924  3.655   3.889   1.00 27.29 ? 60  ILE A CB  1 
ATOM   425 C CG1 . ILE A 1 60  ? -9.516  2.943   2.671   1.00 29.51 ? 60  ILE A CG1 1 
ATOM   426 C CG2 . ILE A 1 60  ? -9.921  4.659   4.508   1.00 30.74 ? 60  ILE A CG2 1 
ATOM   427 C CD1 . ILE A 1 60  ? -10.538 1.910   2.992   1.00 36.12 ? 60  ILE A CD1 1 
ATOM   428 N N   . PHE A 1 61  ? -6.913  6.260   4.835   1.00 21.48 ? 61  PHE A N   1 
ATOM   429 C CA  . PHE A 1 61  ? -6.412  6.943   6.033   1.00 22.26 ? 61  PHE A CA  1 
ATOM   430 C C   . PHE A 1 61  ? -7.559  7.225   7.011   1.00 24.97 ? 61  PHE A C   1 
ATOM   431 O O   . PHE A 1 61  ? -8.472  8.000   6.676   1.00 29.21 ? 61  PHE A O   1 
ATOM   432 C CB  . PHE A 1 61  ? -5.762  8.257   5.669   1.00 22.20 ? 61  PHE A CB  1 
ATOM   433 C CG  . PHE A 1 61  ? -4.603  8.118   4.748   1.00 23.20 ? 61  PHE A CG  1 
ATOM   434 C CD1 . PHE A 1 61  ? -3.304  7.937   5.251   1.00 22.19 ? 61  PHE A CD1 1 
ATOM   435 C CD2 . PHE A 1 61  ? -4.795  8.159   3.358   1.00 25.11 ? 61  PHE A CD2 1 
ATOM   436 C CE1 . PHE A 1 61  ? -2.215  7.807   4.371   1.00 24.26 ? 61  PHE A CE1 1 
ATOM   437 C CE2 . PHE A 1 61  ? -3.703  8.018   2.479   1.00 26.68 ? 61  PHE A CE2 1 
ATOM   438 C CZ  . PHE A 1 61  ? -2.425  7.839   2.991   1.00 23.49 ? 61  PHE A CZ  1 
ATOM   439 N N   . PRO A 1 62  ? -7.524  6.581   8.206   1.00 24.95 ? 62  PRO A N   1 
ATOM   440 C CA  . PRO A 1 62  ? -8.563  6.787   9.204   1.00 29.64 ? 62  PRO A CA  1 
ATOM   441 C C   . PRO A 1 62  ? -8.449  8.169   9.846   1.00 32.48 ? 62  PRO A C   1 
ATOM   442 O O   . PRO A 1 62  ? -7.419  8.851   9.726   1.00 28.85 ? 62  PRO A O   1 
ATOM   443 C CB  . PRO A 1 62  ? -8.300  5.665   10.221  1.00 29.01 ? 62  PRO A CB  1 
ATOM   444 C CG  . PRO A 1 62  ? -6.816  5.445   10.147  1.00 27.37 ? 62  PRO A CG  1 
ATOM   445 C CD  . PRO A 1 62  ? -6.505  5.604   8.668   1.00 23.12 ? 62  PRO A CD  1 
ATOM   446 N N   . ASP A 1 63  ? -9.513  8.580   10.518  1.00 35.97 ? 63  ASP A N   1 
ATOM   447 C CA  . ASP A 1 63  ? -9.546  9.872   11.161  1.00 39.07 ? 63  ASP A CA  1 
ATOM   448 C C   . ASP A 1 63  ? -8.400  10.100  12.175  1.00 38.92 ? 63  ASP A C   1 
ATOM   449 O O   . ASP A 1 63  ? -7.964  11.250  12.377  1.00 40.32 ? 63  ASP A O   1 
ATOM   450 C CB  . ASP A 1 63  ? -10.900 10.075  11.845  1.00 44.45 ? 63  ASP A CB  1 
ATOM   451 C CG  . ASP A 1 63  ? -11.237 11.529  12.012  1.00 48.10 ? 63  ASP A CG  1 
ATOM   452 O OD1 . ASP A 1 63  ? -11.272 12.252  10.984  1.00 51.12 ? 63  ASP A OD1 1 
ATOM   453 O OD2 . ASP A 1 63  ? -11.467 11.956  13.160  1.00 49.81 ? 63  ASP A OD2 1 
ATOM   454 N N   . ASP A 1 64  ? -7.941  9.023   12.812  1.00 37.11 ? 64  ASP A N   1 
ATOM   455 C CA  . ASP A 1 64  ? -6.847  9.090   13.800  1.00 37.36 ? 64  ASP A CA  1 
ATOM   456 C C   . ASP A 1 64  ? -5.448  8.891   13.194  1.00 34.99 ? 64  ASP A C   1 
ATOM   457 O O   . ASP A 1 64  ? -4.448  8.790   13.936  1.00 33.68 ? 64  ASP A O   1 
ATOM   458 C CB  . ASP A 1 64  ? -7.068  8.057   14.917  1.00 39.79 ? 64  ASP A CB  1 
ATOM   459 C CG  . ASP A 1 64  ? -8.132  8.476   15.905  1.00 46.11 ? 64  ASP A CG  1 
ATOM   460 O OD1 . ASP A 1 64  ? -8.788  9.518   15.692  1.00 44.69 ? 64  ASP A OD1 1 
ATOM   461 O OD2 . ASP A 1 64  ? -8.308  7.761   16.918  1.00 48.74 ? 64  ASP A OD2 1 
ATOM   462 N N   . TYR A 1 65  ? -5.374  8.823   11.858  1.00 28.77 ? 65  TYR A N   1 
ATOM   463 C CA  . TYR A 1 65  ? -4.077  8.751   11.178  1.00 28.51 ? 65  TYR A CA  1 
ATOM   464 C C   . TYR A 1 65  ? -3.249  10.002  11.566  1.00 28.29 ? 65  TYR A C   1 
ATOM   465 O O   . TYR A 1 65  ? -3.786  11.127  11.584  1.00 30.94 ? 65  TYR A O   1 
ATOM   466 C CB  . TYR A 1 65  ? -4.258  8.654   9.639   1.00 25.82 ? 65  TYR A CB  1 
ATOM   467 C CG  . TYR A 1 65  ? -2.950  8.510   8.910   1.00 24.55 ? 65  TYR A CG  1 
ATOM   468 C CD1 . TYR A 1 65  ? -2.279  7.297   8.894   1.00 23.02 ? 65  TYR A CD1 1 
ATOM   469 C CD2 . TYR A 1 65  ? -2.385  9.606   8.207   1.00 26.35 ? 65  TYR A CD2 1 
ATOM   470 C CE1 . TYR A 1 65  ? -1.041  7.169   8.231   1.00 21.39 ? 65  TYR A CE1 1 
ATOM   471 C CE2 . TYR A 1 65  ? -1.118  9.486   7.543   1.00 24.44 ? 65  TYR A CE2 1 
ATOM   472 C CZ  . TYR A 1 65  ? -0.471  8.276   7.576   1.00 24.23 ? 65  TYR A CZ  1 
ATOM   473 O OH  . TYR A 1 65  ? 0.746   8.102   6.955   1.00 25.95 ? 65  TYR A OH  1 
ATOM   474 N N   . PRO A 1 66  ? -1.930  9.837   11.821  1.00 29.99 ? 66  PRO A N   1 
ATOM   475 C CA  . PRO A 1 66  ? -1.052  8.688   11.701  1.00 26.99 ? 66  PRO A CA  1 
ATOM   476 C C   . PRO A 1 66  ? -0.881  7.795   12.947  1.00 26.16 ? 66  PRO A C   1 
ATOM   477 O O   . PRO A 1 66  ? -0.189  6.786   12.869  1.00 27.93 ? 66  PRO A O   1 
ATOM   478 C CB  . PRO A 1 66  ? 0.294   9.339   11.363  1.00 30.50 ? 66  PRO A CB  1 
ATOM   479 C CG  . PRO A 1 66  ? 0.266   10.662  12.091  1.00 30.06 ? 66  PRO A CG  1 
ATOM   480 C CD  . PRO A 1 66  ? -1.185  11.040  12.259  1.00 32.25 ? 66  PRO A CD  1 
ATOM   481 N N   . LEU A 1 67  ? -1.493  8.152   14.070  1.00 26.75 ? 67  LEU A N   1 
ATOM   482 C CA  . LEU A 1 67  ? -1.370  7.324   15.289  1.00 26.67 ? 67  LEU A CA  1 
ATOM   483 C C   . LEU A 1 67  ? -2.034  5.976   15.055  1.00 26.41 ? 67  LEU A C   1 
ATOM   484 O O   . LEU A 1 67  ? -1.558  4.947   15.496  1.00 26.69 ? 67  LEU A O   1 
ATOM   485 C CB  . LEU A 1 67  ? -1.961  8.053   16.507  1.00 30.09 ? 67  LEU A CB  1 
ATOM   486 C CG  . LEU A 1 67  ? -1.108  9.238   16.992  1.00 33.14 ? 67  LEU A CG  1 
ATOM   487 C CD1 . LEU A 1 67  ? -1.656  9.717   18.331  1.00 35.57 ? 67  LEU A CD1 1 
ATOM   488 C CD2 . LEU A 1 67  ? 0.389   8.896   17.133  1.00 32.50 ? 67  LEU A CD2 1 
ATOM   489 N N   . LYS A 1 68  ? -3.123  5.996   14.315  1.00 28.04 ? 68  LYS A N   1 
ATOM   490 C CA  . LYS A 1 68  ? -3.722  4.771   13.846  1.00 33.18 ? 68  LYS A CA  1 
ATOM   491 C C   . LYS A 1 68  ? -3.227  4.513   12.408  1.00 30.75 ? 68  LYS A C   1 
ATOM   492 O O   . LYS A 1 68  ? -3.084  5.462   11.605  1.00 28.60 ? 68  LYS A O   1 
ATOM   493 C CB  . LYS A 1 68  ? -5.250  4.821   13.971  1.00 38.62 ? 68  LYS A CB  1 
ATOM   494 C CG  . LYS A 1 68  ? -5.786  4.392   15.369  1.00 44.59 ? 68  LYS A CG  1 
ATOM   495 C CD  . LYS A 1 68  ? -5.149  5.160   16.548  1.00 47.68 ? 68  LYS A CD  1 
ATOM   496 C CE  . LYS A 1 68  ? -5.403  4.454   17.905  1.00 46.16 ? 68  LYS A CE  1 
ATOM   497 N NZ  . LYS A 1 68  ? -4.566  5.016   19.056  1.00 49.87 ? 68  LYS A NZ  1 
ATOM   498 N N   . PRO A 1 69  ? -2.925  3.239   12.094  1.00 29.24 ? 69  PRO A N   1 
ATOM   499 C CA  . PRO A 1 69  ? -2.363  2.891   10.796  1.00 28.20 ? 69  PRO A CA  1 
ATOM   500 C C   . PRO A 1 69  ? -3.361  3.042   9.643   1.00 27.19 ? 69  PRO A C   1 
ATOM   501 O O   . PRO A 1 69  ? -4.600  2.992   9.869   1.00 23.84 ? 69  PRO A O   1 
ATOM   502 C CB  . PRO A 1 69  ? -1.963  1.412   10.972  1.00 29.22 ? 69  PRO A CB  1 
ATOM   503 C CG  . PRO A 1 69  ? -2.857  0.900   12.087  1.00 26.57 ? 69  PRO A CG  1 
ATOM   504 C CD  . PRO A 1 69  ? -3.059  2.063   12.983  1.00 27.80 ? 69  PRO A CD  1 
ATOM   505 N N   . PRO A 1 70  ? -2.846  3.216   8.405   1.00 27.74 ? 70  PRO A N   1 
ATOM   506 C CA  . PRO A 1 70  ? -3.814  3.260   7.306   1.00 27.15 ? 70  PRO A CA  1 
ATOM   507 C C   . PRO A 1 70  ? -4.396  1.861   7.142   1.00 24.71 ? 70  PRO A C   1 
ATOM   508 O O   . PRO A 1 70  ? -3.761  0.867   7.559   1.00 24.36 ? 70  PRO A O   1 
ATOM   509 C CB  . PRO A 1 70  ? -2.948  3.632   6.088   1.00 28.55 ? 70  PRO A CB  1 
ATOM   510 C CG  . PRO A 1 70  ? -1.566  3.149   6.443   1.00 29.28 ? 70  PRO A CG  1 
ATOM   511 C CD  . PRO A 1 70  ? -1.441  3.334   7.933   1.00 29.07 ? 70  PRO A CD  1 
ATOM   512 N N   . ILE A 1 71  ? -5.598  1.764   6.606   1.00 24.74 ? 71  ILE A N   1 
ATOM   513 C CA  . ILE A 1 71  ? -6.135  0.452   6.240   1.00 27.41 ? 71  ILE A CA  1 
ATOM   514 C C   . ILE A 1 71  ? -5.697  0.200   4.787   1.00 26.53 ? 71  ILE A C   1 
ATOM   515 O O   . ILE A 1 71  ? -5.879  1.083   3.906   1.00 25.48 ? 71  ILE A O   1 
ATOM   516 C CB  . ILE A 1 71  ? -7.668  0.432   6.386   1.00 31.63 ? 71  ILE A CB  1 
ATOM   517 C CG1 . ILE A 1 71  ? -8.051  0.483   7.878   1.00 36.83 ? 71  ILE A CG1 1 
ATOM   518 C CG2 . ILE A 1 71  ? -8.254  -0.814  5.676   1.00 32.66 ? 71  ILE A CG2 1 
ATOM   519 C CD1 . ILE A 1 71  ? -9.277  1.332   8.190   1.00 36.80 ? 71  ILE A CD1 1 
ATOM   520 N N   . VAL A 1 72  ? -5.105  -0.972  4.527   1.00 23.34 ? 72  VAL A N   1 
ATOM   521 C CA  . VAL A 1 72  ? -4.531  -1.279  3.179   1.00 27.04 ? 72  VAL A CA  1 
ATOM   522 C C   . VAL A 1 72  ? -4.918  -2.676  2.766   1.00 32.85 ? 72  VAL A C   1 
ATOM   523 O O   . VAL A 1 72  ? -4.671  -3.651  3.519   1.00 35.96 ? 72  VAL A O   1 
ATOM   524 C CB  . VAL A 1 72  ? -2.964  -1.152  3.172   1.00 27.79 ? 72  VAL A CB  1 
ATOM   525 C CG1 . VAL A 1 72  ? -2.362  -1.444  1.784   1.00 30.71 ? 72  VAL A CG1 1 
ATOM   526 C CG2 . VAL A 1 72  ? -2.539  0.200   3.597   1.00 25.95 ? 72  VAL A CG2 1 
ATOM   527 N N   . TYR A 1 73  ? -5.529  -2.797  1.585   1.00 26.37 ? 73  TYR A N   1 
ATOM   528 C CA  . TYR A 1 73  ? -5.874  -4.101  1.059   1.00 28.88 ? 73  TYR A CA  1 
ATOM   529 C C   . TYR A 1 73  ? -5.888  -4.100  -0.471  1.00 29.56 ? 73  TYR A C   1 
ATOM   530 O O   . TYR A 1 73  ? -6.047  -3.038  -1.097  1.00 29.86 ? 73  TYR A O   1 
ATOM   531 C CB  . TYR A 1 73  ? -7.224  -4.574  1.634   1.00 30.32 ? 73  TYR A CB  1 
ATOM   532 C CG  . TYR A 1 73  ? -8.404  -3.721  1.244   1.00 29.79 ? 73  TYR A CG  1 
ATOM   533 C CD1 . TYR A 1 73  ? -9.162  -4.022  0.109   1.00 31.54 ? 73  TYR A CD1 1 
ATOM   534 C CD2 . TYR A 1 73  ? -8.755  -2.593  2.005   1.00 31.65 ? 73  TYR A CD2 1 
ATOM   535 C CE1 . TYR A 1 73  ? -10.233 -3.234  -0.262  1.00 32.64 ? 73  TYR A CE1 1 
ATOM   536 C CE2 . TYR A 1 73  ? -9.856  -1.793  1.648   1.00 32.68 ? 73  TYR A CE2 1 
ATOM   537 C CZ  . TYR A 1 73  ? -10.585 -2.127  0.517   1.00 31.98 ? 73  TYR A CZ  1 
ATOM   538 O OH  . TYR A 1 73  ? -11.667 -1.362  0.163   1.00 34.48 ? 73  TYR A OH  1 
ATOM   539 N N   . PHE A 1 74  ? -5.729  -5.285  -1.059  1.00 26.20 ? 74  PHE A N   1 
ATOM   540 C CA  . PHE A 1 74  ? -5.731  -5.428  -2.522  1.00 27.34 ? 74  PHE A CA  1 
ATOM   541 C C   . PHE A 1 74  ? -7.137  -5.451  -3.102  1.00 30.82 ? 74  PHE A C   1 
ATOM   542 O O   . PHE A 1 74  ? -8.051  -6.088  -2.539  1.00 28.55 ? 74  PHE A O   1 
ATOM   543 C CB  . PHE A 1 74  ? -5.028  -6.698  -2.928  1.00 30.18 ? 74  PHE A CB  1 
ATOM   544 C CG  . PHE A 1 74  ? -3.536  -6.623  -2.834  1.00 31.34 ? 74  PHE A CG  1 
ATOM   545 C CD1 . PHE A 1 74  ? -2.786  -6.068  -3.890  1.00 31.56 ? 74  PHE A CD1 1 
ATOM   546 C CD2 . PHE A 1 74  ? -2.867  -7.115  -1.707  1.00 29.73 ? 74  PHE A CD2 1 
ATOM   547 C CE1 . PHE A 1 74  ? -1.379  -6.000  -3.813  1.00 30.61 ? 74  PHE A CE1 1 
ATOM   548 C CE2 . PHE A 1 74  ? -1.481  -7.054  -1.625  1.00 31.61 ? 74  PHE A CE2 1 
ATOM   549 C CZ  . PHE A 1 74  ? -0.733  -6.492  -2.696  1.00 30.46 ? 74  PHE A CZ  1 
ATOM   550 N N   . LEU A 1 75  ? -7.319  -4.758  -4.230  1.00 29.18 ? 75  LEU A N   1 
ATOM   551 C CA  . LEU A 1 75  ? -8.590  -4.802  -4.937  1.00 30.23 ? 75  LEU A CA  1 
ATOM   552 C C   . LEU A 1 75  ? -8.684  -6.140  -5.640  1.00 26.68 ? 75  LEU A C   1 
ATOM   553 O O   . LEU A 1 75  ? -7.683  -6.867  -5.738  1.00 30.01 ? 75  LEU A O   1 
ATOM   554 C CB  . LEU A 1 75  ? -8.734  -3.610  -5.900  1.00 31.32 ? 75  LEU A CB  1 
ATOM   555 C CG  . LEU A 1 75  ? -8.793  -2.230  -5.216  1.00 30.71 ? 75  LEU A CG  1 
ATOM   556 C CD1 . LEU A 1 75  ? -8.962  -1.137  -6.244  1.00 30.30 ? 75  LEU A CD1 1 
ATOM   557 C CD2 . LEU A 1 75  ? -9.899  -2.140  -4.142  1.00 32.53 ? 75  LEU A CD2 1 
ATOM   558 N N   . GLN A 1 76  ? -9.876  -6.503  -6.098  1.00 31.65 ? 76  GLN A N   1 
ATOM   559 C CA  . GLN A 1 76  ? -10.085 -7.782  -6.761  1.00 30.88 ? 76  GLN A CA  1 
ATOM   560 C C   . GLN A 1 76  ? -9.519  -7.760  -8.171  1.00 30.71 ? 76  GLN A C   1 
ATOM   561 O O   . GLN A 1 76  ? -9.654  -6.745  -8.837  1.00 33.65 ? 76  GLN A O   1 
ATOM   562 C CB  . GLN A 1 76  ? -11.603 -8.115  -6.776  1.00 33.29 ? 76  GLN A CB  1 
ATOM   563 C CG  . GLN A 1 76  ? -12.180 -8.420  -5.375  1.00 33.56 ? 76  GLN A CG  1 
ATOM   564 C CD  . GLN A 1 76  ? -11.546 -9.668  -4.759  1.00 33.97 ? 76  GLN A CD  1 
ATOM   565 O OE1 . GLN A 1 76  ? -11.503 -10.727 -5.392  1.00 31.81 ? 76  GLN A OE1 1 
ATOM   566 N NE2 . GLN A 1 76  ? -11.027 -9.539  -3.522  1.00 33.19 ? 76  GLN A NE2 1 
ATOM   567 N N   . LYS A 1 77  ? -8.839  -8.827  -8.636  1.00 32.00 ? 77  LYS A N   1 
ATOM   568 C CA  . LYS A 1 77  ? -8.490  -10.031 -7.856  1.00 31.25 ? 77  LYS A CA  1 
ATOM   569 C C   . LYS A 1 77  ? -7.171  -9.813  -7.130  1.00 32.08 ? 77  LYS A C   1 
ATOM   570 O O   . LYS A 1 77  ? -6.223  -9.297  -7.720  1.00 26.41 ? 77  LYS A O   1 
ATOM   571 C CB  . LYS A 1 77  ? -8.284  -11.246 -8.770  1.00 33.25 ? 77  LYS A CB  1 
ATOM   572 C CG  . LYS A 1 77  ? -9.509  -11.780 -9.504  1.00 34.37 ? 77  LYS A CG  1 
ATOM   573 C CD  . LYS A 1 77  ? -10.512 -12.351 -8.547  1.00 35.92 ? 77  LYS A CD  1 
ATOM   574 C CE  . LYS A 1 77  ? -11.327 -13.465 -9.241  1.00 37.03 ? 77  LYS A CE  1 
ATOM   575 N NZ  . LYS A 1 77  ? -12.667 -13.640 -8.561  1.00 38.18 ? 77  LYS A NZ  1 
ATOM   576 N N   . PRO A 1 78  ? -7.087  -10.244 -5.851  1.00 30.78 ? 78  PRO A N   1 
ATOM   577 C CA  . PRO A 1 78  ? -5.801  -10.031 -5.199  1.00 28.06 ? 78  PRO A CA  1 
ATOM   578 C C   . PRO A 1 78  ? -4.721  -11.064 -5.623  1.00 31.70 ? 78  PRO A C   1 
ATOM   579 O O   . PRO A 1 78  ? -5.054  -12.178 -6.120  1.00 29.75 ? 78  PRO A O   1 
ATOM   580 C CB  . PRO A 1 78  ? -6.136  -10.123 -3.717  1.00 29.01 ? 78  PRO A CB  1 
ATOM   581 C CG  . PRO A 1 78  ? -7.390  -11.007 -3.636  1.00 31.37 ? 78  PRO A CG  1 
ATOM   582 C CD  . PRO A 1 78  ? -8.085  -10.897 -4.974  1.00 28.95 ? 78  PRO A CD  1 
ATOM   583 N N   . PRO A 1 79  ? -3.431  -10.721 -5.399  1.00 30.23 ? 79  PRO A N   1 
ATOM   584 C CA  . PRO A 1 79  ? -2.389  -11.678 -5.700  1.00 30.72 ? 79  PRO A CA  1 
ATOM   585 C C   . PRO A 1 79  ? -2.651  -12.882 -4.836  1.00 30.94 ? 79  PRO A C   1 
ATOM   586 O O   . PRO A 1 79  ? -3.161  -12.735 -3.722  1.00 31.88 ? 79  PRO A O   1 
ATOM   587 C CB  . PRO A 1 79  ? -1.096  -10.957 -5.266  1.00 31.49 ? 79  PRO A CB  1 
ATOM   588 C CG  . PRO A 1 79  ? -1.539  -9.829  -4.383  1.00 30.16 ? 79  PRO A CG  1 
ATOM   589 C CD  . PRO A 1 79  ? -2.895  -9.450  -4.851  1.00 30.93 ? 79  PRO A CD  1 
ATOM   590 N N   . LYS A 1 80  ? -2.354  -14.061 -5.352  1.00 30.31 ? 80  LYS A N   1 
ATOM   591 C CA  . LYS A 1 80  ? -2.494  -15.278 -4.567  1.00 30.19 ? 80  LYS A CA  1 
ATOM   592 C C   . LYS A 1 80  ? -1.233  -15.432 -3.793  1.00 30.21 ? 80  LYS A C   1 
ATOM   593 O O   . LYS A 1 80  ? -0.155  -15.611 -4.388  1.00 28.06 ? 80  LYS A O   1 
ATOM   594 C CB  . LYS A 1 80  ? -2.763  -16.486 -5.481  1.00 37.14 ? 80  LYS A CB  1 
ATOM   595 C CG  . LYS A 1 80  ? -4.220  -16.571 -5.882  1.00 38.83 ? 80  LYS A CG  1 
ATOM   596 C CD  . LYS A 1 80  ? -4.524  -17.772 -6.714  1.00 43.35 ? 80  LYS A CD  1 
ATOM   597 C CE  . LYS A 1 80  ? -6.040  -17.880 -6.970  1.00 45.59 ? 80  LYS A CE  1 
ATOM   598 N NZ  . LYS A 1 80  ? -6.885  -17.984 -5.694  1.00 44.34 ? 80  LYS A NZ  1 
ATOM   599 N N   . HIS A 1 81  ? -1.375  -15.318 -2.460  1.00 28.93 ? 81  HIS A N   1 
ATOM   600 C CA  . HIS A 1 81  ? -0.264  -15.294 -1.526  1.00 30.69 ? 81  HIS A CA  1 
ATOM   601 C C   . HIS A 1 81  ? -0.747  -15.722 -0.150  1.00 30.56 ? 81  HIS A C   1 
ATOM   602 O O   . HIS A 1 81  ? -1.867  -15.400 0.268   1.00 27.97 ? 81  HIS A O   1 
ATOM   603 C CB  . HIS A 1 81  ? 0.328   -13.860 -1.462  1.00 29.53 ? 81  HIS A CB  1 
ATOM   604 C CG  . HIS A 1 81  ? 1.655   -13.782 -0.780  1.00 29.32 ? 81  HIS A CG  1 
ATOM   605 N ND1 . HIS A 1 81  ? 1.782   -13.689 0.591   1.00 31.69 ? 81  HIS A ND1 1 
ATOM   606 C CD2 . HIS A 1 81  ? 2.909   -13.807 -1.276  1.00 28.99 ? 81  HIS A CD2 1 
ATOM   607 C CE1 . HIS A 1 81  ? 3.064   -13.645 0.906   1.00 30.76 ? 81  HIS A CE1 1 
ATOM   608 N NE2 . HIS A 1 81  ? 3.768   -13.720 -0.207  1.00 32.82 ? 81  HIS A NE2 1 
ATOM   609 N N   . THR A 1 82  ? 0.116   -16.431 0.572   1.00 31.86 ? 82  THR A N   1 
ATOM   610 C CA  . THR A 1 82  ? -0.191  -16.909 1.924   1.00 33.88 ? 82  THR A CA  1 
ATOM   611 C C   . THR A 1 82  ? -0.696  -15.815 2.865   1.00 30.54 ? 82  THR A C   1 
ATOM   612 O O   . THR A 1 82  ? -1.589  -16.054 3.671   1.00 31.35 ? 82  THR A O   1 
ATOM   613 C CB  . THR A 1 82  ? 1.060   -17.626 2.543   1.00 36.64 ? 82  THR A CB  1 
ATOM   614 O OG1 . THR A 1 82  ? 1.227   -18.890 1.901   1.00 44.18 ? 82  THR A OG1 1 
ATOM   615 C CG2 . THR A 1 82  ? 0.912   -17.871 4.058   1.00 42.57 ? 82  THR A CG2 1 
ATOM   616 N N   . HIS A 1 83  ? -0.131  -14.610 2.745   1.00 29.79 ? 83  HIS A N   1 
ATOM   617 C CA  . HIS A 1 83  ? -0.484  -13.470 3.615   1.00 29.52 ? 83  HIS A CA  1 
ATOM   618 C C   . HIS A 1 83  ? -1.472  -12.475 2.994   1.00 31.72 ? 83  HIS A C   1 
ATOM   619 O O   . HIS A 1 83  ? -1.634  -11.337 3.485   1.00 31.33 ? 83  HIS A O   1 
ATOM   620 C CB  . HIS A 1 83  ? 0.782   -12.720 4.039   1.00 30.91 ? 83  HIS A CB  1 
ATOM   621 C CG  . HIS A 1 83  ? 1.698   -13.539 4.876   1.00 34.76 ? 83  HIS A CG  1 
ATOM   622 N ND1 . HIS A 1 83  ? 1.289   -14.141 6.042   1.00 40.25 ? 83  HIS A ND1 1 
ATOM   623 C CD2 . HIS A 1 83  ? 2.999   -13.863 4.718   1.00 39.22 ? 83  HIS A CD2 1 
ATOM   624 C CE1 . HIS A 1 83  ? 2.302   -14.804 6.571   1.00 38.17 ? 83  HIS A CE1 1 
ATOM   625 N NE2 . HIS A 1 83  ? 3.355   -14.643 5.793   1.00 39.49 ? 83  HIS A NE2 1 
ATOM   626 N N   . VAL A 1 84  ? -2.129  -12.887 1.927   1.00 28.09 ? 84  VAL A N   1 
ATOM   627 C CA  . VAL A 1 84  ? -3.182  -12.065 1.349   1.00 25.77 ? 84  VAL A CA  1 
ATOM   628 C C   . VAL A 1 84  ? -4.427  -12.920 1.312   1.00 27.34 ? 84  VAL A C   1 
ATOM   629 O O   . VAL A 1 84  ? -4.429  -13.985 0.682   1.00 31.18 ? 84  VAL A O   1 
ATOM   630 C CB  . VAL A 1 84  ? -2.839  -11.579 -0.091  1.00 26.28 ? 84  VAL A CB  1 
ATOM   631 C CG1 . VAL A 1 84  ? -3.975  -10.666 -0.668  1.00 21.62 ? 84  VAL A CG1 1 
ATOM   632 C CG2 . VAL A 1 84  ? -1.445  -10.858 -0.121  1.00 24.51 ? 84  VAL A CG2 1 
ATOM   633 N N   . TYR A 1 85  ? -5.458  -12.463 2.000   1.00 27.19 ? 85  TYR A N   1 
ATOM   634 C CA  . TYR A 1 85  ? -6.735  -13.173 2.064   1.00 29.49 ? 85  TYR A CA  1 
ATOM   635 C C   . TYR A 1 85  ? -7.530  -12.989 0.749   1.00 33.72 ? 85  TYR A C   1 
ATOM   636 O O   . TYR A 1 85  ? -7.278  -12.035 -0.027  1.00 28.66 ? 85  TYR A O   1 
ATOM   637 C CB  . TYR A 1 85  ? -7.539  -12.701 3.288   1.00 32.25 ? 85  TYR A CB  1 
ATOM   638 C CG  . TYR A 1 85  ? -6.844  -12.986 4.612   1.00 35.61 ? 85  TYR A CG  1 
ATOM   639 N N   . SER A 1 86  ? -8.473  -13.912 0.486   1.00 32.50 ? 86  SER A N   1 
ATOM   640 C CA  . SER A 1 86  ? -9.380  -13.793 -0.680  1.00 31.39 ? 86  SER A CA  1 
ATOM   641 C C   . SER A 1 86  ? -10.044 -12.390 -0.816  1.00 32.82 ? 86  SER A C   1 
ATOM   642 O O   . SER A 1 86  ? -10.298 -11.928 -1.943  1.00 35.00 ? 86  SER A O   1 
ATOM   643 C CB  . SER A 1 86  ? -10.437 -14.914 -0.651  1.00 34.03 ? 86  SER A CB  1 
ATOM   644 O OG  . SER A 1 86  ? -11.241 -14.812 0.514   1.00 32.28 ? 86  SER A OG  1 
ATOM   645 N N   . ASN A 1 87  ? -10.314 -11.717 0.311   1.00 28.77 ? 87  ASN A N   1 
ATOM   646 C CA  . ASN A 1 87  ? -10.890 -10.371 0.286   1.00 30.22 ? 87  ASN A CA  1 
ATOM   647 C C   . ASN A 1 87  ? -9.840  -9.224  0.094   1.00 29.74 ? 87  ASN A C   1 
ATOM   648 O O   . ASN A 1 87  ? -10.176 -8.020  0.162   1.00 31.50 ? 87  ASN A O   1 
ATOM   649 C CB  . ASN A 1 87  ? -11.773 -10.117 1.498   1.00 34.13 ? 87  ASN A CB  1 
ATOM   650 C CG  . ASN A 1 87  ? -10.981 -9.789  2.752   1.00 36.13 ? 87  ASN A CG  1 
ATOM   651 O OD1 . ASN A 1 87  ? -9.781  -10.050 2.834   1.00 32.29 ? 87  ASN A OD1 1 
ATOM   652 N ND2 . ASN A 1 87  ? -11.661 -9.210  3.740   1.00 40.86 ? 87  ASN A ND2 1 
ATOM   653 N N   . GLY A 1 88  ? -8.595  -9.622  -0.142  1.00 31.64 ? 88  GLY A N   1 
ATOM   654 C CA  . GLY A 1 88  ? -7.493  -8.685  -0.370  1.00 27.26 ? 88  GLY A CA  1 
ATOM   655 C C   . GLY A 1 88  ? -6.830  -8.162  0.891   1.00 28.60 ? 88  GLY A C   1 
ATOM   656 O O   . GLY A 1 88  ? -5.828  -7.475  0.792   1.00 25.39 ? 88  GLY A O   1 
ATOM   657 N N   . ASP A 1 89  ? -7.372  -8.474  2.079   1.00 29.67 ? 89  ASP A N   1 
ATOM   658 C CA  . ASP A 1 89  ? -6.711  -8.078  3.366   1.00 27.79 ? 89  ASP A CA  1 
ATOM   659 C C   . ASP A 1 89  ? -5.325  -8.654  3.455   1.00 27.20 ? 89  ASP A C   1 
ATOM   660 O O   . ASP A 1 89  ? -5.054  -9.729  2.923   1.00 26.27 ? 89  ASP A O   1 
ATOM   661 C CB  . ASP A 1 89  ? -7.511  -8.550  4.585   1.00 33.21 ? 89  ASP A CB  1 
ATOM   662 C CG  . ASP A 1 89  ? -8.776  -7.751  4.808   1.00 35.15 ? 89  ASP A CG  1 
ATOM   663 O OD1 . ASP A 1 89  ? -8.942  -6.665  4.222   1.00 37.88 ? 89  ASP A OD1 1 
ATOM   664 O OD2 . ASP A 1 89  ? -9.617  -8.213  5.606   1.00 39.71 ? 89  ASP A OD2 1 
ATOM   665 N N   . ILE A 1 90  ? -4.438  -7.971  4.173   1.00 24.59 ? 90  ILE A N   1 
ATOM   666 C CA  . ILE A 1 90  ? -3.044  -8.369  4.169   1.00 24.32 ? 90  ILE A CA  1 
ATOM   667 C C   . ILE A 1 90  ? -2.658  -8.643  5.606   1.00 25.84 ? 90  ILE A C   1 
ATOM   668 O O   . ILE A 1 90  ? -2.999  -7.867  6.508   1.00 25.78 ? 90  ILE A O   1 
ATOM   669 C CB  . ILE A 1 90  ? -2.146  -7.244  3.584   1.00 25.04 ? 90  ILE A CB  1 
ATOM   670 C CG1 . ILE A 1 90  ? -2.536  -6.962  2.098   1.00 21.35 ? 90  ILE A CG1 1 
ATOM   671 C CG2 . ILE A 1 90  ? -0.645  -7.569  3.727   1.00 24.75 ? 90  ILE A CG2 1 
ATOM   672 C CD1 . ILE A 1 90  ? -2.024  -5.550  1.602   1.00 26.86 ? 90  ILE A CD1 1 
ATOM   673 N N   . CYS A 1 91  ? -1.945  -9.754  5.797   1.00 25.04 ? 91  CYS A N   1 
ATOM   674 C CA  . CYS A 1 91  ? -1.376  -10.102 7.085   1.00 29.18 ? 91  CYS A CA  1 
ATOM   675 C C   . CYS A 1 91  ? 0.069   -9.625  7.077   1.00 26.49 ? 91  CYS A C   1 
ATOM   676 O O   . CYS A 1 91  ? 0.941   -10.251 6.472   1.00 28.73 ? 91  CYS A O   1 
ATOM   677 C CB  . CYS A 1 91  ? -1.446  -11.626 7.339   1.00 27.21 ? 91  CYS A CB  1 
ATOM   678 S SG  . CYS A 1 91  ? -0.713  -12.063 8.973   1.00 29.38 ? 91  CYS A SG  1 
ATOM   679 N N   . LEU A 1 92  ? 0.313   -8.493  7.735   1.00 31.41 ? 92  LEU A N   1 
ATOM   680 C CA  . LEU A 1 92  ? 1.644   -7.875  7.762   1.00 32.95 ? 92  LEU A CA  1 
ATOM   681 C C   . LEU A 1 92  ? 1.804   -7.106  9.057   1.00 29.77 ? 92  LEU A C   1 
ATOM   682 O O   . LEU A 1 92  ? 1.074   -6.151  9.297   1.00 27.55 ? 92  LEU A O   1 
ATOM   683 C CB  . LEU A 1 92  ? 1.829   -6.905  6.570   1.00 34.08 ? 92  LEU A CB  1 
ATOM   684 C CG  . LEU A 1 92  ? 3.176   -6.153  6.512   1.00 32.85 ? 92  LEU A CG  1 
ATOM   685 C CD1 . LEU A 1 92  ? 4.308   -7.083  6.074   1.00 35.86 ? 92  LEU A CD1 1 
ATOM   686 C CD2 . LEU A 1 92  ? 3.096   -4.929  5.580   1.00 37.48 ? 92  LEU A CD2 1 
ATOM   687 N N   . SER A 1 93  ? 2.779   -7.516  9.880   1.00 28.70 ? 93  SER A N   1 
ATOM   688 C CA  . SER A 1 93  ? 3.022   -6.896  11.189  1.00 31.31 ? 93  SER A CA  1 
ATOM   689 C C   . SER A 1 93  ? 3.187   -5.376  11.123  1.00 24.63 ? 93  SER A C   1 
ATOM   690 O O   . SER A 1 93  ? 2.714   -4.671  12.014  1.00 25.87 ? 93  SER A O   1 
ATOM   691 C CB  . SER A 1 93  ? 4.262   -7.521  11.859  1.00 34.74 ? 93  SER A CB  1 
ATOM   692 O OG  . SER A 1 93  ? 4.113   -8.927  11.967  1.00 42.27 ? 93  SER A OG  1 
ATOM   693 N N   . LEU A 1 94  ? 3.863   -4.878  10.075  1.00 25.69 ? 94  LEU A N   1 
ATOM   694 C CA  . LEU A 1 94  ? 4.073   -3.410  9.932   1.00 29.14 ? 94  LEU A CA  1 
ATOM   695 C C   . LEU A 1 94  ? 2.768   -2.620  9.889   1.00 31.88 ? 94  LEU A C   1 
ATOM   696 O O   . LEU A 1 94  ? 2.747   -1.428  10.212  1.00 32.30 ? 94  LEU A O   1 
ATOM   697 C CB  . LEU A 1 94  ? 4.936   -3.078  8.712   1.00 28.57 ? 94  LEU A CB  1 
ATOM   698 C CG  . LEU A 1 94  ? 6.431   -3.346  8.840   1.00 34.91 ? 94  LEU A CG  1 
ATOM   699 C CD1 . LEU A 1 94  ? 7.105   -3.138  7.501   1.00 35.97 ? 94  LEU A CD1 1 
ATOM   700 C CD2 . LEU A 1 94  ? 7.081   -2.444  9.931   1.00 33.71 ? 94  LEU A CD2 1 
ATOM   701 N N   . LEU A 1 95  ? 1.683   -3.292  9.497   1.00 31.35 ? 95  LEU A N   1 
ATOM   702 C CA  . LEU A 1 95  ? 0.352   -2.678  9.402   1.00 33.45 ? 95  LEU A CA  1 
ATOM   703 C C   . LEU A 1 95  ? -0.453  -2.822  10.677  1.00 35.96 ? 95  LEU A C   1 
ATOM   704 O O   . LEU A 1 95  ? -1.552  -2.275  10.791  1.00 38.94 ? 95  LEU A O   1 
ATOM   705 C CB  . LEU A 1 95  ? -0.434  -3.319  8.263   1.00 36.18 ? 95  LEU A CB  1 
ATOM   706 C CG  . LEU A 1 95  ? -0.169  -2.845  6.846   1.00 39.87 ? 95  LEU A CG  1 
ATOM   707 C CD1 . LEU A 1 95  ? -0.667  -3.868  5.806   1.00 39.90 ? 95  LEU A CD1 1 
ATOM   708 C CD2 . LEU A 1 95  ? -0.825  -1.471  6.666   1.00 41.47 ? 95  LEU A CD2 1 
ATOM   709 N N   . GLY A 1 96  ? 0.071   -3.588  11.624  1.00 33.69 ? 96  GLY A N   1 
ATOM   710 C CA  . GLY A 1 96  ? -0.649  -3.854  12.852  1.00 36.24 ? 96  GLY A CA  1 
ATOM   711 C C   . GLY A 1 96  ? 0.245   -3.690  14.061  1.00 37.46 ? 96  GLY A C   1 
ATOM   712 O O   . GLY A 1 96  ? 0.722   -2.602  14.342  1.00 33.75 ? 96  GLY A O   1 
ATOM   713 N N   . ASP A 1 97  ? 0.464   -4.793  14.757  1.00 41.70 ? 97  ASP A N   1 
ATOM   714 C CA  . ASP A 1 97  ? 1.329   -4.865  15.931  1.00 45.46 ? 97  ASP A CA  1 
ATOM   715 C C   . ASP A 1 97  ? 2.676   -4.111  15.855  1.00 43.80 ? 97  ASP A C   1 
ATOM   716 O O   . ASP A 1 97  ? 3.136   -3.570  16.860  1.00 43.53 ? 97  ASP A O   1 
ATOM   717 C CB  . ASP A 1 97  ? 1.594   -6.335  16.256  1.00 49.96 ? 97  ASP A CB  1 
ATOM   718 C CG  . ASP A 1 97  ? 0.420   -6.997  16.956  1.00 54.72 ? 97  ASP A CG  1 
ATOM   719 O OD1 . ASP A 1 97  ? -0.573  -7.365  16.275  1.00 56.42 ? 97  ASP A OD1 1 
ATOM   720 O OD2 . ASP A 1 97  ? 0.503   -7.155  18.196  1.00 56.03 ? 97  ASP A OD2 1 
ATOM   721 N N   . ASP A 1 98  ? 3.317   -4.100  14.688  1.00 39.73 ? 98  ASP A N   1 
ATOM   722 C CA  . ASP A 1 98  ? 4.624   -3.429  14.553  1.00 37.76 ? 98  ASP A CA  1 
ATOM   723 C C   . ASP A 1 98  ? 4.542   -2.075  13.838  1.00 33.94 ? 98  ASP A C   1 
ATOM   724 O O   . ASP A 1 98  ? 5.570   -1.542  13.390  1.00 30.12 ? 98  ASP A O   1 
ATOM   725 C CB  . ASP A 1 98  ? 5.643   -4.335  13.832  1.00 39.24 ? 98  ASP A CB  1 
ATOM   726 C CG  . ASP A 1 98  ? 5.953   -5.624  14.608  1.00 43.89 ? 98  ASP A CG  1 
ATOM   727 O OD1 . ASP A 1 98  ? 5.555   -5.724  15.796  1.00 46.41 ? 98  ASP A OD1 1 
ATOM   728 O OD2 . ASP A 1 98  ? 6.607   -6.528  14.020  1.00 39.30 ? 98  ASP A OD2 1 
ATOM   729 N N   . TYR A 1 99  ? 3.326   -1.527  13.736  1.00 32.52 ? 99  TYR A N   1 
ATOM   730 C CA  . TYR A 1 99  ? 3.140   -0.225  13.143  1.00 29.78 ? 99  TYR A CA  1 
ATOM   731 C C   . TYR A 1 99  ? 3.859   0.833   13.963  1.00 30.18 ? 99  TYR A C   1 
ATOM   732 O O   . TYR A 1 99  ? 3.820   0.828   15.202  1.00 30.96 ? 99  TYR A O   1 
ATOM   733 C CB  . TYR A 1 99  ? 1.642   0.133   12.982  1.00 28.33 ? 99  TYR A CB  1 
ATOM   734 C CG  . TYR A 1 99  ? 1.402   1.517   12.395  1.00 27.22 ? 99  TYR A CG  1 
ATOM   735 C CD1 . TYR A 1 99  ? 1.709   1.796   11.061  1.00 28.92 ? 99  TYR A CD1 1 
ATOM   736 C CD2 . TYR A 1 99  ? 0.863   2.539   13.178  1.00 28.03 ? 99  TYR A CD2 1 
ATOM   737 C CE1 . TYR A 1 99  ? 1.485   3.060   10.522  1.00 28.07 ? 99  TYR A CE1 1 
ATOM   738 C CE2 . TYR A 1 99  ? 0.650   3.789   12.663  1.00 26.07 ? 99  TYR A CE2 1 
ATOM   739 C CZ  . TYR A 1 99  ? 0.960   4.054   11.334  1.00 26.30 ? 99  TYR A CZ  1 
ATOM   740 O OH  . TYR A 1 99  ? 0.737   5.311   10.827  1.00 24.49 ? 99  TYR A OH  1 
ATOM   741 N N   . ASN A 1 100 ? 4.519   1.731   13.258  1.00 28.15 ? 100 ASN A N   1 
ATOM   742 C CA  . ASN A 1 100 ? 5.169   2.870   13.861  1.00 28.49 ? 100 ASN A CA  1 
ATOM   743 C C   . ASN A 1 100 ? 4.566   4.066   13.134  1.00 30.05 ? 100 ASN A C   1 
ATOM   744 O O   . ASN A 1 100 ? 4.534   4.055   11.905  1.00 29.85 ? 100 ASN A O   1 
ATOM   745 C CB  . ASN A 1 100 ? 6.678   2.736   13.626  1.00 32.32 ? 100 ASN A CB  1 
ATOM   746 C CG  . ASN A 1 100 ? 7.465   3.849   14.235  1.00 36.04 ? 100 ASN A CG  1 
ATOM   747 O OD1 . ASN A 1 100 ? 7.138   5.015   14.063  1.00 33.76 ? 100 ASN A OD1 1 
ATOM   748 N ND2 . ASN A 1 100 ? 8.548   3.494   14.952  1.00 39.93 ? 100 ASN A ND2 1 
ATOM   749 N N   . PRO A 1 101 ? 4.088   5.109   13.874  1.00 28.25 ? 101 PRO A N   1 
ATOM   750 C CA  . PRO A 1 101 ? 3.405   6.215   13.181  1.00 26.56 ? 101 PRO A CA  1 
ATOM   751 C C   . PRO A 1 101 ? 4.331   7.018   12.259  1.00 26.56 ? 101 PRO A C   1 
ATOM   752 O O   . PRO A 1 101 ? 3.842   7.876   11.502  1.00 26.31 ? 101 PRO A O   1 
ATOM   753 C CB  . PRO A 1 101 ? 2.879   7.097   14.328  1.00 29.03 ? 101 PRO A CB  1 
ATOM   754 C CG  . PRO A 1 101 ? 3.713   6.724   15.541  1.00 28.93 ? 101 PRO A CG  1 
ATOM   755 C CD  . PRO A 1 101 ? 4.221   5.342   15.333  1.00 31.32 ? 101 PRO A CD  1 
ATOM   756 N N   . SER A 1 102 ? 5.645   6.746   12.301  1.00 26.69 ? 102 SER A N   1 
ATOM   757 C CA  . SER A 1 102 ? 6.601   7.405   11.373  1.00 29.50 ? 102 SER A CA  1 
ATOM   758 C C   . SER A 1 102 ? 6.763   6.707   10.022  1.00 29.92 ? 102 SER A C   1 
ATOM   759 O O   . SER A 1 102 ? 7.378   7.259   9.109   1.00 28.51 ? 102 SER A O   1 
ATOM   760 C CB  . SER A 1 102 ? 7.983   7.614   12.031  1.00 30.31 ? 102 SER A CB  1 
ATOM   761 O OG  . SER A 1 102 ? 7.825   8.582   13.030  1.00 32.70 ? 102 SER A OG  1 
ATOM   762 N N   A LEU A 1 103 ? 6.190   5.509   9.908   0.50 27.97 ? 103 LEU A N   1 
ATOM   763 N N   B LEU A 1 103 ? 6.244   5.493   9.899   0.50 28.23 ? 103 LEU A N   1 
ATOM   764 C CA  A LEU A 1 103 ? 6.152   4.763   8.652   0.50 26.32 ? 103 LEU A CA  1 
ATOM   765 C CA  B LEU A 1 103 ? 6.356   4.769   8.641   0.50 26.80 ? 103 LEU A CA  1 
ATOM   766 C C   A LEU A 1 103 ? 5.645   5.673   7.521   0.50 22.99 ? 103 LEU A C   1 
ATOM   767 C C   B LEU A 1 103 ? 5.662   5.548   7.512   0.50 24.32 ? 103 LEU A C   1 
ATOM   768 O O   A LEU A 1 103 ? 4.616   6.351   7.677   0.50 18.73 ? 103 LEU A O   1 
ATOM   769 O O   B LEU A 1 103 ? 4.526   6.004   7.657   0.50 21.07 ? 103 LEU A O   1 
ATOM   770 C CB  A LEU A 1 103 ? 5.230   3.532   8.794   0.50 24.82 ? 103 LEU A CB  1 
ATOM   771 C CB  B LEU A 1 103 ? 5.795   3.351   8.753   0.50 25.61 ? 103 LEU A CB  1 
ATOM   772 C CG  A LEU A 1 103 ? 4.843   2.631   7.606   0.50 28.34 ? 103 LEU A CG  1 
ATOM   773 C CG  B LEU A 1 103 ? 6.486   2.390   9.752   0.50 27.49 ? 103 LEU A CG  1 
ATOM   774 C CD1 A LEU A 1 103 ? 6.057   1.994   6.952   0.50 26.98 ? 103 LEU A CD1 1 
ATOM   775 C CD1 B LEU A 1 103 ? 5.680   1.116   9.913   0.50 27.60 ? 103 LEU A CD1 1 
ATOM   776 C CD2 A LEU A 1 103 ? 3.812   1.550   8.023   0.50 27.70 ? 103 LEU A CD2 1 
ATOM   777 C CD2 B LEU A 1 103 ? 7.952   2.077   9.374   0.50 23.09 ? 103 LEU A CD2 1 
ATOM   778 N N   . SER A 1 104 ? 6.390   5.708   6.415   1.00 26.43 ? 104 SER A N   1 
ATOM   779 C CA  . SER A 1 104 ? 5.903   6.352   5.201   1.00 25.47 ? 104 SER A CA  1 
ATOM   780 C C   . SER A 1 104 ? 4.980   5.404   4.445   1.00 23.77 ? 104 SER A C   1 
ATOM   781 O O   . SER A 1 104 ? 5.154   4.172   4.495   1.00 18.82 ? 104 SER A O   1 
ATOM   782 C CB  . SER A 1 104 ? 7.076   6.742   4.285   1.00 26.08 ? 104 SER A CB  1 
ATOM   783 O OG  . SER A 1 104 ? 7.680   5.623   3.670   1.00 28.20 ? 104 SER A OG  1 
ATOM   784 N N   . ILE A 1 105 ? 4.016   5.953   3.703   1.00 23.88 ? 105 ILE A N   1 
ATOM   785 C CA  . ILE A 1 105 ? 3.150   5.090   2.885   1.00 20.73 ? 105 ILE A CA  1 
ATOM   786 C C   . ILE A 1 105 ? 3.966   4.417   1.766   1.00 21.56 ? 105 ILE A C   1 
ATOM   787 O O   . ILE A 1 105 ? 3.762   3.247   1.444   1.00 21.69 ? 105 ILE A O   1 
ATOM   788 C CB  . ILE A 1 105 ? 1.956   5.883   2.301   1.00 24.53 ? 105 ILE A CB  1 
ATOM   789 C CG1 . ILE A 1 105 ? 1.164   6.583   3.436   1.00 24.44 ? 105 ILE A CG1 1 
ATOM   790 C CG2 . ILE A 1 105 ? 1.082   4.991   1.374   1.00 18.94 ? 105 ILE A CG2 1 
ATOM   791 C CD1 . ILE A 1 105 ? 0.600   5.629   4.563   1.00 26.09 ? 105 ILE A CD1 1 
ATOM   792 N N   . SER A 1 106 ? 4.855   5.174   1.142   1.00 20.32 ? 106 SER A N   1 
ATOM   793 C CA  . SER A 1 106 ? 5.784   4.589   0.182   1.00 23.22 ? 106 SER A CA  1 
ATOM   794 C C   . SER A 1 106 ? 6.503   3.315   0.738   1.00 23.71 ? 106 SER A C   1 
ATOM   795 O O   . SER A 1 106 ? 6.545   2.279   0.074   1.00 22.13 ? 106 SER A O   1 
ATOM   796 C CB  . SER A 1 106 ? 6.814   5.639   -0.280  1.00 26.19 ? 106 SER A CB  1 
ATOM   797 O OG  . SER A 1 106 ? 7.516   5.115   -1.370  1.00 36.10 ? 106 SER A OG  1 
ATOM   798 N N   . GLY A 1 107 ? 7.058   3.410   1.950   1.00 21.48 ? 107 GLY A N   1 
ATOM   799 C CA  . GLY A 1 107 ? 7.757   2.283   2.605   1.00 20.51 ? 107 GLY A CA  1 
ATOM   800 C C   . GLY A 1 107 ? 6.805   1.129   2.938   1.00 18.66 ? 107 GLY A C   1 
ATOM   801 O O   . GLY A 1 107 ? 7.198   -0.045  2.856   1.00 20.60 ? 107 GLY A O   1 
ATOM   802 N N   A LEU A 1 108 ? 5.579   1.464   3.322   0.50 20.41 ? 108 LEU A N   1 
ATOM   803 N N   B LEU A 1 108 ? 5.567   1.441   3.332   0.50 19.72 ? 108 LEU A N   1 
ATOM   804 C CA  A LEU A 1 108 ? 4.571   0.441   3.592   0.50 20.05 ? 108 LEU A CA  1 
ATOM   805 C CA  B LEU A 1 108 ? 4.580   0.363   3.591   0.50 18.26 ? 108 LEU A CA  1 
ATOM   806 C C   A LEU A 1 108 ? 4.304   -0.385  2.335   0.50 21.35 ? 108 LEU A C   1 
ATOM   807 C C   B LEU A 1 108 ? 4.299   -0.415  2.318   0.50 20.39 ? 108 LEU A C   1 
ATOM   808 O O   A LEU A 1 108 ? 4.334   -1.605  2.381   0.50 18.53 ? 108 LEU A O   1 
ATOM   809 O O   B LEU A 1 108 ? 4.321   -1.635  2.330   0.50 17.42 ? 108 LEU A O   1 
ATOM   810 C CB  A LEU A 1 108 ? 3.288   1.098   4.115   0.50 21.73 ? 108 LEU A CB  1 
ATOM   811 C CB  B LEU A 1 108 ? 3.275   0.914   4.200   0.50 18.91 ? 108 LEU A CB  1 
ATOM   812 C CG  A LEU A 1 108 ? 2.088   0.192   4.285   0.50 21.05 ? 108 LEU A CG  1 
ATOM   813 C CG  B LEU A 1 108 ? 3.259   1.307   5.670   0.50 16.49 ? 108 LEU A CG  1 
ATOM   814 C CD1 A LEU A 1 108 ? 2.387   -0.841  5.367   0.50 21.63 ? 108 LEU A CD1 1 
ATOM   815 C CD1 B LEU A 1 108 ? 1.856   1.809   6.039   0.50 20.24 ? 108 LEU A CD1 1 
ATOM   816 C CD2 A LEU A 1 108 ? 0.869   1.036   4.618   0.50 22.56 ? 108 LEU A CD2 1 
ATOM   817 C CD2 B LEU A 1 108 ? 3.690   0.116   6.582   0.50 19.63 ? 108 LEU A CD2 1 
ATOM   818 N N   . VAL A 1 109 ? 4.064   0.303   1.210   1.00 18.76 ? 109 VAL A N   1 
ATOM   819 C CA  . VAL A 1 109 ? 3.845   -0.344  -0.079  1.00 17.89 ? 109 VAL A CA  1 
ATOM   820 C C   . VAL A 1 109 ? 5.086   -1.138  -0.507  1.00 20.31 ? 109 VAL A C   1 
ATOM   821 O O   . VAL A 1 109 ? 4.984   -2.269  -0.986  1.00 19.99 ? 109 VAL A O   1 
ATOM   822 C CB  . VAL A 1 109 ? 3.405   0.715   -1.159  1.00 21.27 ? 109 VAL A CB  1 
ATOM   823 C CG1 . VAL A 1 109 ? 3.375   0.070   -2.556  1.00 22.82 ? 109 VAL A CG1 1 
ATOM   824 C CG2 . VAL A 1 109 ? 2.005   1.338   -0.754  1.00 21.06 ? 109 VAL A CG2 1 
ATOM   825 N N   . LEU A 1 110 ? 6.281   -0.566  -0.323  1.00 20.72 ? 110 LEU A N   1 
ATOM   826 C CA  . LEU A 1 110 ? 7.491   -1.323  -0.678  1.00 21.81 ? 110 LEU A CA  1 
ATOM   827 C C   . LEU A 1 110 ? 7.626   -2.628  0.161   1.00 22.67 ? 110 LEU A C   1 
ATOM   828 O O   . LEU A 1 110 ? 8.051   -3.665  -0.362  1.00 24.23 ? 110 LEU A O   1 
ATOM   829 C CB  . LEU A 1 110 ? 8.740   -0.443  -0.579  1.00 22.58 ? 110 LEU A CB  1 
ATOM   830 C CG  . LEU A 1 110 ? 10.004  -0.896  -1.278  1.00 28.85 ? 110 LEU A CG  1 
ATOM   831 C CD1 . LEU A 1 110 ? 9.837   -1.012  -2.812  1.00 26.81 ? 110 LEU A CD1 1 
ATOM   832 C CD2 . LEU A 1 110 ? 11.096  0.079   -0.917  1.00 30.79 ? 110 LEU A CD2 1 
ATOM   833 N N   . SER A 1 111 ? 7.286   -2.562  1.440   1.00 22.37 ? 111 SER A N   1 
ATOM   834 C CA  . SER A 1 111 ? 7.291   -3.775  2.293   1.00 25.32 ? 111 SER A CA  1 
ATOM   835 C C   . SER A 1 111 ? 6.298   -4.833  1.813   1.00 24.74 ? 111 SER A C   1 
ATOM   836 O O   . SER A 1 111 ? 6.565   -6.039  1.926   1.00 27.43 ? 111 SER A O   1 
ATOM   837 C CB  . SER A 1 111 ? 7.016   -3.421  3.748   1.00 21.78 ? 111 SER A CB  1 
ATOM   838 O OG  . SER A 1 111 ? 8.058   -2.593  4.260   1.00 27.20 ? 111 SER A OG  1 
ATOM   839 N N   . ILE A 1 112 ? 5.167   -4.386  1.279   1.00 23.36 ? 112 ILE A N   1 
ATOM   840 C CA  . ILE A 1 112 ? 4.154   -5.314  0.726   1.00 24.23 ? 112 ILE A CA  1 
ATOM   841 C C   . ILE A 1 112 ? 4.723   -5.944  -0.514  1.00 24.93 ? 112 ILE A C   1 
ATOM   842 O O   . ILE A 1 112 ? 4.637   -7.147  -0.700  1.00 25.92 ? 112 ILE A O   1 
ATOM   843 C CB  . ILE A 1 112 ? 2.787   -4.584  0.427   1.00 24.80 ? 112 ILE A CB  1 
ATOM   844 C CG1 . ILE A 1 112 ? 2.108   -4.157  1.757   1.00 23.63 ? 112 ILE A CG1 1 
ATOM   845 C CG2 . ILE A 1 112 ? 1.861   -5.463  -0.497  1.00 22.90 ? 112 ILE A CG2 1 
ATOM   846 C CD1 . ILE A 1 112 ? 1.031   -3.049  1.617   1.00 26.34 ? 112 ILE A CD1 1 
ATOM   847 N N   . ILE A 1 113 ? 5.374   -5.134  -1.348  1.00 25.32 ? 113 ILE A N   1 
ATOM   848 C CA  . ILE A 1 113 ? 5.933   -5.647  -2.588  1.00 27.81 ? 113 ILE A CA  1 
ATOM   849 C C   . ILE A 1 113 ? 7.031   -6.645  -2.226  1.00 29.98 ? 113 ILE A C   1 
ATOM   850 O O   . ILE A 1 113 ? 7.137   -7.704  -2.824  1.00 29.43 ? 113 ILE A O   1 
ATOM   851 C CB  . ILE A 1 113 ? 6.494   -4.501  -3.495  1.00 27.63 ? 113 ILE A CB  1 
ATOM   852 C CG1 . ILE A 1 113 ? 5.361   -3.593  -3.956  1.00 28.99 ? 113 ILE A CG1 1 
ATOM   853 C CG2 . ILE A 1 113 ? 7.231   -5.073  -4.715  1.00 28.05 ? 113 ILE A CG2 1 
ATOM   854 C CD1 . ILE A 1 113 ? 5.878   -2.292  -4.609  1.00 29.78 ? 113 ILE A CD1 1 
ATOM   855 N N   . SER A 1 114 ? 7.835   -6.299  -1.225  1.00 28.98 ? 114 SER A N   1 
ATOM   856 C CA  . SER A 1 114 ? 8.839   -7.231  -0.708  1.00 31.50 ? 114 SER A CA  1 
ATOM   857 C C   . SER A 1 114 ? 8.225   -8.574  -0.271  1.00 32.37 ? 114 SER A C   1 
ATOM   858 O O   . SER A 1 114 ? 8.719   -9.659  -0.678  1.00 31.37 ? 114 SER A O   1 
ATOM   859 C CB  . SER A 1 114 ? 9.601   -6.601  0.453   1.00 29.59 ? 114 SER A CB  1 
ATOM   860 O OG  . SER A 1 114 ? 10.612  -7.481  0.891   1.00 35.17 ? 114 SER A OG  1 
ATOM   861 N N   . MET A 1 115 ? 7.173   -8.497  0.555   1.00 30.55 ? 115 MET A N   1 
ATOM   862 C CA  . MET A 1 115 ? 6.427   -9.693  1.038   1.00 34.47 ? 115 MET A CA  1 
ATOM   863 C C   . MET A 1 115 ? 5.982   -10.561 -0.136  1.00 34.88 ? 115 MET A C   1 
ATOM   864 O O   . MET A 1 115 ? 6.227   -11.763 -0.151  1.00 35.56 ? 115 MET A O   1 
ATOM   865 C CB  . MET A 1 115 ? 5.237   -9.272  1.896   1.00 32.64 ? 115 MET A CB  1 
ATOM   866 C CG  . MET A 1 115 ? 4.371   -10.431 2.474   1.00 34.27 ? 115 MET A CG  1 
ATOM   867 S SD  . MET A 1 115 ? 2.758   -9.789  2.963   1.00 38.96 ? 115 MET A SD  1 
ATOM   868 C CE  . MET A 1 115 ? 1.980   -9.537  1.368   1.00 35.94 ? 115 MET A CE  1 
ATOM   869 N N   . LEU A 1 116 ? 5.378   -9.934  -1.139  1.00 36.76 ? 116 LEU A N   1 
ATOM   870 C CA  . LEU A 1 116 ? 4.939   -10.633 -2.349  1.00 36.13 ? 116 LEU A CA  1 
ATOM   871 C C   . LEU A 1 116 ? 6.090   -11.263 -3.090  1.00 40.97 ? 116 LEU A C   1 
ATOM   872 O O   . LEU A 1 116 ? 5.986   -12.424 -3.532  1.00 40.49 ? 116 LEU A O   1 
ATOM   873 C CB  . LEU A 1 116 ? 4.201   -9.688  -3.305  1.00 34.66 ? 116 LEU A CB  1 
ATOM   874 C CG  . LEU A 1 116 ? 2.836   -9.154  -2.879  1.00 34.00 ? 116 LEU A CG  1 
ATOM   875 C CD1 . LEU A 1 116 ? 2.325   -8.197  -3.915  1.00 28.88 ? 116 LEU A CD1 1 
ATOM   876 C CD2 . LEU A 1 116 ? 1.869   -10.315 -2.669  1.00 31.90 ? 116 LEU A CD2 1 
ATOM   877 N N   . SER A 1 117 ? 7.181   -10.498 -3.245  1.00 40.32 ? 117 SER A N   1 
ATOM   878 C CA  . SER A 1 117 ? 8.352   -10.973 -3.959  1.00 41.00 ? 117 SER A CA  1 
ATOM   879 C C   . SER A 1 117 ? 9.162   -11.909 -3.059  1.00 42.52 ? 117 SER A C   1 
ATOM   880 O O   . SER A 1 117 ? 10.203  -12.426 -3.459  1.00 46.21 ? 117 SER A O   1 
ATOM   881 C CB  . SER A 1 117 ? 9.199   -9.803  -4.438  1.00 40.94 ? 117 SER A CB  1 
ATOM   882 O OG  . SER A 1 117 ? 8.454   -8.942  -5.292  1.00 42.78 ? 117 SER A OG  1 
HETATM 883 O O   . HOH B 2 .   ? 4.826   8.152   1.295   1.00 22.48 ? 126 HOH A O   1 
HETATM 884 O O   . HOH B 2 .   ? -5.161  -5.539  5.064   1.00 28.55 ? 127 HOH A O   1 
HETATM 885 O O   . HOH B 2 .   ? -5.418  -6.226  -6.933  1.00 34.23 ? 128 HOH A O   1 
HETATM 886 O O   . HOH B 2 .   ? -5.255  12.385  -1.101  1.00 30.52 ? 129 HOH A O   1 
HETATM 887 O O   . HOH B 2 .   ? -3.661  3.487   -9.137  1.00 31.43 ? 130 HOH A O   1 
HETATM 888 O O   . HOH B 2 .   ? 1.950   5.975   8.191   1.00 24.93 ? 131 HOH A O   1 
HETATM 889 O O   . HOH B 2 .   ? -4.723  0.205   -14.798 1.00 40.22 ? 132 HOH A O   1 
HETATM 890 O O   . HOH B 2 .   ? 6.163   -9.268  -7.110  1.00 31.44 ? 133 HOH A O   1 
HETATM 891 O O   . HOH B 2 .   ? -12.374 -4.935  -6.119  1.00 32.16 ? 134 HOH A O   1 
HETATM 892 O O   . HOH B 2 .   ? 7.962   -7.166  3.968   1.00 30.54 ? 135 HOH A O   1 
HETATM 893 O O   . HOH B 2 .   ? 9.842   -4.601  5.136   1.00 33.69 ? 136 HOH A O   1 
HETATM 894 O O   . HOH B 2 .   ? 6.160   -6.769  8.850   1.00 32.72 ? 137 HOH A O   1 
HETATM 895 O O   . HOH B 2 .   ? -4.621  -2.810  6.768   1.00 32.20 ? 138 HOH A O   1 
HETATM 896 O O   . HOH B 2 .   ? 13.235  -6.669  1.080   1.00 31.97 ? 139 HOH A O   1 
HETATM 897 O O   . HOH B 2 .   ? -9.266  7.046   -8.013  1.00 34.80 ? 140 HOH A O   1 
HETATM 898 O O   . HOH B 2 .   ? 7.020   14.647  2.678   1.00 34.93 ? 141 HOH A O   1 
HETATM 899 O O   . HOH B 2 .   ? 9.244   4.202   6.396   1.00 29.37 ? 142 HOH A O   1 
HETATM 900 O O   . HOH B 2 .   ? -1.710  -14.266 -8.000  1.00 39.00 ? 143 HOH A O   1 
HETATM 901 O O   . HOH B 2 .   ? -2.975  13.991  7.715   1.00 48.85 ? 144 HOH A O   1 
HETATM 902 O O   . HOH B 2 .   ? -3.428  17.277  -2.510  1.00 30.83 ? 145 HOH A O   1 
HETATM 903 O O   . HOH B 2 .   ? -1.299  -15.144 7.015   1.00 37.97 ? 146 HOH A O   1 
HETATM 904 O O   . HOH B 2 .   ? -3.813  -5.284  7.367   1.00 34.63 ? 147 HOH A O   1 
HETATM 905 O O   . HOH B 2 .   ? 8.006   11.152  11.912  1.00 34.62 ? 148 HOH A O   1 
HETATM 906 O O   . HOH B 2 .   ? -12.574 7.416   3.911   1.00 40.60 ? 149 HOH A O   1 
HETATM 907 O O   . HOH B 2 .   ? 2.222   1.184   -11.900 1.00 34.99 ? 150 HOH A O   1 
HETATM 908 O O   . HOH B 2 .   ? -2.901  14.904  10.156  1.00 43.29 ? 151 HOH A O   1 
HETATM 909 O O   . HOH B 2 .   ? -1.641  -7.104  10.120  1.00 40.96 ? 152 HOH A O   1 
HETATM 910 O O   . HOH B 2 .   ? 2.747   13.380  12.105  1.00 34.49 ? 153 HOH A O   1 
HETATM 911 O O   . HOH B 2 .   ? 9.760   6.135   2.004   1.00 39.70 ? 154 HOH A O   1 
HETATM 912 O O   . HOH B 2 .   ? 3.394   7.835   -8.830  1.00 32.73 ? 155 HOH A O   1 
HETATM 913 O O   . HOH B 2 .   ? -4.465  -14.306 -1.964  1.00 43.15 ? 156 HOH A O   1 
HETATM 914 O O   . HOH B 2 .   ? -12.200 7.202   10.258  1.00 39.59 ? 157 HOH A O   1 
HETATM 915 O O   . HOH B 2 .   ? -10.499 -6.900  -2.362  1.00 32.68 ? 158 HOH A O   1 
HETATM 916 O O   . HOH B 2 .   ? -12.827 -5.009  -2.776  1.00 39.58 ? 159 HOH A O   1 
HETATM 917 O O   . HOH B 2 .   ? 7.253   7.451   15.244  1.00 37.38 ? 160 HOH A O   1 
HETATM 918 O O   . HOH B 2 .   ? -4.791  -13.293 -8.746  1.00 44.45 ? 161 HOH A O   1 
HETATM 919 O O   . HOH B 2 .   ? -0.394  -7.971  12.113  1.00 47.01 ? 162 HOH A O   1 
HETATM 920 O O   . HOH B 2 .   ? -11.144 7.739   6.286   1.00 34.02 ? 163 HOH A O   1 
HETATM 921 O O   . HOH B 2 .   ? -5.565  -7.672  -9.810  1.00 36.76 ? 164 HOH A O   1 
HETATM 922 O O   . HOH B 2 .   ? -7.545  14.798  5.754   1.00 53.86 ? 165 HOH A O   1 
HETATM 923 O O   . HOH B 2 .   ? 1.256   8.260   -10.110 1.00 45.57 ? 166 HOH A O   1 
HETATM 924 O O   . HOH B 2 .   ? -5.138  15.320  6.592   1.00 47.02 ? 167 HOH A O   1 
HETATM 925 O O   . HOH B 2 .   ? 6.791   9.116   7.138   1.00 40.49 ? 168 HOH A O   1 
HETATM 926 O O   . HOH B 2 .   ? 9.166   -13.202 0.318   1.00 47.40 ? 169 HOH A O   1 
HETATM 927 O O   . HOH B 2 .   ? -2.131  4.266   -11.225 1.00 40.83 ? 170 HOH A O   1 
HETATM 928 O O   . HOH B 2 .   ? 9.924   -5.162  -13.583 1.00 46.65 ? 171 HOH A O   1 
HETATM 929 O O   . HOH B 2 .   ? -15.333 14.276  -8.781  1.00 47.45 ? 172 HOH A O   1 
HETATM 930 O O   . HOH B 2 .   ? -7.839  15.837  8.982   1.00 46.65 ? 173 HOH A O   1 
HETATM 931 O O   . HOH B 2 .   ? -6.375  1.636   11.441  1.00 35.12 ? 174 HOH A O   1 
HETATM 932 O O   . HOH B 2 .   ? -8.198  -4.453  5.159   1.00 42.95 ? 175 HOH A O   1 
HETATM 933 O O   . HOH B 2 .   ? 7.061   3.975   -10.339 1.00 43.72 ? 176 HOH A O   1 
HETATM 934 O O   . HOH B 2 .   ? -3.872  -1.429  9.186   1.00 37.73 ? 177 HOH A O   1 
HETATM 935 O O   . HOH B 2 .   ? 6.665   -9.181  14.221  0.50 50.08 ? 178 HOH A O   1 
HETATM 936 O O   . HOH B 2 .   ? -12.847 -6.689  -0.351  1.00 50.62 ? 179 HOH A O   1 
HETATM 937 O O   . HOH B 2 .   ? -8.429  -16.213 1.982   1.00 47.50 ? 180 HOH A O   1 
HETATM 938 O O   . HOH B 2 .   ? 11.512  16.225  -0.827  1.00 45.14 ? 181 HOH A O   1 
HETATM 939 O O   . HOH B 2 .   ? 1.417   19.051  5.189   1.00 48.87 ? 182 HOH A O   1 
HETATM 940 O O   . HOH B 2 .   ? -3.524  15.821  0.862   1.00 37.13 ? 183 HOH A O   1 
HETATM 941 O O   . HOH B 2 .   ? -2.447  6.794   -11.494 1.00 40.22 ? 184 HOH A O   1 
HETATM 942 O O   . HOH B 2 .   ? 8.029   -0.372  5.987   1.00 47.89 ? 185 HOH A O   1 
HETATM 943 O O   . HOH B 2 .   ? 5.307   9.789   -9.152  1.00 45.15 ? 186 HOH A O   1 
HETATM 944 O O   . HOH B 2 .   ? -14.088 -8.855  -1.289  1.00 35.69 ? 187 HOH A O   1 
HETATM 945 O O   . HOH B 2 .   ? -8.341  -9.004  -11.377 1.00 44.89 ? 188 HOH A O   1 
HETATM 946 O O   . HOH B 2 .   ? -4.881  16.763  11.546  1.00 46.29 ? 189 HOH A O   1 
HETATM 947 O O   . HOH B 2 .   ? -13.520 12.799  -11.367 1.00 36.39 ? 190 HOH A O   1 
HETATM 948 O O   . HOH B 2 .   ? 9.372   3.312   -1.452  1.00 42.34 ? 191 HOH A O   1 
HETATM 949 O O   . HOH B 2 .   ? -6.615  -2.656  -13.135 1.00 55.16 ? 192 HOH A O   1 
HETATM 950 O O   . HOH B 2 .   ? -3.075  3.739   -13.873 1.00 52.22 ? 193 HOH A O   1 
HETATM 951 O O   . HOH B 2 .   ? -15.749 -8.659  -3.531  0.33 39.51 ? 194 HOH A O   1 
HETATM 952 O O   . HOH B 2 .   ? 8.163   -0.751  12.955  1.00 52.41 ? 195 HOH A O   1 
HETATM 953 O O   . HOH B 2 .   ? 2.827   -17.289 -0.279  1.00 44.20 ? 196 HOH A O   1 
HETATM 954 O O   . HOH B 2 .   ? 9.755   1.809   -10.877 1.00 39.58 ? 197 HOH A O   1 
HETATM 955 O O   . HOH B 2 .   ? -6.876  -11.780 -12.262 1.00 46.34 ? 198 HOH A O   1 
HETATM 956 O O   . HOH B 2 .   ? 13.121  4.855   0.102   1.00 42.51 ? 199 HOH A O   1 
HETATM 957 O O   . HOH B 2 .   ? -0.936  -0.815  15.125  1.00 48.02 ? 200 HOH A O   1 
HETATM 958 O O   . HOH B 2 .   ? -11.758 14.833  0.958   1.00 49.49 ? 201 HOH A O   1 
HETATM 959 O O   . HOH B 2 .   ? 8.213   -14.266 -6.348  1.00 48.62 ? 202 HOH A O   1 
HETATM 960 O O   . HOH B 2 .   ? -7.348  -13.867 -6.020  1.00 46.82 ? 203 HOH A O   1 
HETATM 961 O O   . HOH B 2 .   ? -12.134 6.929   -8.141  1.00 51.06 ? 204 HOH A O   1 
HETATM 962 O O   . HOH B 2 .   ? -9.800  -18.405 1.079   1.00 42.34 ? 205 HOH A O   1 
HETATM 963 O O   . HOH B 2 .   ? 9.659   1.656   6.195   1.00 48.91 ? 206 HOH A O   1 
HETATM 964 O O   . HOH B 2 .   ? -12.323 12.426  3.499   1.00 55.41 ? 207 HOH A O   1 
HETATM 965 O O   . HOH B 2 .   ? 9.069   10.732  -9.330  1.00 47.78 ? 208 HOH A O   1 
HETATM 966 O O   . HOH B 2 .   ? -0.925  3.364   -15.415 1.00 40.48 ? 209 HOH A O   1 
HETATM 967 O O   . HOH B 2 .   ? 9.853   13.081  1.580   1.00 46.30 ? 210 HOH A O   1 
HETATM 968 O O   . HOH B 2 .   ? 10.410  12.511  -0.941  1.00 47.55 ? 211 HOH A O   1 
HETATM 969 O O   . HOH B 2 .   ? 6.410   2.976   -12.632 1.00 50.34 ? 212 HOH A O   1 
HETATM 970 O O   . HOH B 2 .   ? -6.011  -16.791 -0.004  1.00 52.58 ? 213 HOH A O   1 
HETATM 971 O O   . HOH B 2 .   ? -4.359  16.474  3.081   1.00 44.57 ? 214 HOH A O   1 
HETATM 972 O O   . HOH B 2 .   ? -10.599 -13.449 -4.641  1.00 48.40 ? 215 HOH A O   1 
HETATM 973 O O   . HOH B 2 .   ? 2.509   -14.808 -13.381 1.00 50.28 ? 216 HOH A O   1 
HETATM 974 O O   . HOH B 2 .   ? 9.969   5.674   8.563   1.00 55.24 ? 217 HOH A O   1 
HETATM 975 O O   . HOH B 2 .   ? 0.501   -8.871  -18.161 1.00 53.64 ? 218 HOH A O   1 
HETATM 976 O O   . HOH B 2 .   ? 11.407  -10.646 1.754   1.00 56.61 ? 219 HOH A O   1 
HETATM 977 O O   . HOH B 2 .   ? 9.221   -14.668 -1.849  1.00 57.86 ? 220 HOH A O   1 
HETATM 978 O O   . HOH B 2 .   ? -3.331  -15.892 8.207   1.00 37.62 ? 221 HOH A O   1 
HETATM 979 O O   . HOH B 2 .   ? -11.653 4.663   7.832   1.00 51.90 ? 222 HOH A O   1 
HETATM 980 O O   . HOH B 2 .   ? -12.325 3.789   -4.348  1.00 52.42 ? 223 HOH A O   1 
HETATM 981 O O   . HOH B 2 .   ? -6.832  -20.964 -5.846  1.00 54.19 ? 224 HOH A O   1 
HETATM 982 O O   . HOH B 2 .   ? -1.918  -18.735 -1.953  1.00 46.89 ? 225 HOH A O   1 
HETATM 983 O O   . HOH B 2 .   ? -2.854  -20.705 -4.452  0.50 49.14 ? 226 HOH A O   1 
# 
loop_
_pdbx_poly_seq_scheme.asym_id 
_pdbx_poly_seq_scheme.entity_id 
_pdbx_poly_seq_scheme.seq_id 
_pdbx_poly_seq_scheme.mon_id 
_pdbx_poly_seq_scheme.ndb_seq_num 
_pdbx_poly_seq_scheme.pdb_seq_num 
_pdbx_poly_seq_scheme.auth_seq_num 
_pdbx_poly_seq_scheme.pdb_mon_id 
_pdbx_poly_seq_scheme.auth_mon_id 
_pdbx_poly_seq_scheme.pdb_strand_id 
_pdbx_poly_seq_scheme.pdb_ins_code 
_pdbx_poly_seq_scheme.hetero 
A 1 1   LYS 1   1   ?   ?   ?   A . n 
A 1 2   TYR 2   2   ?   ?   ?   A . n 
A 1 3   ASN 3   3   ?   ?   ?   A . n 
A 1 4   MET 4   4   ?   ?   ?   A . n 
A 1 5   GLY 5   5   ?   ?   ?   A . n 
A 1 6   ASN 6   6   ?   ?   ?   A . n 
A 1 7   ALA 7   7   ?   ?   ?   A . n 
A 1 8   ASN 8   8   ?   ?   ?   A . n 
A 1 9   TYR 9   9   9   TYR TYR A . n 
A 1 10  ARG 10  10  10  ARG ARG A . n 
A 1 11  ILE 11  11  11  ILE ILE A . n 
A 1 12  GLN 12  12  12  GLN GLN A . n 
A 1 13  LYS 13  13  13  LYS LYS A . n 
A 1 14  GLU 14  14  14  GLU GLU A . n 
A 1 15  LEU 15  15  15  LEU LEU A . n 
A 1 16  HIS 16  16  16  HIS HIS A . n 
A 1 17  ASN 17  17  17  ASN ASN A . n 
A 1 18  PHE 18  18  18  PHE PHE A . n 
A 1 19  LEU 19  19  19  LEU LEU A . n 
A 1 20  ASN 20  20  20  ASN ASN A . n 
A 1 21  ASN 21  21  21  ASN ASN A . n 
A 1 22  PRO 22  22  22  PRO PRO A . n 
A 1 23  PRO 23  23  23  PRO PRO A . n 
A 1 24  ILE 24  24  24  ILE ILE A . n 
A 1 25  ASN 25  25  25  ASN ASN A . n 
A 1 26  CYS 26  26  26  CYS CYS A . n 
A 1 27  THR 27  27  27  THR THR A . n 
A 1 28  LEU 28  28  28  LEU LEU A . n 
A 1 29  ASP 29  29  29  ASP ASP A . n 
A 1 30  VAL 30  30  30  VAL VAL A . n 
A 1 31  HIS 31  31  31  HIS HIS A . n 
A 1 32  PRO 32  32  32  PRO PRO A . n 
A 1 33  ASN 33  33  33  ASN ASN A . n 
A 1 34  ASN 34  34  34  ASN ASN A . n 
A 1 35  ILE 35  35  35  ILE ILE A . n 
A 1 36  ARG 36  36  36  ARG ARG A . n 
A 1 37  ILE 37  37  37  ILE ILE A . n 
A 1 38  TRP 38  38  38  TRP TRP A . n 
A 1 39  ILE 39  39  39  ILE ILE A . n 
A 1 40  VAL 40  40  40  VAL VAL A . n 
A 1 41  LYS 41  41  41  LYS LYS A . n 
A 1 42  TYR 42  42  42  TYR TYR A . n 
A 1 43  VAL 43  43  43  VAL VAL A . n 
A 1 44  GLY 44  44  44  GLY GLY A . n 
A 1 45  LEU 45  45  45  LEU LEU A . n 
A 1 46  GLU 46  46  46  GLU GLU A . n 
A 1 47  ASN 47  47  47  ASN ASN A . n 
A 1 48  THR 48  48  48  THR THR A . n 
A 1 49  ILE 49  49  49  ILE ILE A . n 
A 1 50  TYR 50  50  50  TYR TYR A . n 
A 1 51  ALA 51  51  51  ALA ALA A . n 
A 1 52  ASN 52  52  52  ASN ASN A . n 
A 1 53  GLU 53  53  53  GLU GLU A . n 
A 1 54  VAL 54  54  54  VAL VAL A . n 
A 1 55  TYR 55  55  55  TYR TYR A . n 
A 1 56  LYS 56  56  56  LYS LYS A . n 
A 1 57  LEU 57  57  57  LEU LEU A . n 
A 1 58  LYS 58  58  58  LYS LYS A . n 
A 1 59  ILE 59  59  59  ILE ILE A . n 
A 1 60  ILE 60  60  60  ILE ILE A . n 
A 1 61  PHE 61  61  61  PHE PHE A . n 
A 1 62  PRO 62  62  62  PRO PRO A . n 
A 1 63  ASP 63  63  63  ASP ASP A . n 
A 1 64  ASP 64  64  64  ASP ASP A . n 
A 1 65  TYR 65  65  65  TYR TYR A . n 
A 1 66  PRO 66  66  66  PRO PRO A . n 
A 1 67  LEU 67  67  67  LEU LEU A . n 
A 1 68  LYS 68  68  68  LYS LYS A . n 
A 1 69  PRO 69  69  69  PRO PRO A . n 
A 1 70  PRO 70  70  70  PRO PRO A . n 
A 1 71  ILE 71  71  71  ILE ILE A . n 
A 1 72  VAL 72  72  72  VAL VAL A . n 
A 1 73  TYR 73  73  73  TYR TYR A . n 
A 1 74  PHE 74  74  74  PHE PHE A . n 
A 1 75  LEU 75  75  75  LEU LEU A . n 
A 1 76  GLN 76  76  76  GLN GLN A . n 
A 1 77  LYS 77  77  77  LYS LYS A . n 
A 1 78  PRO 78  78  78  PRO PRO A . n 
A 1 79  PRO 79  79  79  PRO PRO A . n 
A 1 80  LYS 80  80  80  LYS LYS A . n 
A 1 81  HIS 81  81  81  HIS HIS A . n 
A 1 82  THR 82  82  82  THR THR A . n 
A 1 83  HIS 83  83  83  HIS HIS A . n 
A 1 84  VAL 84  84  84  VAL VAL A . n 
A 1 85  TYR 85  85  85  TYR TYR A . n 
A 1 86  SER 86  86  86  SER SER A . n 
A 1 87  ASN 87  87  87  ASN ASN A . n 
A 1 88  GLY 88  88  88  GLY GLY A . n 
A 1 89  ASP 89  89  89  ASP ASP A . n 
A 1 90  ILE 90  90  90  ILE ILE A . n 
A 1 91  CYS 91  91  91  CYS CYS A . n 
A 1 92  LEU 92  92  92  LEU LEU A . n 
A 1 93  SER 93  93  93  SER SER A . n 
A 1 94  LEU 94  94  94  LEU LEU A . n 
A 1 95  LEU 95  95  95  LEU LEU A . n 
A 1 96  GLY 96  96  96  GLY GLY A . n 
A 1 97  ASP 97  97  97  ASP ASP A . n 
A 1 98  ASP 98  98  98  ASP ASP A . n 
A 1 99  TYR 99  99  99  TYR TYR A . n 
A 1 100 ASN 100 100 100 ASN ASN A . n 
A 1 101 PRO 101 101 101 PRO PRO A . n 
A 1 102 SER 102 102 102 SER SER A . n 
A 1 103 LEU 103 103 103 LEU LEU A . n 
A 1 104 SER 104 104 104 SER SER A . n 
A 1 105 ILE 105 105 105 ILE ILE A . n 
A 1 106 SER 106 106 106 SER SER A . n 
A 1 107 GLY 107 107 107 GLY GLY A . n 
A 1 108 LEU 108 108 108 LEU LEU A . n 
A 1 109 VAL 109 109 109 VAL VAL A . n 
A 1 110 LEU 110 110 110 LEU LEU A . n 
A 1 111 SER 111 111 111 SER SER A . n 
A 1 112 ILE 112 112 112 ILE ILE A . n 
A 1 113 ILE 113 113 113 ILE ILE A . n 
A 1 114 SER 114 114 114 SER SER A . n 
A 1 115 MET 115 115 115 MET MET A . n 
A 1 116 LEU 116 116 116 LEU LEU A . n 
A 1 117 SER 117 117 117 SER SER A . n 
A 1 118 SER 118 118 ?   ?   ?   A . n 
A 1 119 ALA 119 119 ?   ?   ?   A . n 
A 1 120 LYS 120 120 ?   ?   ?   A . n 
A 1 121 GLU 121 121 ?   ?   ?   A . n 
A 1 122 LYS 122 122 ?   ?   ?   A . n 
A 1 123 LYS 123 123 ?   ?   ?   A . n 
A 1 124 LEU 124 124 ?   ?   ?   A . n 
A 1 125 PRO 125 125 ?   ?   ?   A . n 
# 
_pdbx_SG_project.id                    1 
_pdbx_SG_project.project_name          ? 
_pdbx_SG_project.full_name_of_center   'Structural Genomics Consortium' 
_pdbx_SG_project.initial_of_center     SGC 
# 
loop_
_pdbx_nonpoly_scheme.asym_id 
_pdbx_nonpoly_scheme.entity_id 
_pdbx_nonpoly_scheme.mon_id 
_pdbx_nonpoly_scheme.ndb_seq_num 
_pdbx_nonpoly_scheme.pdb_seq_num 
_pdbx_nonpoly_scheme.auth_seq_num 
_pdbx_nonpoly_scheme.pdb_mon_id 
_pdbx_nonpoly_scheme.auth_mon_id 
_pdbx_nonpoly_scheme.pdb_strand_id 
_pdbx_nonpoly_scheme.pdb_ins_code 
B 2 HOH 1   126 1   HOH HOH A . 
B 2 HOH 2   127 2   HOH HOH A . 
B 2 HOH 3   128 3   HOH HOH A . 
B 2 HOH 4   129 4   HOH HOH A . 
B 2 HOH 5   130 5   HOH HOH A . 
B 2 HOH 6   131 6   HOH HOH A . 
B 2 HOH 7   132 7   HOH HOH A . 
B 2 HOH 8   133 8   HOH HOH A . 
B 2 HOH 9   134 9   HOH HOH A . 
B 2 HOH 10  135 10  HOH HOH A . 
B 2 HOH 11  136 11  HOH HOH A . 
B 2 HOH 12  137 12  HOH HOH A . 
B 2 HOH 13  138 13  HOH HOH A . 
B 2 HOH 14  139 14  HOH HOH A . 
B 2 HOH 15  140 15  HOH HOH A . 
B 2 HOH 16  141 16  HOH HOH A . 
B 2 HOH 17  142 17  HOH HOH A . 
B 2 HOH 18  143 18  HOH HOH A . 
B 2 HOH 19  144 19  HOH HOH A . 
B 2 HOH 20  145 20  HOH HOH A . 
B 2 HOH 21  146 21  HOH HOH A . 
B 2 HOH 22  147 22  HOH HOH A . 
B 2 HOH 23  148 23  HOH HOH A . 
B 2 HOH 24  149 24  HOH HOH A . 
B 2 HOH 25  150 25  HOH HOH A . 
B 2 HOH 26  151 26  HOH HOH A . 
B 2 HOH 27  152 27  HOH HOH A . 
B 2 HOH 28  153 28  HOH HOH A . 
B 2 HOH 29  154 29  HOH HOH A . 
B 2 HOH 30  155 30  HOH HOH A . 
B 2 HOH 31  156 31  HOH HOH A . 
B 2 HOH 32  157 32  HOH HOH A . 
B 2 HOH 33  158 33  HOH HOH A . 
B 2 HOH 34  159 34  HOH HOH A . 
B 2 HOH 35  160 35  HOH HOH A . 
B 2 HOH 36  161 36  HOH HOH A . 
B 2 HOH 37  162 37  HOH HOH A . 
B 2 HOH 38  163 38  HOH HOH A . 
B 2 HOH 39  164 39  HOH HOH A . 
B 2 HOH 40  165 40  HOH HOH A . 
B 2 HOH 41  166 41  HOH HOH A . 
B 2 HOH 42  167 42  HOH HOH A . 
B 2 HOH 43  168 43  HOH HOH A . 
B 2 HOH 44  169 44  HOH HOH A . 
B 2 HOH 45  170 45  HOH HOH A . 
B 2 HOH 46  171 46  HOH HOH A . 
B 2 HOH 47  172 47  HOH HOH A . 
B 2 HOH 48  173 48  HOH HOH A . 
B 2 HOH 49  174 49  HOH HOH A . 
B 2 HOH 50  175 50  HOH HOH A . 
B 2 HOH 51  176 51  HOH HOH A . 
B 2 HOH 52  177 52  HOH HOH A . 
B 2 HOH 53  178 53  HOH HOH A . 
B 2 HOH 54  179 54  HOH HOH A . 
B 2 HOH 55  180 55  HOH HOH A . 
B 2 HOH 56  181 56  HOH HOH A . 
B 2 HOH 57  182 57  HOH HOH A . 
B 2 HOH 58  183 58  HOH HOH A . 
B 2 HOH 59  184 59  HOH HOH A . 
B 2 HOH 60  185 60  HOH HOH A . 
B 2 HOH 61  186 61  HOH HOH A . 
B 2 HOH 62  187 62  HOH HOH A . 
B 2 HOH 63  188 63  HOH HOH A . 
B 2 HOH 64  189 64  HOH HOH A . 
B 2 HOH 65  190 65  HOH HOH A . 
B 2 HOH 66  191 66  HOH HOH A . 
B 2 HOH 67  192 67  HOH HOH A . 
B 2 HOH 68  193 68  HOH HOH A . 
B 2 HOH 69  194 69  HOH HOH A . 
B 2 HOH 70  195 70  HOH HOH A . 
B 2 HOH 71  196 71  HOH HOH A . 
B 2 HOH 72  197 72  HOH HOH A . 
B 2 HOH 73  198 73  HOH HOH A . 
B 2 HOH 74  199 74  HOH HOH A . 
B 2 HOH 75  200 75  HOH HOH A . 
B 2 HOH 76  201 76  HOH HOH A . 
B 2 HOH 77  202 77  HOH HOH A . 
B 2 HOH 78  203 78  HOH HOH A . 
B 2 HOH 79  204 79  HOH HOH A . 
B 2 HOH 80  205 80  HOH HOH A . 
B 2 HOH 81  206 81  HOH HOH A . 
B 2 HOH 82  207 82  HOH HOH A . 
B 2 HOH 83  208 83  HOH HOH A . 
B 2 HOH 84  209 84  HOH HOH A . 
B 2 HOH 85  210 85  HOH HOH A . 
B 2 HOH 86  211 86  HOH HOH A . 
B 2 HOH 87  212 87  HOH HOH A . 
B 2 HOH 88  213 88  HOH HOH A . 
B 2 HOH 89  214 89  HOH HOH A . 
B 2 HOH 90  215 90  HOH HOH A . 
B 2 HOH 91  216 91  HOH HOH A . 
B 2 HOH 92  217 92  HOH HOH A . 
B 2 HOH 93  218 93  HOH HOH A . 
B 2 HOH 94  219 94  HOH HOH A . 
B 2 HOH 95  220 95  HOH HOH A . 
B 2 HOH 96  221 96  HOH HOH A . 
B 2 HOH 97  222 97  HOH HOH A . 
B 2 HOH 98  223 98  HOH HOH A . 
B 2 HOH 99  224 99  HOH HOH A . 
B 2 HOH 100 225 100 HOH HOH A . 
B 2 HOH 101 226 101 HOH HOH A . 
# 
_pdbx_struct_assembly.id                   1 
_pdbx_struct_assembly.details              author_defined_assembly 
_pdbx_struct_assembly.method_details       ? 
_pdbx_struct_assembly.oligomeric_details   monomeric 
_pdbx_struct_assembly.oligomeric_count     1 
# 
_pdbx_struct_assembly_gen.assembly_id       1 
_pdbx_struct_assembly_gen.oper_expression   1 
_pdbx_struct_assembly_gen.asym_id_list      A,B 
# 
_pdbx_struct_oper_list.id                   1 
_pdbx_struct_oper_list.type                 'identity operation' 
_pdbx_struct_oper_list.name                 1_555 
_pdbx_struct_oper_list.symmetry_operation   x,y,z 
_pdbx_struct_oper_list.matrix[1][1]         1.0000000000 
_pdbx_struct_oper_list.matrix[1][2]         0.0000000000 
_pdbx_struct_oper_list.matrix[1][3]         0.0000000000 
_pdbx_struct_oper_list.vector[1]            0.0000000000 
_pdbx_struct_oper_list.matrix[2][1]         0.0000000000 
_pdbx_struct_oper_list.matrix[2][2]         1.0000000000 
_pdbx_struct_oper_list.matrix[2][3]         0.0000000000 
_pdbx_struct_oper_list.vector[2]            0.0000000000 
_pdbx_struct_oper_list.matrix[3][1]         0.0000000000 
_pdbx_struct_oper_list.matrix[3][2]         0.0000000000 
_pdbx_struct_oper_list.matrix[3][3]         1.0000000000 
_pdbx_struct_oper_list.vector[3]            0.0000000000 
# 
loop_
_pdbx_struct_special_symmetry.id 
_pdbx_struct_special_symmetry.PDB_model_num 
_pdbx_struct_special_symmetry.auth_asym_id 
_pdbx_struct_special_symmetry.auth_comp_id 
_pdbx_struct_special_symmetry.auth_seq_id 
_pdbx_struct_special_symmetry.PDB_ins_code 
_pdbx_struct_special_symmetry.label_asym_id 
_pdbx_struct_special_symmetry.label_comp_id 
_pdbx_struct_special_symmetry.label_seq_id 
1 1 A HOH 178 ? B HOH . 
2 1 A HOH 194 ? B HOH . 
3 1 A HOH 226 ? B HOH . 
# 
loop_
_pdbx_audit_revision_history.ordinal 
_pdbx_audit_revision_history.data_content_type 
_pdbx_audit_revision_history.major_revision 
_pdbx_audit_revision_history.minor_revision 
_pdbx_audit_revision_history.revision_date 
1 'Structure model' 1 0 2006-01-31 
2 'Structure model' 1 1 2008-05-01 
3 'Structure model' 1 2 2011-07-13 
4 'Structure model' 1 3 2017-10-18 
5 'Structure model' 1 4 2023-08-30 
# 
_pdbx_audit_revision_details.ordinal             1 
_pdbx_audit_revision_details.revision_ordinal    1 
_pdbx_audit_revision_details.data_content_type   'Structure model' 
_pdbx_audit_revision_details.provider            repository 
_pdbx_audit_revision_details.type                'Initial release' 
_pdbx_audit_revision_details.description         ? 
_pdbx_audit_revision_details.details             ? 
# 
loop_
_pdbx_audit_revision_group.ordinal 
_pdbx_audit_revision_group.revision_ordinal 
_pdbx_audit_revision_group.data_content_type 
_pdbx_audit_revision_group.group 
1 2 'Structure model' 'Version format compliance' 
2 3 'Structure model' 'Version format compliance' 
3 4 'Structure model' 'Refinement description'    
4 5 'Structure model' 'Data collection'           
5 5 'Structure model' 'Database references'       
6 5 'Structure model' 'Derived calculations'      
7 5 'Structure model' 'Refinement description'    
# 
loop_
_pdbx_audit_revision_category.ordinal 
_pdbx_audit_revision_category.revision_ordinal 
_pdbx_audit_revision_category.data_content_type 
_pdbx_audit_revision_category.category 
1 4 'Structure model' software                      
2 5 'Structure model' chem_comp_atom                
3 5 'Structure model' chem_comp_bond                
4 5 'Structure model' database_2                    
5 5 'Structure model' pdbx_initial_refinement_model 
6 5 'Structure model' pdbx_struct_special_symmetry  
# 
loop_
_pdbx_audit_revision_item.ordinal 
_pdbx_audit_revision_item.revision_ordinal 
_pdbx_audit_revision_item.data_content_type 
_pdbx_audit_revision_item.item 
1 4 'Structure model' '_software.classification'            
2 4 'Structure model' '_software.name'                      
3 5 'Structure model' '_database_2.pdbx_DOI'                
4 5 'Structure model' '_database_2.pdbx_database_accession' 
# 
loop_
_software.name 
_software.classification 
_software.version 
_software.citation_id 
_software.pdbx_ordinal 
REFMAC      refinement        5.2.0019   ? 1 
SBC-Collect 'data collection' .          ? 2 
HKL-2000    'data scaling'    .          ? 3 
PHASER      phasing           'V. 1.3.1' ? 4 
Coot        'model building'  0.0.33     ? 5 
SOLVE       phasing           .          ? 6 
RESOLVE     phasing           .          ? 7 
ARP/wARP    'model building'  .          ? 8 
# 
_pdbx_validate_symm_contact.id                1 
_pdbx_validate_symm_contact.PDB_model_num     1 
_pdbx_validate_symm_contact.auth_atom_id_1    SG 
_pdbx_validate_symm_contact.auth_asym_id_1    A 
_pdbx_validate_symm_contact.auth_comp_id_1    CYS 
_pdbx_validate_symm_contact.auth_seq_id_1     91 
_pdbx_validate_symm_contact.PDB_ins_code_1    ? 
_pdbx_validate_symm_contact.label_alt_id_1    ? 
_pdbx_validate_symm_contact.site_symmetry_1   1_555 
_pdbx_validate_symm_contact.auth_atom_id_2    SG 
_pdbx_validate_symm_contact.auth_asym_id_2    A 
_pdbx_validate_symm_contact.auth_comp_id_2    CYS 
_pdbx_validate_symm_contact.auth_seq_id_2     91 
_pdbx_validate_symm_contact.PDB_ins_code_2    ? 
_pdbx_validate_symm_contact.label_alt_id_2    ? 
_pdbx_validate_symm_contact.site_symmetry_2   10_665 
_pdbx_validate_symm_contact.dist              2.15 
# 
_pdbx_validate_torsion.id              1 
_pdbx_validate_torsion.PDB_model_num   1 
_pdbx_validate_torsion.auth_comp_id    ASN 
_pdbx_validate_torsion.auth_asym_id    A 
_pdbx_validate_torsion.auth_seq_id     52 
_pdbx_validate_torsion.PDB_ins_code    ? 
_pdbx_validate_torsion.label_alt_id    ? 
_pdbx_validate_torsion.phi             69.96 
_pdbx_validate_torsion.psi             -4.46 
# 
loop_
_pdbx_unobs_or_zero_occ_atoms.id 
_pdbx_unobs_or_zero_occ_atoms.PDB_model_num 
_pdbx_unobs_or_zero_occ_atoms.polymer_flag 
_pdbx_unobs_or_zero_occ_atoms.occupancy_flag 
_pdbx_unobs_or_zero_occ_atoms.auth_asym_id 
_pdbx_unobs_or_zero_occ_atoms.auth_comp_id 
_pdbx_unobs_or_zero_occ_atoms.auth_seq_id 
_pdbx_unobs_or_zero_occ_atoms.PDB_ins_code 
_pdbx_unobs_or_zero_occ_atoms.auth_atom_id 
_pdbx_unobs_or_zero_occ_atoms.label_alt_id 
_pdbx_unobs_or_zero_occ_atoms.label_asym_id 
_pdbx_unobs_or_zero_occ_atoms.label_comp_id 
_pdbx_unobs_or_zero_occ_atoms.label_seq_id 
_pdbx_unobs_or_zero_occ_atoms.label_atom_id 
1  1 Y 1 A TYR 9  ? CG  ? A TYR 9  CG  
2  1 Y 1 A TYR 9  ? CD1 ? A TYR 9  CD1 
3  1 Y 1 A TYR 9  ? CD2 ? A TYR 9  CD2 
4  1 Y 1 A TYR 9  ? CE1 ? A TYR 9  CE1 
5  1 Y 1 A TYR 9  ? CE2 ? A TYR 9  CE2 
6  1 Y 1 A TYR 9  ? CZ  ? A TYR 9  CZ  
7  1 Y 1 A TYR 9  ? OH  ? A TYR 9  OH  
8  1 Y 1 A GLU 46 ? CG  ? A GLU 46 CG  
9  1 Y 1 A GLU 46 ? CD  ? A GLU 46 CD  
10 1 Y 1 A GLU 46 ? OE1 ? A GLU 46 OE1 
11 1 Y 1 A GLU 46 ? OE2 ? A GLU 46 OE2 
12 1 Y 1 A ASN 47 ? CG  ? A ASN 47 CG  
13 1 Y 1 A ASN 47 ? OD1 ? A ASN 47 OD1 
14 1 Y 1 A ASN 47 ? ND2 ? A ASN 47 ND2 
15 1 Y 1 A TYR 85 ? CD1 ? A TYR 85 CD1 
16 1 Y 1 A TYR 85 ? CD2 ? A TYR 85 CD2 
17 1 Y 1 A TYR 85 ? CE1 ? A TYR 85 CE1 
18 1 Y 1 A TYR 85 ? CE2 ? A TYR 85 CE2 
19 1 Y 1 A TYR 85 ? CZ  ? A TYR 85 CZ  
20 1 Y 1 A TYR 85 ? OH  ? A TYR 85 OH  
# 
loop_
_pdbx_unobs_or_zero_occ_residues.id 
_pdbx_unobs_or_zero_occ_residues.PDB_model_num 
_pdbx_unobs_or_zero_occ_residues.polymer_flag 
_pdbx_unobs_or_zero_occ_residues.occupancy_flag 
_pdbx_unobs_or_zero_occ_residues.auth_asym_id 
_pdbx_unobs_or_zero_occ_residues.auth_comp_id 
_pdbx_unobs_or_zero_occ_residues.auth_seq_id 
_pdbx_unobs_or_zero_occ_residues.PDB_ins_code 
_pdbx_unobs_or_zero_occ_residues.label_asym_id 
_pdbx_unobs_or_zero_occ_residues.label_comp_id 
_pdbx_unobs_or_zero_occ_residues.label_seq_id 
1  1 Y 1 A LYS 1   ? A LYS 1   
2  1 Y 1 A TYR 2   ? A TYR 2   
3  1 Y 1 A ASN 3   ? A ASN 3   
4  1 Y 1 A MET 4   ? A MET 4   
5  1 Y 1 A GLY 5   ? A GLY 5   
6  1 Y 1 A ASN 6   ? A ASN 6   
7  1 Y 1 A ALA 7   ? A ALA 7   
8  1 Y 1 A ASN 8   ? A ASN 8   
9  1 Y 1 A SER 118 ? A SER 118 
10 1 Y 1 A ALA 119 ? A ALA 119 
11 1 Y 1 A LYS 120 ? A LYS 120 
12 1 Y 1 A GLU 121 ? A GLU 121 
13 1 Y 1 A LYS 122 ? A LYS 122 
14 1 Y 1 A LYS 123 ? A LYS 123 
15 1 Y 1 A LEU 124 ? A LEU 124 
16 1 Y 1 A PRO 125 ? A PRO 125 
# 
loop_
_chem_comp_atom.comp_id 
_chem_comp_atom.atom_id 
_chem_comp_atom.type_symbol 
_chem_comp_atom.pdbx_aromatic_flag 
_chem_comp_atom.pdbx_stereo_config 
_chem_comp_atom.pdbx_ordinal 
ALA N    N N N 1   
ALA CA   C N S 2   
ALA C    C N N 3   
ALA O    O N N 4   
ALA CB   C N N 5   
ALA OXT  O N N 6   
ALA H    H N N 7   
ALA H2   H N N 8   
ALA HA   H N N 9   
ALA HB1  H N N 10  
ALA HB2  H N N 11  
ALA HB3  H N N 12  
ALA HXT  H N N 13  
ARG N    N N N 14  
ARG CA   C N S 15  
ARG C    C N N 16  
ARG O    O N N 17  
ARG CB   C N N 18  
ARG CG   C N N 19  
ARG CD   C N N 20  
ARG NE   N N N 21  
ARG CZ   C N N 22  
ARG NH1  N N N 23  
ARG NH2  N N N 24  
ARG OXT  O N N 25  
ARG H    H N N 26  
ARG H2   H N N 27  
ARG HA   H N N 28  
ARG HB2  H N N 29  
ARG HB3  H N N 30  
ARG HG2  H N N 31  
ARG HG3  H N N 32  
ARG HD2  H N N 33  
ARG HD3  H N N 34  
ARG HE   H N N 35  
ARG HH11 H N N 36  
ARG HH12 H N N 37  
ARG HH21 H N N 38  
ARG HH22 H N N 39  
ARG HXT  H N N 40  
ASN N    N N N 41  
ASN CA   C N S 42  
ASN C    C N N 43  
ASN O    O N N 44  
ASN CB   C N N 45  
ASN CG   C N N 46  
ASN OD1  O N N 47  
ASN ND2  N N N 48  
ASN OXT  O N N 49  
ASN H    H N N 50  
ASN H2   H N N 51  
ASN HA   H N N 52  
ASN HB2  H N N 53  
ASN HB3  H N N 54  
ASN HD21 H N N 55  
ASN HD22 H N N 56  
ASN HXT  H N N 57  
ASP N    N N N 58  
ASP CA   C N S 59  
ASP C    C N N 60  
ASP O    O N N 61  
ASP CB   C N N 62  
ASP CG   C N N 63  
ASP OD1  O N N 64  
ASP OD2  O N N 65  
ASP OXT  O N N 66  
ASP H    H N N 67  
ASP H2   H N N 68  
ASP HA   H N N 69  
ASP HB2  H N N 70  
ASP HB3  H N N 71  
ASP HD2  H N N 72  
ASP HXT  H N N 73  
CYS N    N N N 74  
CYS CA   C N R 75  
CYS C    C N N 76  
CYS O    O N N 77  
CYS CB   C N N 78  
CYS SG   S N N 79  
CYS OXT  O N N 80  
CYS H    H N N 81  
CYS H2   H N N 82  
CYS HA   H N N 83  
CYS HB2  H N N 84  
CYS HB3  H N N 85  
CYS HG   H N N 86  
CYS HXT  H N N 87  
GLN N    N N N 88  
GLN CA   C N S 89  
GLN C    C N N 90  
GLN O    O N N 91  
GLN CB   C N N 92  
GLN CG   C N N 93  
GLN CD   C N N 94  
GLN OE1  O N N 95  
GLN NE2  N N N 96  
GLN OXT  O N N 97  
GLN H    H N N 98  
GLN H2   H N N 99  
GLN HA   H N N 100 
GLN HB2  H N N 101 
GLN HB3  H N N 102 
GLN HG2  H N N 103 
GLN HG3  H N N 104 
GLN HE21 H N N 105 
GLN HE22 H N N 106 
GLN HXT  H N N 107 
GLU N    N N N 108 
GLU CA   C N S 109 
GLU C    C N N 110 
GLU O    O N N 111 
GLU CB   C N N 112 
GLU CG   C N N 113 
GLU CD   C N N 114 
GLU OE1  O N N 115 
GLU OE2  O N N 116 
GLU OXT  O N N 117 
GLU H    H N N 118 
GLU H2   H N N 119 
GLU HA   H N N 120 
GLU HB2  H N N 121 
GLU HB3  H N N 122 
GLU HG2  H N N 123 
GLU HG3  H N N 124 
GLU HE2  H N N 125 
GLU HXT  H N N 126 
GLY N    N N N 127 
GLY CA   C N N 128 
GLY C    C N N 129 
GLY O    O N N 130 
GLY OXT  O N N 131 
GLY H    H N N 132 
GLY H2   H N N 133 
GLY HA2  H N N 134 
GLY HA3  H N N 135 
GLY HXT  H N N 136 
HIS N    N N N 137 
HIS CA   C N S 138 
HIS C    C N N 139 
HIS O    O N N 140 
HIS CB   C N N 141 
HIS CG   C Y N 142 
HIS ND1  N Y N 143 
HIS CD2  C Y N 144 
HIS CE1  C Y N 145 
HIS NE2  N Y N 146 
HIS OXT  O N N 147 
HIS H    H N N 148 
HIS H2   H N N 149 
HIS HA   H N N 150 
HIS HB2  H N N 151 
HIS HB3  H N N 152 
HIS HD1  H N N 153 
HIS HD2  H N N 154 
HIS HE1  H N N 155 
HIS HE2  H N N 156 
HIS HXT  H N N 157 
HOH O    O N N 158 
HOH H1   H N N 159 
HOH H2   H N N 160 
ILE N    N N N 161 
ILE CA   C N S 162 
ILE C    C N N 163 
ILE O    O N N 164 
ILE CB   C N S 165 
ILE CG1  C N N 166 
ILE CG2  C N N 167 
ILE CD1  C N N 168 
ILE OXT  O N N 169 
ILE H    H N N 170 
ILE H2   H N N 171 
ILE HA   H N N 172 
ILE HB   H N N 173 
ILE HG12 H N N 174 
ILE HG13 H N N 175 
ILE HG21 H N N 176 
ILE HG22 H N N 177 
ILE HG23 H N N 178 
ILE HD11 H N N 179 
ILE HD12 H N N 180 
ILE HD13 H N N 181 
ILE HXT  H N N 182 
LEU N    N N N 183 
LEU CA   C N S 184 
LEU C    C N N 185 
LEU O    O N N 186 
LEU CB   C N N 187 
LEU CG   C N N 188 
LEU CD1  C N N 189 
LEU CD2  C N N 190 
LEU OXT  O N N 191 
LEU H    H N N 192 
LEU H2   H N N 193 
LEU HA   H N N 194 
LEU HB2  H N N 195 
LEU HB3  H N N 196 
LEU HG   H N N 197 
LEU HD11 H N N 198 
LEU HD12 H N N 199 
LEU HD13 H N N 200 
LEU HD21 H N N 201 
LEU HD22 H N N 202 
LEU HD23 H N N 203 
LEU HXT  H N N 204 
LYS N    N N N 205 
LYS CA   C N S 206 
LYS C    C N N 207 
LYS O    O N N 208 
LYS CB   C N N 209 
LYS CG   C N N 210 
LYS CD   C N N 211 
LYS CE   C N N 212 
LYS NZ   N N N 213 
LYS OXT  O N N 214 
LYS H    H N N 215 
LYS H2   H N N 216 
LYS HA   H N N 217 
LYS HB2  H N N 218 
LYS HB3  H N N 219 
LYS HG2  H N N 220 
LYS HG3  H N N 221 
LYS HD2  H N N 222 
LYS HD3  H N N 223 
LYS HE2  H N N 224 
LYS HE3  H N N 225 
LYS HZ1  H N N 226 
LYS HZ2  H N N 227 
LYS HZ3  H N N 228 
LYS HXT  H N N 229 
MET N    N N N 230 
MET CA   C N S 231 
MET C    C N N 232 
MET O    O N N 233 
MET CB   C N N 234 
MET CG   C N N 235 
MET SD   S N N 236 
MET CE   C N N 237 
MET OXT  O N N 238 
MET H    H N N 239 
MET H2   H N N 240 
MET HA   H N N 241 
MET HB2  H N N 242 
MET HB3  H N N 243 
MET HG2  H N N 244 
MET HG3  H N N 245 
MET HE1  H N N 246 
MET HE2  H N N 247 
MET HE3  H N N 248 
MET HXT  H N N 249 
PHE N    N N N 250 
PHE CA   C N S 251 
PHE C    C N N 252 
PHE O    O N N 253 
PHE CB   C N N 254 
PHE CG   C Y N 255 
PHE CD1  C Y N 256 
PHE CD2  C Y N 257 
PHE CE1  C Y N 258 
PHE CE2  C Y N 259 
PHE CZ   C Y N 260 
PHE OXT  O N N 261 
PHE H    H N N 262 
PHE H2   H N N 263 
PHE HA   H N N 264 
PHE HB2  H N N 265 
PHE HB3  H N N 266 
PHE HD1  H N N 267 
PHE HD2  H N N 268 
PHE HE1  H N N 269 
PHE HE2  H N N 270 
PHE HZ   H N N 271 
PHE HXT  H N N 272 
PRO N    N N N 273 
PRO CA   C N S 274 
PRO C    C N N 275 
PRO O    O N N 276 
PRO CB   C N N 277 
PRO CG   C N N 278 
PRO CD   C N N 279 
PRO OXT  O N N 280 
PRO H    H N N 281 
PRO HA   H N N 282 
PRO HB2  H N N 283 
PRO HB3  H N N 284 
PRO HG2  H N N 285 
PRO HG3  H N N 286 
PRO HD2  H N N 287 
PRO HD3  H N N 288 
PRO HXT  H N N 289 
SER N    N N N 290 
SER CA   C N S 291 
SER C    C N N 292 
SER O    O N N 293 
SER CB   C N N 294 
SER OG   O N N 295 
SER OXT  O N N 296 
SER H    H N N 297 
SER H2   H N N 298 
SER HA   H N N 299 
SER HB2  H N N 300 
SER HB3  H N N 301 
SER HG   H N N 302 
SER HXT  H N N 303 
THR N    N N N 304 
THR CA   C N S 305 
THR C    C N N 306 
THR O    O N N 307 
THR CB   C N R 308 
THR OG1  O N N 309 
THR CG2  C N N 310 
THR OXT  O N N 311 
THR H    H N N 312 
THR H2   H N N 313 
THR HA   H N N 314 
THR HB   H N N 315 
THR HG1  H N N 316 
THR HG21 H N N 317 
THR HG22 H N N 318 
THR HG23 H N N 319 
THR HXT  H N N 320 
TRP N    N N N 321 
TRP CA   C N S 322 
TRP C    C N N 323 
TRP O    O N N 324 
TRP CB   C N N 325 
TRP CG   C Y N 326 
TRP CD1  C Y N 327 
TRP CD2  C Y N 328 
TRP NE1  N Y N 329 
TRP CE2  C Y N 330 
TRP CE3  C Y N 331 
TRP CZ2  C Y N 332 
TRP CZ3  C Y N 333 
TRP CH2  C Y N 334 
TRP OXT  O N N 335 
TRP H    H N N 336 
TRP H2   H N N 337 
TRP HA   H N N 338 
TRP HB2  H N N 339 
TRP HB3  H N N 340 
TRP HD1  H N N 341 
TRP HE1  H N N 342 
TRP HE3  H N N 343 
TRP HZ2  H N N 344 
TRP HZ3  H N N 345 
TRP HH2  H N N 346 
TRP HXT  H N N 347 
TYR N    N N N 348 
TYR CA   C N S 349 
TYR C    C N N 350 
TYR O    O N N 351 
TYR CB   C N N 352 
TYR CG   C Y N 353 
TYR CD1  C Y N 354 
TYR CD2  C Y N 355 
TYR CE1  C Y N 356 
TYR CE2  C Y N 357 
TYR CZ   C Y N 358 
TYR OH   O N N 359 
TYR OXT  O N N 360 
TYR H    H N N 361 
TYR H2   H N N 362 
TYR HA   H N N 363 
TYR HB2  H N N 364 
TYR HB3  H N N 365 
TYR HD1  H N N 366 
TYR HD2  H N N 367 
TYR HE1  H N N 368 
TYR HE2  H N N 369 
TYR HH   H N N 370 
TYR HXT  H N N 371 
VAL N    N N N 372 
VAL CA   C N S 373 
VAL C    C N N 374 
VAL O    O N N 375 
VAL CB   C N N 376 
VAL CG1  C N N 377 
VAL CG2  C N N 378 
VAL OXT  O N N 379 
VAL H    H N N 380 
VAL H2   H N N 381 
VAL HA   H N N 382 
VAL HB   H N N 383 
VAL HG11 H N N 384 
VAL HG12 H N N 385 
VAL HG13 H N N 386 
VAL HG21 H N N 387 
VAL HG22 H N N 388 
VAL HG23 H N N 389 
VAL HXT  H N N 390 
# 
loop_
_chem_comp_bond.comp_id 
_chem_comp_bond.atom_id_1 
_chem_comp_bond.atom_id_2 
_chem_comp_bond.value_order 
_chem_comp_bond.pdbx_aromatic_flag 
_chem_comp_bond.pdbx_stereo_config 
_chem_comp_bond.pdbx_ordinal 
ALA N   CA   sing N N 1   
ALA N   H    sing N N 2   
ALA N   H2   sing N N 3   
ALA CA  C    sing N N 4   
ALA CA  CB   sing N N 5   
ALA CA  HA   sing N N 6   
ALA C   O    doub N N 7   
ALA C   OXT  sing N N 8   
ALA CB  HB1  sing N N 9   
ALA CB  HB2  sing N N 10  
ALA CB  HB3  sing N N 11  
ALA OXT HXT  sing N N 12  
ARG N   CA   sing N N 13  
ARG N   H    sing N N 14  
ARG N   H2   sing N N 15  
ARG CA  C    sing N N 16  
ARG CA  CB   sing N N 17  
ARG CA  HA   sing N N 18  
ARG C   O    doub N N 19  
ARG C   OXT  sing N N 20  
ARG CB  CG   sing N N 21  
ARG CB  HB2  sing N N 22  
ARG CB  HB3  sing N N 23  
ARG CG  CD   sing N N 24  
ARG CG  HG2  sing N N 25  
ARG CG  HG3  sing N N 26  
ARG CD  NE   sing N N 27  
ARG CD  HD2  sing N N 28  
ARG CD  HD3  sing N N 29  
ARG NE  CZ   sing N N 30  
ARG NE  HE   sing N N 31  
ARG CZ  NH1  sing N N 32  
ARG CZ  NH2  doub N N 33  
ARG NH1 HH11 sing N N 34  
ARG NH1 HH12 sing N N 35  
ARG NH2 HH21 sing N N 36  
ARG NH2 HH22 sing N N 37  
ARG OXT HXT  sing N N 38  
ASN N   CA   sing N N 39  
ASN N   H    sing N N 40  
ASN N   H2   sing N N 41  
ASN CA  C    sing N N 42  
ASN CA  CB   sing N N 43  
ASN CA  HA   sing N N 44  
ASN C   O    doub N N 45  
ASN C   OXT  sing N N 46  
ASN CB  CG   sing N N 47  
ASN CB  HB2  sing N N 48  
ASN CB  HB3  sing N N 49  
ASN CG  OD1  doub N N 50  
ASN CG  ND2  sing N N 51  
ASN ND2 HD21 sing N N 52  
ASN ND2 HD22 sing N N 53  
ASN OXT HXT  sing N N 54  
ASP N   CA   sing N N 55  
ASP N   H    sing N N 56  
ASP N   H2   sing N N 57  
ASP CA  C    sing N N 58  
ASP CA  CB   sing N N 59  
ASP CA  HA   sing N N 60  
ASP C   O    doub N N 61  
ASP C   OXT  sing N N 62  
ASP CB  CG   sing N N 63  
ASP CB  HB2  sing N N 64  
ASP CB  HB3  sing N N 65  
ASP CG  OD1  doub N N 66  
ASP CG  OD2  sing N N 67  
ASP OD2 HD2  sing N N 68  
ASP OXT HXT  sing N N 69  
CYS N   CA   sing N N 70  
CYS N   H    sing N N 71  
CYS N   H2   sing N N 72  
CYS CA  C    sing N N 73  
CYS CA  CB   sing N N 74  
CYS CA  HA   sing N N 75  
CYS C   O    doub N N 76  
CYS C   OXT  sing N N 77  
CYS CB  SG   sing N N 78  
CYS CB  HB2  sing N N 79  
CYS CB  HB3  sing N N 80  
CYS SG  HG   sing N N 81  
CYS OXT HXT  sing N N 82  
GLN N   CA   sing N N 83  
GLN N   H    sing N N 84  
GLN N   H2   sing N N 85  
GLN CA  C    sing N N 86  
GLN CA  CB   sing N N 87  
GLN CA  HA   sing N N 88  
GLN C   O    doub N N 89  
GLN C   OXT  sing N N 90  
GLN CB  CG   sing N N 91  
GLN CB  HB2  sing N N 92  
GLN CB  HB3  sing N N 93  
GLN CG  CD   sing N N 94  
GLN CG  HG2  sing N N 95  
GLN CG  HG3  sing N N 96  
GLN CD  OE1  doub N N 97  
GLN CD  NE2  sing N N 98  
GLN NE2 HE21 sing N N 99  
GLN NE2 HE22 sing N N 100 
GLN OXT HXT  sing N N 101 
GLU N   CA   sing N N 102 
GLU N   H    sing N N 103 
GLU N   H2   sing N N 104 
GLU CA  C    sing N N 105 
GLU CA  CB   sing N N 106 
GLU CA  HA   sing N N 107 
GLU C   O    doub N N 108 
GLU C   OXT  sing N N 109 
GLU CB  CG   sing N N 110 
GLU CB  HB2  sing N N 111 
GLU CB  HB3  sing N N 112 
GLU CG  CD   sing N N 113 
GLU CG  HG2  sing N N 114 
GLU CG  HG3  sing N N 115 
GLU CD  OE1  doub N N 116 
GLU CD  OE2  sing N N 117 
GLU OE2 HE2  sing N N 118 
GLU OXT HXT  sing N N 119 
GLY N   CA   sing N N 120 
GLY N   H    sing N N 121 
GLY N   H2   sing N N 122 
GLY CA  C    sing N N 123 
GLY CA  HA2  sing N N 124 
GLY CA  HA3  sing N N 125 
GLY C   O    doub N N 126 
GLY C   OXT  sing N N 127 
GLY OXT HXT  sing N N 128 
HIS N   CA   sing N N 129 
HIS N   H    sing N N 130 
HIS N   H2   sing N N 131 
HIS CA  C    sing N N 132 
HIS CA  CB   sing N N 133 
HIS CA  HA   sing N N 134 
HIS C   O    doub N N 135 
HIS C   OXT  sing N N 136 
HIS CB  CG   sing N N 137 
HIS CB  HB2  sing N N 138 
HIS CB  HB3  sing N N 139 
HIS CG  ND1  sing Y N 140 
HIS CG  CD2  doub Y N 141 
HIS ND1 CE1  doub Y N 142 
HIS ND1 HD1  sing N N 143 
HIS CD2 NE2  sing Y N 144 
HIS CD2 HD2  sing N N 145 
HIS CE1 NE2  sing Y N 146 
HIS CE1 HE1  sing N N 147 
HIS NE2 HE2  sing N N 148 
HIS OXT HXT  sing N N 149 
HOH O   H1   sing N N 150 
HOH O   H2   sing N N 151 
ILE N   CA   sing N N 152 
ILE N   H    sing N N 153 
ILE N   H2   sing N N 154 
ILE CA  C    sing N N 155 
ILE CA  CB   sing N N 156 
ILE CA  HA   sing N N 157 
ILE C   O    doub N N 158 
ILE C   OXT  sing N N 159 
ILE CB  CG1  sing N N 160 
ILE CB  CG2  sing N N 161 
ILE CB  HB   sing N N 162 
ILE CG1 CD1  sing N N 163 
ILE CG1 HG12 sing N N 164 
ILE CG1 HG13 sing N N 165 
ILE CG2 HG21 sing N N 166 
ILE CG2 HG22 sing N N 167 
ILE CG2 HG23 sing N N 168 
ILE CD1 HD11 sing N N 169 
ILE CD1 HD12 sing N N 170 
ILE CD1 HD13 sing N N 171 
ILE OXT HXT  sing N N 172 
LEU N   CA   sing N N 173 
LEU N   H    sing N N 174 
LEU N   H2   sing N N 175 
LEU CA  C    sing N N 176 
LEU CA  CB   sing N N 177 
LEU CA  HA   sing N N 178 
LEU C   O    doub N N 179 
LEU C   OXT  sing N N 180 
LEU CB  CG   sing N N 181 
LEU CB  HB2  sing N N 182 
LEU CB  HB3  sing N N 183 
LEU CG  CD1  sing N N 184 
LEU CG  CD2  sing N N 185 
LEU CG  HG   sing N N 186 
LEU CD1 HD11 sing N N 187 
LEU CD1 HD12 sing N N 188 
LEU CD1 HD13 sing N N 189 
LEU CD2 HD21 sing N N 190 
LEU CD2 HD22 sing N N 191 
LEU CD2 HD23 sing N N 192 
LEU OXT HXT  sing N N 193 
LYS N   CA   sing N N 194 
LYS N   H    sing N N 195 
LYS N   H2   sing N N 196 
LYS CA  C    sing N N 197 
LYS CA  CB   sing N N 198 
LYS CA  HA   sing N N 199 
LYS C   O    doub N N 200 
LYS C   OXT  sing N N 201 
LYS CB  CG   sing N N 202 
LYS CB  HB2  sing N N 203 
LYS CB  HB3  sing N N 204 
LYS CG  CD   sing N N 205 
LYS CG  HG2  sing N N 206 
LYS CG  HG3  sing N N 207 
LYS CD  CE   sing N N 208 
LYS CD  HD2  sing N N 209 
LYS CD  HD3  sing N N 210 
LYS CE  NZ   sing N N 211 
LYS CE  HE2  sing N N 212 
LYS CE  HE3  sing N N 213 
LYS NZ  HZ1  sing N N 214 
LYS NZ  HZ2  sing N N 215 
LYS NZ  HZ3  sing N N 216 
LYS OXT HXT  sing N N 217 
MET N   CA   sing N N 218 
MET N   H    sing N N 219 
MET N   H2   sing N N 220 
MET CA  C    sing N N 221 
MET CA  CB   sing N N 222 
MET CA  HA   sing N N 223 
MET C   O    doub N N 224 
MET C   OXT  sing N N 225 
MET CB  CG   sing N N 226 
MET CB  HB2  sing N N 227 
MET CB  HB3  sing N N 228 
MET CG  SD   sing N N 229 
MET CG  HG2  sing N N 230 
MET CG  HG3  sing N N 231 
MET SD  CE   sing N N 232 
MET CE  HE1  sing N N 233 
MET CE  HE2  sing N N 234 
MET CE  HE3  sing N N 235 
MET OXT HXT  sing N N 236 
PHE N   CA   sing N N 237 
PHE N   H    sing N N 238 
PHE N   H2   sing N N 239 
PHE CA  C    sing N N 240 
PHE CA  CB   sing N N 241 
PHE CA  HA   sing N N 242 
PHE C   O    doub N N 243 
PHE C   OXT  sing N N 244 
PHE CB  CG   sing N N 245 
PHE CB  HB2  sing N N 246 
PHE CB  HB3  sing N N 247 
PHE CG  CD1  doub Y N 248 
PHE CG  CD2  sing Y N 249 
PHE CD1 CE1  sing Y N 250 
PHE CD1 HD1  sing N N 251 
PHE CD2 CE2  doub Y N 252 
PHE CD2 HD2  sing N N 253 
PHE CE1 CZ   doub Y N 254 
PHE CE1 HE1  sing N N 255 
PHE CE2 CZ   sing Y N 256 
PHE CE2 HE2  sing N N 257 
PHE CZ  HZ   sing N N 258 
PHE OXT HXT  sing N N 259 
PRO N   CA   sing N N 260 
PRO N   CD   sing N N 261 
PRO N   H    sing N N 262 
PRO CA  C    sing N N 263 
PRO CA  CB   sing N N 264 
PRO CA  HA   sing N N 265 
PRO C   O    doub N N 266 
PRO C   OXT  sing N N 267 
PRO CB  CG   sing N N 268 
PRO CB  HB2  sing N N 269 
PRO CB  HB3  sing N N 270 
PRO CG  CD   sing N N 271 
PRO CG  HG2  sing N N 272 
PRO CG  HG3  sing N N 273 
PRO CD  HD2  sing N N 274 
PRO CD  HD3  sing N N 275 
PRO OXT HXT  sing N N 276 
SER N   CA   sing N N 277 
SER N   H    sing N N 278 
SER N   H2   sing N N 279 
SER CA  C    sing N N 280 
SER CA  CB   sing N N 281 
SER CA  HA   sing N N 282 
SER C   O    doub N N 283 
SER C   OXT  sing N N 284 
SER CB  OG   sing N N 285 
SER CB  HB2  sing N N 286 
SER CB  HB3  sing N N 287 
SER OG  HG   sing N N 288 
SER OXT HXT  sing N N 289 
THR N   CA   sing N N 290 
THR N   H    sing N N 291 
THR N   H2   sing N N 292 
THR CA  C    sing N N 293 
THR CA  CB   sing N N 294 
THR CA  HA   sing N N 295 
THR C   O    doub N N 296 
THR C   OXT  sing N N 297 
THR CB  OG1  sing N N 298 
THR CB  CG2  sing N N 299 
THR CB  HB   sing N N 300 
THR OG1 HG1  sing N N 301 
THR CG2 HG21 sing N N 302 
THR CG2 HG22 sing N N 303 
THR CG2 HG23 sing N N 304 
THR OXT HXT  sing N N 305 
TRP N   CA   sing N N 306 
TRP N   H    sing N N 307 
TRP N   H2   sing N N 308 
TRP CA  C    sing N N 309 
TRP CA  CB   sing N N 310 
TRP CA  HA   sing N N 311 
TRP C   O    doub N N 312 
TRP C   OXT  sing N N 313 
TRP CB  CG   sing N N 314 
TRP CB  HB2  sing N N 315 
TRP CB  HB3  sing N N 316 
TRP CG  CD1  doub Y N 317 
TRP CG  CD2  sing Y N 318 
TRP CD1 NE1  sing Y N 319 
TRP CD1 HD1  sing N N 320 
TRP CD2 CE2  doub Y N 321 
TRP CD2 CE3  sing Y N 322 
TRP NE1 CE2  sing Y N 323 
TRP NE1 HE1  sing N N 324 
TRP CE2 CZ2  sing Y N 325 
TRP CE3 CZ3  doub Y N 326 
TRP CE3 HE3  sing N N 327 
TRP CZ2 CH2  doub Y N 328 
TRP CZ2 HZ2  sing N N 329 
TRP CZ3 CH2  sing Y N 330 
TRP CZ3 HZ3  sing N N 331 
TRP CH2 HH2  sing N N 332 
TRP OXT HXT  sing N N 333 
TYR N   CA   sing N N 334 
TYR N   H    sing N N 335 
TYR N   H2   sing N N 336 
TYR CA  C    sing N N 337 
TYR CA  CB   sing N N 338 
TYR CA  HA   sing N N 339 
TYR C   O    doub N N 340 
TYR C   OXT  sing N N 341 
TYR CB  CG   sing N N 342 
TYR CB  HB2  sing N N 343 
TYR CB  HB3  sing N N 344 
TYR CG  CD1  doub Y N 345 
TYR CG  CD2  sing Y N 346 
TYR CD1 CE1  sing Y N 347 
TYR CD1 HD1  sing N N 348 
TYR CD2 CE2  doub Y N 349 
TYR CD2 HD2  sing N N 350 
TYR CE1 CZ   doub Y N 351 
TYR CE1 HE1  sing N N 352 
TYR CE2 CZ   sing Y N 353 
TYR CE2 HE2  sing N N 354 
TYR CZ  OH   sing N N 355 
TYR OH  HH   sing N N 356 
TYR OXT HXT  sing N N 357 
VAL N   CA   sing N N 358 
VAL N   H    sing N N 359 
VAL N   H2   sing N N 360 
VAL CA  C    sing N N 361 
VAL CA  CB   sing N N 362 
VAL CA  HA   sing N N 363 
VAL C   O    doub N N 364 
VAL C   OXT  sing N N 365 
VAL CB  CG1  sing N N 366 
VAL CB  CG2  sing N N 367 
VAL CB  HB   sing N N 368 
VAL CG1 HG11 sing N N 369 
VAL CG1 HG12 sing N N 370 
VAL CG1 HG13 sing N N 371 
VAL CG2 HG21 sing N N 372 
VAL CG2 HG22 sing N N 373 
VAL CG2 HG23 sing N N 374 
VAL OXT HXT  sing N N 375 
# 
_pdbx_entity_nonpoly.entity_id   2 
_pdbx_entity_nonpoly.name        water 
_pdbx_entity_nonpoly.comp_id     HOH 
# 
_pdbx_initial_refinement_model.id               1 
_pdbx_initial_refinement_model.entity_id_list   ? 
_pdbx_initial_refinement_model.type             'experimental model' 
_pdbx_initial_refinement_model.source_name      PDB 
_pdbx_initial_refinement_model.accession_code   1Z2U 
_pdbx_initial_refinement_model.details          ? 
# 
